data_1BGG
#
_entry.id   1BGG
#
_cell.length_a   205.850
_cell.length_b   205.850
_cell.length_c   155.500
_cell.angle_alpha   90.00
_cell.angle_beta   90.00
_cell.angle_gamma   90.00
#
_symmetry.space_group_name_H-M   'P 42 21 2'
#
loop_
_entity.id
_entity.type
_entity.pdbx_description
1 polymer 'BETA-GLUCOSIDASE A'
2 non-polymer 'D-gluconic acid'
3 water water
#
_entity_poly.entity_id   1
_entity_poly.type   'polypeptide(L)'
_entity_poly.pdbx_seq_one_letter_code
;MTIFQFPQDFMWGTATAAYQIEGAYQEDGRGLSIWDTFAHTPGKVFNGDNGNVACDSYHRYEEDIRLMKELGIRTYRFSV
SWPRIFPNGDGEVNQEGLDYYHRVVDLLNDNGIEPFCTLYHWDLPQALQDAGGWGNRRTIQAFVQFAETMFREFHGKIQH
WLTFNEPWCIAFLSNMLGVHAPGLTNLQTAIDVGHHLLVAHGLSVRRFRELGTSGQIGIAPNVSWAVPYSTSEEDKAACA
RTISLHSDWFLQPIYQGSYPQFLVDWFAEQGATVPIQDGDMDIIGEPIDMIGINYYSMSVNRFNPEAGFLQSEEINMGLP
VTDIGWPVESRGLYEVLHYLQKYGNIDIYITENGACINDEVVNGKVQDDRRISYMQQHLVQVHRTIHDGLHVKGYMAWSL
LDNFEWAEGYNMRFGMIHVDFRTQVRTPKESYYWYRNVVSNNWLETRR
;
_entity_poly.pdbx_strand_id   A,B,C,D
#
# COMPACT_ATOMS: atom_id res chain seq x y z
N THR A 2 22.80 -30.05 9.77
CA THR A 2 22.22 -31.23 10.41
C THR A 2 20.71 -31.28 10.24
N ILE A 3 20.21 -32.47 9.94
CA ILE A 3 18.81 -32.72 9.77
C ILE A 3 18.28 -33.44 11.01
N PHE A 4 17.19 -32.92 11.56
CA PHE A 4 16.57 -33.45 12.75
C PHE A 4 15.15 -33.89 12.39
N GLN A 5 14.96 -35.19 12.23
CA GLN A 5 13.65 -35.76 11.90
C GLN A 5 12.85 -35.97 13.18
N PHE A 6 11.59 -35.55 13.18
CA PHE A 6 10.74 -35.72 14.36
C PHE A 6 9.82 -36.92 14.23
N PRO A 7 9.31 -37.43 15.38
CA PRO A 7 8.42 -38.59 15.33
C PRO A 7 7.15 -38.32 14.52
N GLN A 8 6.68 -39.35 13.84
CA GLN A 8 5.48 -39.31 13.02
C GLN A 8 4.30 -38.59 13.68
N ASP A 9 4.07 -38.89 14.94
CA ASP A 9 2.94 -38.30 15.65
C ASP A 9 3.27 -37.13 16.55
N PHE A 10 4.38 -36.48 16.31
CA PHE A 10 4.76 -35.33 17.13
C PHE A 10 3.69 -34.25 16.97
N MET A 11 3.27 -33.69 18.10
CA MET A 11 2.24 -32.68 18.10
C MET A 11 2.83 -31.26 18.06
N TRP A 12 2.65 -30.57 16.92
CA TRP A 12 3.14 -29.20 16.73
C TRP A 12 2.01 -28.22 17.00
N GLY A 13 2.32 -27.12 17.67
CA GLY A 13 1.30 -26.12 17.95
C GLY A 13 1.81 -24.73 18.30
N THR A 14 0.90 -23.87 18.73
CA THR A 14 1.22 -22.50 19.18
C THR A 14 0.31 -22.34 20.39
N ALA A 15 0.55 -21.30 21.18
CA ALA A 15 -0.23 -21.10 22.38
C ALA A 15 -0.54 -19.64 22.67
N THR A 16 -1.64 -19.42 23.38
CA THR A 16 -2.07 -18.10 23.82
C THR A 16 -2.72 -18.27 25.18
N ALA A 17 -3.16 -17.15 25.77
CA ALA A 17 -3.87 -17.17 27.04
C ALA A 17 -5.00 -16.15 26.85
N ALA A 18 -6.15 -16.42 27.45
CA ALA A 18 -7.33 -15.56 27.29
C ALA A 18 -7.17 -14.07 27.49
N TYR A 19 -6.72 -13.66 28.67
CA TYR A 19 -6.59 -12.25 28.98
C TYR A 19 -5.57 -11.53 28.11
N GLN A 20 -4.65 -12.29 27.53
CA GLN A 20 -3.63 -11.68 26.69
C GLN A 20 -4.07 -11.36 25.27
N ILE A 21 -5.08 -12.09 24.79
CA ILE A 21 -5.56 -11.91 23.42
C ILE A 21 -7.06 -11.58 23.20
N GLU A 22 -7.94 -12.04 24.08
CA GLU A 22 -9.38 -11.77 23.88
C GLU A 22 -9.68 -10.31 24.14
N GLY A 23 -10.31 -9.66 23.19
CA GLY A 23 -10.56 -8.26 23.42
C GLY A 23 -12.00 -7.88 23.64
N ALA A 24 -12.49 -8.06 24.86
CA ALA A 24 -13.89 -7.70 25.10
C ALA A 24 -14.10 -7.96 26.56
N TYR A 25 -13.30 -7.28 27.39
CA TYR A 25 -13.33 -7.49 28.84
C TYR A 25 -14.66 -7.28 29.58
N GLN A 26 -15.57 -6.50 29.00
CA GLN A 26 -16.86 -6.28 29.63
C GLN A 26 -17.99 -6.83 28.78
N GLU A 27 -17.64 -7.48 27.69
CA GLU A 27 -18.62 -8.00 26.77
C GLU A 27 -19.25 -9.31 27.18
N ASP A 28 -20.52 -9.47 26.81
CA ASP A 28 -21.29 -10.67 27.08
C ASP A 28 -21.27 -11.15 28.53
N GLY A 29 -21.41 -10.20 29.43
CA GLY A 29 -21.46 -10.50 30.86
C GLY A 29 -20.18 -10.91 31.56
N ARG A 30 -19.04 -10.78 30.90
CA ARG A 30 -17.77 -11.17 31.52
C ARG A 30 -17.57 -10.34 32.77
N GLY A 31 -17.16 -10.99 33.86
CA GLY A 31 -16.89 -10.29 35.08
C GLY A 31 -15.41 -9.92 35.10
N LEU A 32 -15.01 -9.08 36.04
CA LEU A 32 -13.62 -8.67 36.15
C LEU A 32 -12.75 -9.72 36.85
N SER A 33 -11.50 -9.84 36.39
CA SER A 33 -10.54 -10.77 36.98
C SER A 33 -9.53 -9.94 37.75
N ILE A 34 -8.70 -10.60 38.54
CA ILE A 34 -7.69 -9.90 39.30
C ILE A 34 -6.70 -9.19 38.38
N TRP A 35 -6.62 -9.64 37.14
CA TRP A 35 -5.73 -9.02 36.16
C TRP A 35 -6.29 -7.73 35.57
N ASP A 36 -7.61 -7.64 35.46
CA ASP A 36 -8.25 -6.41 34.96
C ASP A 36 -7.92 -5.38 36.03
N THR A 37 -8.20 -5.76 37.27
CA THR A 37 -7.97 -4.93 38.44
C THR A 37 -6.52 -4.46 38.53
N PHE A 38 -5.59 -5.41 38.38
CA PHE A 38 -4.17 -5.13 38.46
C PHE A 38 -3.73 -4.16 37.37
N ALA A 39 -4.12 -4.46 36.14
CA ALA A 39 -3.75 -3.62 34.99
C ALA A 39 -4.37 -2.24 35.07
N HIS A 40 -5.51 -2.12 35.76
CA HIS A 40 -6.20 -0.84 35.92
C HIS A 40 -5.62 -0.01 37.08
N THR A 41 -4.59 -0.52 37.74
CA THR A 41 -3.94 0.19 38.85
C THR A 41 -2.68 0.89 38.35
N PRO A 42 -2.55 2.21 38.57
CA PRO A 42 -1.36 2.94 38.14
C PRO A 42 -0.10 2.31 38.74
N GLY A 43 0.92 2.16 37.91
CA GLY A 43 2.17 1.60 38.38
C GLY A 43 2.35 0.09 38.34
N LYS A 44 1.29 -0.66 38.05
CA LYS A 44 1.40 -2.12 38.04
C LYS A 44 1.84 -2.71 36.72
N VAL A 45 1.40 -2.09 35.62
CA VAL A 45 1.74 -2.56 34.29
C VAL A 45 2.35 -1.42 33.48
N PHE A 46 3.39 -1.75 32.71
CA PHE A 46 4.07 -0.76 31.90
C PHE A 46 3.14 0.09 31.06
N ASN A 47 3.31 1.40 31.19
CA ASN A 47 2.55 2.37 30.40
C ASN A 47 1.04 2.35 30.68
N GLY A 48 0.62 1.66 31.73
CA GLY A 48 -0.80 1.60 32.03
C GLY A 48 -1.56 0.75 31.03
N ASP A 49 -0.84 -0.10 30.30
CA ASP A 49 -1.47 -0.98 29.34
C ASP A 49 -2.38 -1.96 30.08
N ASN A 50 -3.41 -2.47 29.39
CA ASN A 50 -4.32 -3.44 29.99
C ASN A 50 -4.89 -4.36 28.91
N GLY A 51 -5.60 -5.40 29.32
CA GLY A 51 -6.16 -6.31 28.35
C GLY A 51 -7.57 -5.98 27.91
N ASN A 52 -7.98 -4.71 28.05
CA ASN A 52 -9.34 -4.32 27.63
C ASN A 52 -9.66 -4.71 26.19
N VAL A 53 -8.71 -4.48 25.28
CA VAL A 53 -8.88 -4.80 23.85
C VAL A 53 -7.92 -5.91 23.39
N ALA A 54 -6.64 -5.80 23.78
CA ALA A 54 -5.63 -6.80 23.48
C ALA A 54 -5.87 -7.77 22.35
N CYS A 55 -5.53 -7.45 21.11
CA CYS A 55 -5.74 -8.43 19.99
C CYS A 55 -7.19 -8.65 19.54
N ASP A 56 -8.15 -8.37 20.42
CA ASP A 56 -9.56 -8.51 20.08
C ASP A 56 -9.91 -9.91 19.54
N SER A 57 -9.24 -10.93 20.05
CA SER A 57 -9.50 -12.29 19.59
C SER A 57 -10.88 -12.79 19.95
N TYR A 58 -11.58 -12.05 20.82
CA TYR A 58 -12.95 -12.42 21.17
C TYR A 58 -13.81 -12.27 19.89
N HIS A 59 -13.38 -11.37 19.02
CA HIS A 59 -14.07 -11.09 17.78
C HIS A 59 -13.33 -11.57 16.54
N ARG A 60 -12.01 -11.63 16.61
CA ARG A 60 -11.20 -12.00 15.46
C ARG A 60 -10.67 -13.42 15.40
N TYR A 61 -11.23 -14.31 16.25
CA TYR A 61 -10.79 -15.70 16.31
C TYR A 61 -10.86 -16.42 14.97
N GLU A 62 -11.85 -16.10 14.14
CA GLU A 62 -11.97 -16.78 12.86
C GLU A 62 -10.74 -16.54 12.00
N GLU A 63 -10.25 -15.32 12.01
CA GLU A 63 -9.07 -14.95 11.24
C GLU A 63 -7.85 -15.67 11.78
N ASP A 64 -7.69 -15.64 13.10
CA ASP A 64 -6.56 -16.29 13.78
C ASP A 64 -6.54 -17.77 13.44
N ILE A 65 -7.71 -18.39 13.52
CA ILE A 65 -7.82 -19.81 13.24
C ILE A 65 -7.47 -20.10 11.78
N ARG A 66 -7.84 -19.21 10.87
CA ARG A 66 -7.50 -19.42 9.47
C ARG A 66 -5.98 -19.38 9.33
N LEU A 67 -5.36 -18.41 10.01
CA LEU A 67 -3.91 -18.26 9.99
C LEU A 67 -3.20 -19.45 10.58
N MET A 68 -3.72 -20.02 11.67
CA MET A 68 -3.06 -21.19 12.24
C MET A 68 -3.33 -22.44 11.42
N LYS A 69 -4.40 -22.45 10.65
CA LYS A 69 -4.71 -23.57 9.78
C LYS A 69 -3.68 -23.57 8.64
N GLU A 70 -3.36 -22.37 8.15
CA GLU A 70 -2.39 -22.19 7.08
C GLU A 70 -0.97 -22.47 7.57
N LEU A 71 -0.80 -22.44 8.88
CA LEU A 71 0.49 -22.72 9.48
C LEU A 71 0.82 -24.21 9.44
N GLY A 72 -0.20 -25.06 9.28
CA GLY A 72 0.04 -26.50 9.22
C GLY A 72 0.14 -27.14 10.60
N ILE A 73 -0.27 -26.37 11.60
CA ILE A 73 -0.24 -26.79 13.00
C ILE A 73 -1.29 -27.89 13.34
N ARG A 74 -1.00 -28.73 14.32
CA ARG A 74 -1.94 -29.79 14.69
C ARG A 74 -2.73 -29.53 15.99
N THR A 75 -2.24 -28.62 16.82
CA THR A 75 -2.90 -28.31 18.06
C THR A 75 -2.81 -26.82 18.38
N TYR A 76 -3.77 -26.34 19.15
CA TYR A 76 -3.80 -24.95 19.55
C TYR A 76 -4.05 -24.88 21.05
N ARG A 77 -3.08 -24.36 21.80
CA ARG A 77 -3.28 -24.22 23.24
C ARG A 77 -3.82 -22.82 23.52
N PHE A 78 -4.91 -22.77 24.28
CA PHE A 78 -5.56 -21.52 24.65
C PHE A 78 -6.07 -21.71 26.06
N SER A 79 -6.45 -20.62 26.72
CA SER A 79 -6.99 -20.73 28.06
C SER A 79 -8.41 -20.21 28.08
N VAL A 80 -9.19 -20.64 29.08
CA VAL A 80 -10.58 -20.25 29.24
C VAL A 80 -10.69 -19.13 30.26
N SER A 81 -11.40 -18.06 29.92
CA SER A 81 -11.58 -16.96 30.87
C SER A 81 -12.63 -17.35 31.90
N TRP A 82 -12.18 -17.71 33.09
CA TRP A 82 -13.05 -18.08 34.20
C TRP A 82 -14.20 -17.06 34.40
N PRO A 83 -13.89 -15.75 34.52
CA PRO A 83 -14.98 -14.78 34.72
C PRO A 83 -15.97 -14.61 33.56
N ARG A 84 -15.77 -15.36 32.47
CA ARG A 84 -16.72 -15.30 31.35
C ARG A 84 -17.73 -16.41 31.58
N ILE A 85 -17.28 -17.46 32.27
CA ILE A 85 -18.12 -18.63 32.56
C ILE A 85 -18.88 -18.39 33.86
N PHE A 86 -18.17 -17.94 34.89
CA PHE A 86 -18.78 -17.63 36.17
C PHE A 86 -18.31 -16.23 36.53
N PRO A 87 -19.02 -15.21 36.05
CA PRO A 87 -18.72 -13.80 36.28
C PRO A 87 -18.40 -13.41 37.73
N ASN A 88 -18.83 -14.24 38.67
CA ASN A 88 -18.60 -14.02 40.10
C ASN A 88 -17.57 -15.03 40.63
N GLY A 89 -17.26 -16.04 39.81
CA GLY A 89 -16.32 -17.08 40.21
C GLY A 89 -17.11 -18.20 40.87
N ASP A 90 -17.88 -17.79 41.86
CA ASP A 90 -18.76 -18.65 42.63
C ASP A 90 -20.13 -18.12 42.22
N GLY A 91 -20.90 -18.89 41.46
CA GLY A 91 -22.21 -18.41 41.06
C GLY A 91 -22.98 -19.14 39.98
N GLU A 92 -23.75 -18.36 39.24
CA GLU A 92 -24.58 -18.83 38.14
C GLU A 92 -23.83 -18.78 36.80
N VAL A 93 -23.94 -19.85 36.02
CA VAL A 93 -23.24 -19.98 34.74
C VAL A 93 -23.67 -18.97 33.70
N ASN A 94 -22.70 -18.48 32.94
CA ASN A 94 -22.96 -17.50 31.87
C ASN A 94 -22.88 -18.26 30.55
N GLN A 95 -24.03 -18.61 30.01
CA GLN A 95 -24.08 -19.36 28.75
C GLN A 95 -23.37 -18.64 27.59
N GLU A 96 -23.41 -17.31 27.62
CA GLU A 96 -22.76 -16.52 26.57
C GLU A 96 -21.25 -16.79 26.56
N GLY A 97 -20.66 -16.90 27.75
CA GLY A 97 -19.24 -17.20 27.87
C GLY A 97 -18.93 -18.56 27.28
N LEU A 98 -19.76 -19.56 27.61
CA LEU A 98 -19.58 -20.91 27.08
C LEU A 98 -19.75 -20.91 25.58
N ASP A 99 -20.69 -20.13 25.08
CA ASP A 99 -20.93 -20.07 23.65
C ASP A 99 -19.69 -19.63 22.89
N TYR A 100 -18.97 -18.66 23.44
CA TYR A 100 -17.77 -18.17 22.79
C TYR A 100 -16.77 -19.30 22.55
N TYR A 101 -16.48 -20.06 23.60
CA TYR A 101 -15.55 -21.18 23.50
C TYR A 101 -16.07 -22.26 22.57
N HIS A 102 -17.38 -22.38 22.45
CA HIS A 102 -17.96 -23.37 21.54
C HIS A 102 -17.68 -22.96 20.10
N ARG A 103 -17.75 -21.65 19.84
CA ARG A 103 -17.48 -21.12 18.51
C ARG A 103 -16.03 -21.36 18.16
N VAL A 104 -15.15 -21.08 19.10
CA VAL A 104 -13.71 -21.27 18.93
C VAL A 104 -13.38 -22.76 18.73
N VAL A 105 -13.76 -23.58 19.70
CA VAL A 105 -13.50 -25.02 19.65
C VAL A 105 -14.09 -25.73 18.43
N ASP A 106 -15.29 -25.37 18.01
CA ASP A 106 -15.89 -26.03 16.86
C ASP A 106 -15.11 -25.70 15.61
N LEU A 107 -14.68 -24.45 15.51
CA LEU A 107 -13.90 -23.98 14.37
C LEU A 107 -12.56 -24.70 14.34
N LEU A 108 -11.93 -24.85 15.50
CA LEU A 108 -10.65 -25.56 15.59
C LEU A 108 -10.89 -26.96 15.08
N ASN A 109 -11.84 -27.65 15.68
CA ASN A 109 -12.15 -29.02 15.27
C ASN A 109 -12.54 -29.11 13.79
N ASP A 110 -13.26 -28.12 13.28
CA ASP A 110 -13.66 -28.11 11.88
C ASP A 110 -12.43 -28.05 11.01
N ASN A 111 -11.38 -27.44 11.54
CA ASN A 111 -10.13 -27.28 10.80
C ASN A 111 -9.06 -28.32 11.11
N GLY A 112 -9.44 -29.38 11.80
CA GLY A 112 -8.49 -30.44 12.13
C GLY A 112 -7.43 -30.05 13.14
N ILE A 113 -7.69 -28.98 13.89
CA ILE A 113 -6.75 -28.51 14.91
C ILE A 113 -7.26 -28.95 16.27
N GLU A 114 -6.49 -29.78 16.97
CA GLU A 114 -6.84 -30.28 18.30
C GLU A 114 -6.75 -29.24 19.42
N PRO A 115 -7.87 -28.91 20.08
CA PRO A 115 -7.83 -27.93 21.17
C PRO A 115 -7.00 -28.49 22.33
N PHE A 116 -6.19 -27.63 22.95
CA PHE A 116 -5.39 -28.03 24.10
C PHE A 116 -5.80 -26.95 25.08
N CYS A 117 -6.76 -27.29 25.94
CA CYS A 117 -7.35 -26.35 26.89
C CYS A 117 -6.71 -26.15 28.26
N THR A 118 -6.34 -24.90 28.54
CA THR A 118 -5.76 -24.52 29.81
C THR A 118 -6.92 -23.88 30.59
N LEU A 119 -7.37 -24.56 31.64
CA LEU A 119 -8.48 -24.07 32.45
C LEU A 119 -8.10 -22.80 33.18
N TYR A 120 -6.98 -22.83 33.90
CA TYR A 120 -6.57 -21.66 34.66
C TYR A 120 -5.31 -20.97 34.16
N HIS A 121 -5.50 -19.78 33.61
CA HIS A 121 -4.38 -19.01 33.16
C HIS A 121 -4.36 -17.61 33.76
N TRP A 122 -4.45 -17.59 35.09
CA TRP A 122 -4.32 -16.40 35.93
C TRP A 122 -5.48 -15.42 36.11
N ASP A 123 -6.55 -15.58 35.33
CA ASP A 123 -7.67 -14.65 35.45
C ASP A 123 -8.73 -15.03 36.49
N LEU A 124 -8.33 -15.05 37.75
CA LEU A 124 -9.24 -15.34 38.85
C LEU A 124 -10.27 -14.23 38.96
N PRO A 125 -11.57 -14.59 39.05
CA PRO A 125 -12.63 -13.58 39.18
C PRO A 125 -12.34 -12.71 40.41
N GLN A 126 -12.45 -11.40 40.24
CA GLN A 126 -12.17 -10.45 41.31
C GLN A 126 -12.97 -10.74 42.58
N ALA A 127 -14.21 -11.18 42.41
CA ALA A 127 -15.11 -11.50 43.52
C ALA A 127 -14.47 -12.50 44.50
N LEU A 128 -13.81 -13.52 43.94
CA LEU A 128 -13.16 -14.54 44.76
C LEU A 128 -11.94 -13.93 45.46
N GLN A 129 -11.23 -13.06 44.75
CA GLN A 129 -10.05 -12.42 45.33
C GLN A 129 -10.49 -11.60 46.52
N ASP A 130 -11.64 -10.95 46.40
CA ASP A 130 -12.19 -10.14 47.47
C ASP A 130 -12.39 -11.00 48.73
N ALA A 131 -12.71 -12.27 48.53
CA ALA A 131 -12.90 -13.19 49.66
C ALA A 131 -11.61 -13.86 50.09
N GLY A 132 -10.49 -13.43 49.53
CA GLY A 132 -9.21 -14.02 49.89
C GLY A 132 -8.52 -14.72 48.74
N GLY A 133 -9.23 -14.85 47.61
CA GLY A 133 -8.66 -15.50 46.46
C GLY A 133 -8.17 -16.90 46.77
N TRP A 134 -7.04 -17.28 46.19
CA TRP A 134 -6.47 -18.61 46.40
C TRP A 134 -6.00 -18.86 47.83
N GLY A 135 -6.00 -17.82 48.65
CA GLY A 135 -5.59 -17.98 50.03
C GLY A 135 -6.74 -18.58 50.83
N ASN A 136 -7.94 -18.58 50.23
CA ASN A 136 -9.17 -19.11 50.85
C ASN A 136 -9.58 -20.45 50.23
N ARG A 137 -9.68 -21.48 51.05
CA ARG A 137 -10.04 -22.80 50.53
C ARG A 137 -11.38 -22.84 49.80
N ARG A 138 -12.22 -21.85 50.00
CA ARG A 138 -13.49 -21.84 49.31
C ARG A 138 -13.27 -21.66 47.80
N THR A 139 -12.15 -21.05 47.45
CA THR A 139 -11.83 -20.82 46.05
C THR A 139 -11.55 -22.17 45.37
N ILE A 140 -11.08 -23.14 46.14
CA ILE A 140 -10.81 -24.47 45.60
C ILE A 140 -12.15 -25.01 45.06
N GLN A 141 -13.21 -24.85 45.85
CA GLN A 141 -14.55 -25.33 45.50
C GLN A 141 -15.08 -24.62 44.26
N ALA A 142 -14.86 -23.31 44.20
CA ALA A 142 -15.28 -22.53 43.05
C ALA A 142 -14.55 -23.03 41.80
N PHE A 143 -13.27 -23.35 41.94
CA PHE A 143 -12.51 -23.84 40.80
C PHE A 143 -13.01 -25.19 40.32
N VAL A 144 -13.27 -26.11 41.25
CA VAL A 144 -13.77 -27.42 40.86
C VAL A 144 -15.09 -27.30 40.09
N GLN A 145 -15.95 -26.36 40.50
CA GLN A 145 -17.22 -26.13 39.82
C GLN A 145 -16.94 -25.69 38.38
N PHE A 146 -16.03 -24.73 38.24
CA PHE A 146 -15.57 -24.21 36.94
C PHE A 146 -15.05 -25.35 36.05
N ALA A 147 -14.16 -26.17 36.61
CA ALA A 147 -13.59 -27.31 35.90
C ALA A 147 -14.67 -28.27 35.42
N GLU A 148 -15.58 -28.63 36.32
CA GLU A 148 -16.68 -29.54 36.02
C GLU A 148 -17.52 -29.03 34.86
N THR A 149 -17.86 -27.75 34.93
CA THR A 149 -18.68 -27.11 33.91
C THR A 149 -18.05 -27.27 32.54
N MET A 150 -16.75 -27.00 32.46
CA MET A 150 -16.00 -27.11 31.22
C MET A 150 -15.90 -28.55 30.77
N PHE A 151 -15.65 -29.46 31.71
CA PHE A 151 -15.53 -30.88 31.38
C PHE A 151 -16.84 -31.42 30.78
N ARG A 152 -17.96 -31.01 31.36
CA ARG A 152 -19.24 -31.47 30.89
C ARG A 152 -19.65 -30.77 29.60
N GLU A 153 -19.43 -29.47 29.52
CA GLU A 153 -19.79 -28.71 28.33
C GLU A 153 -18.99 -29.10 27.10
N PHE A 154 -17.69 -29.33 27.29
CA PHE A 154 -16.85 -29.65 26.15
C PHE A 154 -16.38 -31.09 26.07
N HIS A 155 -17.12 -31.96 26.74
CA HIS A 155 -16.77 -33.37 26.80
C HIS A 155 -16.10 -34.00 25.58
N GLY A 156 -16.78 -34.10 24.46
CA GLY A 156 -16.12 -34.74 23.33
C GLY A 156 -15.43 -33.84 22.32
N LYS A 157 -15.29 -32.56 22.66
CA LYS A 157 -14.69 -31.60 21.75
C LYS A 157 -13.24 -31.29 22.04
N ILE A 158 -12.82 -31.52 23.28
CA ILE A 158 -11.46 -31.27 23.73
C ILE A 158 -10.87 -32.56 24.25
N GLN A 159 -9.65 -32.91 23.85
CA GLN A 159 -9.00 -34.13 24.29
C GLN A 159 -7.74 -33.89 25.13
N HIS A 160 -7.34 -32.63 25.27
CA HIS A 160 -6.14 -32.31 26.04
C HIS A 160 -6.47 -31.18 26.99
N TRP A 161 -6.24 -31.40 28.28
CA TRP A 161 -6.58 -30.43 29.30
C TRP A 161 -5.46 -30.18 30.28
N LEU A 162 -5.33 -28.94 30.72
CA LEU A 162 -4.34 -28.56 31.70
C LEU A 162 -5.12 -27.79 32.76
N THR A 163 -4.93 -28.14 34.02
CA THR A 163 -5.62 -27.45 35.10
C THR A 163 -5.03 -26.06 35.30
N PHE A 164 -3.76 -26.01 35.67
CA PHE A 164 -3.07 -24.75 35.92
C PHE A 164 -1.87 -24.50 35.04
N ASN A 165 -1.66 -23.24 34.71
CA ASN A 165 -0.53 -22.83 33.91
C ASN A 165 0.39 -22.03 34.83
N GLU A 166 1.62 -22.50 34.97
CA GLU A 166 2.66 -21.86 35.78
C GLU A 166 2.32 -21.58 37.24
N PRO A 167 2.21 -22.65 38.04
CA PRO A 167 1.89 -22.50 39.47
C PRO A 167 2.88 -21.57 40.21
N TRP A 168 4.16 -21.58 39.80
CA TRP A 168 5.15 -20.71 40.43
C TRP A 168 4.77 -19.23 40.27
N CYS A 169 4.41 -18.84 39.05
CA CYS A 169 4.04 -17.45 38.78
C CYS A 169 2.75 -17.08 39.55
N ILE A 170 1.77 -17.97 39.55
CA ILE A 170 0.50 -17.76 40.25
C ILE A 170 0.71 -17.56 41.75
N ALA A 171 1.58 -18.37 42.34
CA ALA A 171 1.84 -18.31 43.78
C ALA A 171 2.93 -17.33 44.21
N PHE A 172 4.17 -17.61 43.82
CA PHE A 172 5.30 -16.77 44.23
C PHE A 172 5.48 -15.44 43.54
N LEU A 173 5.40 -15.40 42.21
CA LEU A 173 5.59 -14.14 41.49
C LEU A 173 4.47 -13.15 41.79
N SER A 174 3.27 -13.69 42.03
CA SER A 174 2.09 -12.89 42.30
C SER A 174 1.84 -12.54 43.76
N ASN A 175 2.20 -13.44 44.66
CA ASN A 175 1.96 -13.22 46.08
C ASN A 175 3.16 -13.01 46.99
N MET A 176 4.36 -13.26 46.47
CA MET A 176 5.58 -13.06 47.26
C MET A 176 6.35 -11.87 46.67
N LEU A 177 6.44 -11.85 45.35
CA LEU A 177 7.19 -10.80 44.65
C LEU A 177 6.31 -9.62 44.21
N GLY A 178 5.00 -9.79 44.24
CA GLY A 178 4.09 -8.73 43.88
C GLY A 178 4.13 -8.24 42.44
N VAL A 179 4.77 -8.98 41.55
CA VAL A 179 4.91 -8.56 40.15
C VAL A 179 3.66 -8.79 39.29
N HIS A 180 2.97 -9.89 39.58
CA HIS A 180 1.76 -10.25 38.85
C HIS A 180 0.54 -10.18 39.77
N ALA A 181 -0.66 -10.10 39.20
CA ALA A 181 -1.88 -10.04 40.01
C ALA A 181 -1.96 -11.27 40.90
N PRO A 182 -2.48 -11.12 42.14
CA PRO A 182 -2.97 -9.89 42.79
C PRO A 182 -1.95 -8.92 43.34
N GLY A 183 -0.67 -9.17 43.07
CA GLY A 183 0.39 -8.28 43.51
C GLY A 183 0.71 -8.19 44.99
N LEU A 184 0.65 -9.31 45.71
CA LEU A 184 0.96 -9.29 47.13
C LEU A 184 2.44 -9.65 47.36
N THR A 185 2.93 -9.41 48.56
CA THR A 185 4.33 -9.69 48.92
C THR A 185 4.38 -10.30 50.33
N ASN A 186 3.91 -11.54 50.45
CA ASN A 186 3.87 -12.23 51.72
C ASN A 186 4.11 -13.69 51.41
N LEU A 187 5.20 -14.21 51.96
CA LEU A 187 5.63 -15.60 51.74
C LEU A 187 4.54 -16.59 52.11
N GLN A 188 3.95 -16.38 53.29
CA GLN A 188 2.91 -17.28 53.77
C GLN A 188 1.73 -17.37 52.80
N THR A 189 1.25 -16.24 52.31
CA THR A 189 0.12 -16.27 51.38
C THR A 189 0.49 -16.93 50.07
N ALA A 190 1.75 -16.78 49.65
CA ALA A 190 2.25 -17.39 48.41
C ALA A 190 2.23 -18.90 48.57
N ILE A 191 2.65 -19.37 49.75
CA ILE A 191 2.65 -20.79 50.07
C ILE A 191 1.21 -21.30 50.16
N ASP A 192 0.31 -20.49 50.73
CA ASP A 192 -1.10 -20.87 50.88
C ASP A 192 -1.68 -21.03 49.48
N VAL A 193 -1.42 -20.03 48.62
CA VAL A 193 -1.90 -20.06 47.23
C VAL A 193 -1.39 -21.29 46.51
N GLY A 194 -0.10 -21.56 46.62
CA GLY A 194 0.47 -22.74 45.98
C GLY A 194 -0.16 -24.04 46.43
N HIS A 195 -0.43 -24.15 47.73
CA HIS A 195 -1.03 -25.36 48.27
C HIS A 195 -2.48 -25.52 47.84
N HIS A 196 -3.23 -24.43 47.88
CA HIS A 196 -4.63 -24.49 47.50
C HIS A 196 -4.84 -24.77 46.04
N LEU A 197 -3.97 -24.24 45.18
CA LEU A 197 -4.11 -24.53 43.76
C LEU A 197 -3.77 -26.02 43.50
N LEU A 198 -2.85 -26.59 44.29
CA LEU A 198 -2.52 -28.00 44.15
C LEU A 198 -3.72 -28.87 44.55
N VAL A 199 -4.43 -28.45 45.59
CA VAL A 199 -5.61 -29.19 46.03
C VAL A 199 -6.69 -29.07 44.95
N ALA A 200 -6.89 -27.87 44.42
CA ALA A 200 -7.88 -27.62 43.37
C ALA A 200 -7.55 -28.50 42.18
N HIS A 201 -6.26 -28.58 41.84
CA HIS A 201 -5.81 -29.43 40.73
C HIS A 201 -6.17 -30.91 40.96
N GLY A 202 -5.84 -31.43 42.14
CA GLY A 202 -6.12 -32.82 42.44
C GLY A 202 -7.59 -33.15 42.36
N LEU A 203 -8.42 -32.29 42.93
CA LEU A 203 -9.87 -32.47 42.90
C LEU A 203 -10.42 -32.43 41.47
N SER A 204 -9.92 -31.49 40.67
CA SER A 204 -10.38 -31.37 39.30
C SER A 204 -10.05 -32.63 38.46
N VAL A 205 -8.89 -33.23 38.71
CA VAL A 205 -8.50 -34.44 37.98
C VAL A 205 -9.47 -35.57 38.37
N ARG A 206 -9.81 -35.63 39.66
CA ARG A 206 -10.77 -36.61 40.18
C ARG A 206 -12.08 -36.46 39.43
N ARG A 207 -12.64 -35.25 39.41
CA ARG A 207 -13.88 -35.00 38.69
C ARG A 207 -13.76 -35.43 37.24
N PHE A 208 -12.62 -35.12 36.62
CA PHE A 208 -12.38 -35.47 35.23
C PHE A 208 -12.55 -36.96 35.05
N ARG A 209 -11.98 -37.72 35.98
CA ARG A 209 -12.04 -39.17 35.92
C ARG A 209 -13.46 -39.67 36.23
N GLU A 210 -14.09 -39.07 37.25
CA GLU A 210 -15.44 -39.46 37.65
C GLU A 210 -16.47 -39.16 36.54
N LEU A 211 -16.34 -38.03 35.88
CA LEU A 211 -17.26 -37.68 34.82
C LEU A 211 -17.00 -38.45 33.53
N GLY A 212 -15.87 -39.16 33.46
CA GLY A 212 -15.52 -39.90 32.26
C GLY A 212 -15.26 -38.97 31.09
N THR A 213 -14.74 -37.77 31.38
CA THR A 213 -14.46 -36.78 30.35
C THR A 213 -13.43 -37.27 29.31
N SER A 214 -13.52 -36.74 28.09
CA SER A 214 -12.63 -37.10 26.99
C SER A 214 -11.21 -36.58 27.14
N GLY A 215 -10.27 -37.38 26.67
CA GLY A 215 -8.87 -37.01 26.67
C GLY A 215 -8.00 -37.28 27.87
N GLN A 216 -6.93 -36.49 27.93
CA GLN A 216 -5.94 -36.60 28.98
C GLN A 216 -5.89 -35.27 29.72
N ILE A 217 -5.38 -35.30 30.94
CA ILE A 217 -5.32 -34.11 31.74
C ILE A 217 -4.02 -34.03 32.54
N GLY A 218 -3.47 -32.82 32.64
CA GLY A 218 -2.25 -32.60 33.36
C GLY A 218 -2.16 -31.17 33.89
N ILE A 219 -0.95 -30.75 34.24
CA ILE A 219 -0.72 -29.42 34.77
C ILE A 219 0.52 -28.89 34.02
N ALA A 220 0.65 -27.58 33.87
CA ALA A 220 1.76 -27.03 33.12
C ALA A 220 2.64 -26.05 33.87
N PRO A 221 3.59 -26.57 34.68
CA PRO A 221 4.47 -25.66 35.42
C PRO A 221 5.52 -24.97 34.53
N ASN A 222 5.92 -23.76 34.90
CA ASN A 222 6.99 -23.12 34.17
C ASN A 222 8.24 -23.72 34.81
N VAL A 223 9.20 -24.06 33.96
CA VAL A 223 10.41 -24.70 34.40
C VAL A 223 11.60 -23.74 34.52
N SER A 224 12.35 -23.93 35.60
CA SER A 224 13.51 -23.11 35.91
C SER A 224 14.75 -24.00 35.77
N TRP A 225 15.90 -23.41 35.43
CA TRP A 225 17.16 -24.16 35.32
C TRP A 225 18.32 -23.24 35.64
N ALA A 226 19.06 -23.61 36.67
CA ALA A 226 20.18 -22.82 37.14
C ALA A 226 21.38 -23.73 37.32
N VAL A 227 22.53 -23.24 36.92
CA VAL A 227 23.80 -23.95 37.00
C VAL A 227 24.70 -23.12 37.95
N PRO A 228 25.46 -23.78 38.84
CA PRO A 228 26.29 -22.99 39.77
C PRO A 228 27.54 -22.31 39.21
N TYR A 229 27.81 -21.10 39.70
CA TYR A 229 28.98 -20.34 39.29
C TYR A 229 30.26 -21.07 39.74
N SER A 230 30.33 -21.39 41.02
CA SER A 230 31.48 -22.11 41.52
C SER A 230 31.05 -23.51 41.87
N THR A 231 32.02 -24.34 42.23
CA THR A 231 31.76 -25.72 42.59
C THR A 231 31.39 -25.85 44.08
N SER A 232 31.13 -24.73 44.76
CA SER A 232 30.80 -24.76 46.18
C SER A 232 29.46 -25.39 46.49
N GLU A 233 29.35 -25.96 47.67
CA GLU A 233 28.12 -26.60 48.11
C GLU A 233 27.00 -25.56 48.23
N GLU A 234 27.36 -24.36 48.64
CA GLU A 234 26.38 -23.30 48.77
C GLU A 234 25.81 -22.83 47.43
N ASP A 235 26.64 -22.72 46.39
CA ASP A 235 26.15 -22.29 45.09
C ASP A 235 25.28 -23.40 44.55
N LYS A 236 25.67 -24.64 44.84
CA LYS A 236 24.94 -25.80 44.40
C LYS A 236 23.53 -25.80 45.04
N ALA A 237 23.49 -25.46 46.33
CA ALA A 237 22.23 -25.39 47.08
C ALA A 237 21.35 -24.27 46.55
N ALA A 238 21.97 -23.12 46.27
CA ALA A 238 21.25 -21.96 45.75
C ALA A 238 20.55 -22.33 44.44
N CYS A 239 21.21 -23.12 43.60
CA CYS A 239 20.63 -23.56 42.33
C CYS A 239 19.51 -24.58 42.56
N ALA A 240 19.67 -25.43 43.57
CA ALA A 240 18.65 -26.43 43.87
C ALA A 240 17.37 -25.71 44.30
N ARG A 241 17.50 -24.67 45.10
CA ARG A 241 16.35 -23.89 45.55
C ARG A 241 15.62 -23.24 44.37
N THR A 242 16.39 -22.61 43.50
CA THR A 242 15.88 -21.94 42.31
C THR A 242 15.13 -22.91 41.40
N ILE A 243 15.75 -24.06 41.15
CA ILE A 243 15.18 -25.08 40.29
C ILE A 243 13.93 -25.69 40.92
N SER A 244 14.09 -26.16 42.15
CA SER A 244 13.03 -26.82 42.89
C SER A 244 11.76 -26.05 43.20
N LEU A 245 11.86 -24.74 43.42
CA LEU A 245 10.64 -23.98 43.71
C LEU A 245 9.68 -23.89 42.52
N HIS A 246 10.25 -23.81 41.33
CA HIS A 246 9.44 -23.73 40.11
C HIS A 246 8.77 -25.05 39.76
N SER A 247 9.54 -26.13 39.82
CA SER A 247 9.01 -27.43 39.46
C SER A 247 8.73 -28.40 40.60
N ASP A 248 9.77 -28.86 41.29
CA ASP A 248 9.62 -29.82 42.39
C ASP A 248 8.61 -29.43 43.45
N TRP A 249 8.51 -28.14 43.72
CA TRP A 249 7.57 -27.71 44.72
C TRP A 249 6.15 -28.11 44.38
N PHE A 250 5.84 -28.18 43.09
CA PHE A 250 4.52 -28.56 42.64
C PHE A 250 4.48 -30.01 42.13
N LEU A 251 5.57 -30.49 41.57
CA LEU A 251 5.61 -31.84 41.04
C LEU A 251 5.85 -32.94 42.07
N GLN A 252 6.56 -32.64 43.14
CA GLN A 252 6.81 -33.67 44.14
C GLN A 252 5.51 -34.05 44.86
N PRO A 253 4.66 -33.07 45.21
CA PRO A 253 3.40 -33.43 45.88
C PRO A 253 2.56 -34.28 44.93
N ILE A 254 2.55 -33.88 43.66
CA ILE A 254 1.77 -34.57 42.65
C ILE A 254 2.24 -35.98 42.38
N TYR A 255 3.54 -36.16 42.19
CA TYR A 255 4.10 -37.47 41.87
C TYR A 255 4.60 -38.28 43.05
N GLN A 256 5.02 -37.63 44.11
CA GLN A 256 5.56 -38.38 45.23
C GLN A 256 4.88 -38.19 46.56
N GLY A 257 3.84 -37.36 46.59
CA GLY A 257 3.10 -37.15 47.80
C GLY A 257 3.72 -36.29 48.89
N SER A 258 4.66 -35.42 48.55
CA SER A 258 5.28 -34.56 49.55
C SER A 258 5.94 -33.34 48.94
N TYR A 259 6.13 -32.30 49.74
CA TYR A 259 6.80 -31.09 49.28
C TYR A 259 8.30 -31.32 49.51
N PRO A 260 9.16 -30.67 48.70
CA PRO A 260 10.61 -30.82 48.86
C PRO A 260 11.00 -30.40 50.26
N GLN A 261 11.42 -31.37 51.06
CA GLN A 261 11.79 -31.09 52.44
C GLN A 261 12.75 -29.92 52.66
N PHE A 262 13.80 -29.84 51.85
CA PHE A 262 14.76 -28.76 52.02
C PHE A 262 14.11 -27.39 51.83
N LEU A 263 13.09 -27.32 50.99
CA LEU A 263 12.41 -26.05 50.77
C LEU A 263 11.40 -25.82 51.90
N VAL A 264 10.87 -26.92 52.43
CA VAL A 264 9.94 -26.83 53.55
C VAL A 264 10.75 -26.23 54.72
N ASP A 265 11.96 -26.75 54.90
CA ASP A 265 12.84 -26.28 55.97
C ASP A 265 13.24 -24.82 55.77
N TRP A 266 13.56 -24.49 54.52
CA TRP A 266 13.97 -23.14 54.16
C TRP A 266 12.90 -22.12 54.54
N PHE A 267 11.66 -22.37 54.12
CA PHE A 267 10.54 -21.49 54.40
C PHE A 267 10.22 -21.47 55.89
N ALA A 268 10.39 -22.60 56.53
CA ALA A 268 10.15 -22.68 57.97
C ALA A 268 11.11 -21.70 58.65
N GLU A 269 12.34 -21.62 58.16
CA GLU A 269 13.34 -20.71 58.71
C GLU A 269 12.84 -19.29 58.60
N GLN A 270 12.01 -19.05 57.59
CA GLN A 270 11.45 -17.72 57.36
C GLN A 270 10.08 -17.54 57.99
N GLY A 271 9.71 -18.49 58.83
CA GLY A 271 8.43 -18.43 59.54
C GLY A 271 7.17 -18.79 58.77
N ALA A 272 7.31 -19.49 57.64
CA ALA A 272 6.15 -19.85 56.87
C ALA A 272 6.02 -21.37 56.84
N THR A 273 4.79 -21.86 56.91
CA THR A 273 4.53 -23.29 56.89
C THR A 273 3.37 -23.58 55.96
N VAL A 274 3.41 -24.73 55.30
CA VAL A 274 2.35 -25.10 54.37
C VAL A 274 1.10 -25.52 55.17
N PRO A 275 -0.06 -24.95 54.80
CA PRO A 275 -1.32 -25.27 55.49
C PRO A 275 -1.90 -26.61 55.03
N ILE A 276 -1.18 -27.68 55.32
CA ILE A 276 -1.62 -29.02 54.92
C ILE A 276 -2.65 -29.62 55.88
N GLN A 277 -3.82 -29.95 55.35
CA GLN A 277 -4.87 -30.58 56.13
C GLN A 277 -4.81 -32.06 55.81
N ASP A 278 -5.36 -32.88 56.69
CA ASP A 278 -5.37 -34.32 56.46
C ASP A 278 -6.05 -34.63 55.13
N GLY A 279 -5.41 -35.53 54.37
CA GLY A 279 -5.80 -36.01 53.03
C GLY A 279 -5.56 -35.05 51.90
N ASP A 280 -5.00 -33.88 52.21
CA ASP A 280 -4.69 -32.91 51.16
C ASP A 280 -3.65 -33.55 50.24
N MET A 281 -2.59 -34.10 50.82
CA MET A 281 -1.55 -34.74 50.02
C MET A 281 -2.04 -35.90 49.17
N ASP A 282 -3.02 -36.66 49.67
CA ASP A 282 -3.58 -37.77 48.93
C ASP A 282 -4.39 -37.25 47.74
N ILE A 283 -5.09 -36.15 47.95
CA ILE A 283 -5.88 -35.55 46.88
C ILE A 283 -4.94 -35.03 45.78
N ILE A 284 -3.88 -34.35 46.21
CA ILE A 284 -2.88 -33.78 45.29
C ILE A 284 -2.18 -34.86 44.48
N GLY A 285 -1.99 -36.04 45.08
CA GLY A 285 -1.34 -37.12 44.38
C GLY A 285 -2.15 -37.84 43.31
N GLU A 286 -3.31 -37.28 42.96
CA GLU A 286 -4.17 -37.88 41.94
C GLU A 286 -3.36 -38.07 40.65
N PRO A 287 -3.32 -39.32 40.12
CA PRO A 287 -2.59 -39.65 38.89
C PRO A 287 -2.94 -38.75 37.71
N ILE A 288 -1.92 -38.20 37.04
CA ILE A 288 -2.16 -37.35 35.87
C ILE A 288 -1.57 -37.98 34.61
N ASP A 289 -2.13 -37.60 33.47
CA ASP A 289 -1.73 -38.18 32.19
C ASP A 289 -0.46 -37.67 31.59
N MET A 290 -0.13 -36.41 31.88
CA MET A 290 1.07 -35.79 31.36
C MET A 290 1.26 -34.45 32.01
N ILE A 291 2.33 -33.76 31.65
CA ILE A 291 2.55 -32.40 32.14
C ILE A 291 2.99 -31.54 30.97
N GLY A 292 2.72 -30.26 31.10
CA GLY A 292 3.16 -29.31 30.11
C GLY A 292 4.37 -28.69 30.79
N ILE A 293 5.37 -28.31 30.01
CA ILE A 293 6.58 -27.68 30.52
C ILE A 293 6.79 -26.35 29.79
N ASN A 294 6.92 -25.24 30.53
CA ASN A 294 7.15 -23.93 29.92
C ASN A 294 8.60 -23.55 30.13
N TYR A 295 9.35 -23.39 29.05
CA TYR A 295 10.76 -23.07 29.14
C TYR A 295 11.16 -21.90 28.26
N TYR A 296 11.98 -21.01 28.82
CA TYR A 296 12.44 -19.84 28.08
C TYR A 296 13.92 -19.56 28.19
N SER A 297 14.44 -19.66 29.41
CA SER A 297 15.82 -19.34 29.65
C SER A 297 16.44 -20.25 30.70
N MET A 298 17.73 -20.00 30.93
CA MET A 298 18.56 -20.77 31.85
C MET A 298 19.50 -19.75 32.50
N SER A 299 19.96 -20.02 33.71
CA SER A 299 20.87 -19.09 34.36
C SER A 299 22.04 -19.76 35.10
N VAL A 300 23.03 -18.95 35.48
CA VAL A 300 24.18 -19.39 36.24
C VAL A 300 24.01 -18.60 37.54
N ASN A 301 23.85 -19.31 38.64
CA ASN A 301 23.62 -18.68 39.93
C ASN A 301 24.70 -18.94 40.98
N ARG A 302 24.67 -18.13 42.01
CA ARG A 302 25.57 -18.30 43.14
C ARG A 302 24.82 -17.93 44.41
N PHE A 303 25.25 -18.47 45.54
CA PHE A 303 24.62 -18.14 46.80
C PHE A 303 24.89 -16.69 47.15
N ASN A 304 23.86 -15.99 47.59
CA ASN A 304 24.01 -14.61 48.02
C ASN A 304 22.88 -14.34 49.01
N PRO A 305 23.22 -14.11 50.28
CA PRO A 305 22.26 -13.85 51.36
C PRO A 305 21.36 -12.67 51.12
N GLU A 306 21.79 -11.76 50.26
CA GLU A 306 20.99 -10.58 49.95
C GLU A 306 20.18 -10.78 48.68
N ALA A 307 20.35 -11.93 48.03
CA ALA A 307 19.66 -12.21 46.78
C ALA A 307 18.23 -12.76 46.86
N GLY A 308 17.35 -12.00 47.50
CA GLY A 308 15.96 -12.43 47.58
C GLY A 308 15.66 -13.52 48.57
N PHE A 309 14.41 -13.97 48.59
CA PHE A 309 13.98 -15.00 49.52
C PHE A 309 14.66 -16.35 49.36
N LEU A 310 15.23 -16.62 48.18
CA LEU A 310 15.93 -17.89 47.96
C LEU A 310 17.44 -17.72 48.05
N GLN A 311 17.89 -16.47 48.24
CA GLN A 311 19.32 -16.17 48.37
C GLN A 311 20.14 -16.85 47.27
N SER A 312 19.66 -16.65 46.05
CA SER A 312 20.25 -17.22 44.85
C SER A 312 20.37 -16.07 43.86
N GLU A 313 21.61 -15.69 43.56
CA GLU A 313 21.90 -14.61 42.65
C GLU A 313 22.26 -15.09 41.26
N GLU A 314 21.65 -14.47 40.26
CA GLU A 314 21.91 -14.82 38.88
C GLU A 314 23.08 -13.96 38.38
N ILE A 315 24.07 -14.61 37.78
CA ILE A 315 25.23 -13.91 37.27
C ILE A 315 24.99 -13.52 35.81
N ASN A 316 25.34 -12.29 35.45
CA ASN A 316 25.23 -11.85 34.07
C ASN A 316 26.52 -12.34 33.41
N MET A 317 26.43 -13.45 32.70
CA MET A 317 27.57 -14.10 32.03
C MET A 317 27.99 -13.47 30.70
N GLY A 318 27.35 -12.38 30.33
CA GLY A 318 27.68 -11.71 29.07
C GLY A 318 27.00 -12.29 27.85
N LEU A 319 26.18 -13.32 28.01
CA LEU A 319 25.48 -13.93 26.87
C LEU A 319 24.49 -12.99 26.24
N PRO A 320 24.28 -13.11 24.92
CA PRO A 320 23.32 -12.27 24.19
C PRO A 320 21.93 -12.54 24.76
N VAL A 321 21.09 -11.50 24.75
CA VAL A 321 19.76 -11.61 25.28
C VAL A 321 18.68 -11.25 24.28
N THR A 322 17.45 -11.69 24.57
CA THR A 322 16.29 -11.37 23.75
C THR A 322 15.91 -9.94 24.10
N ASP A 323 14.90 -9.40 23.43
CA ASP A 323 14.48 -8.04 23.67
C ASP A 323 13.86 -7.75 25.02
N ILE A 324 13.54 -8.80 25.78
CA ILE A 324 12.98 -8.63 27.12
C ILE A 324 14.13 -8.80 28.13
N GLY A 325 15.32 -9.10 27.61
CA GLY A 325 16.50 -9.23 28.44
C GLY A 325 16.88 -10.62 28.90
N TRP A 326 16.27 -11.65 28.35
CA TRP A 326 16.60 -13.01 28.77
C TRP A 326 17.69 -13.59 27.90
N PRO A 327 18.72 -14.20 28.51
CA PRO A 327 19.80 -14.78 27.71
C PRO A 327 19.28 -16.05 27.04
N VAL A 328 19.74 -16.34 25.83
CA VAL A 328 19.30 -17.56 25.19
C VAL A 328 20.41 -18.62 25.37
N GLU A 329 20.01 -19.78 25.90
CA GLU A 329 20.90 -20.90 26.14
C GLU A 329 19.97 -22.10 26.19
N SER A 330 19.77 -22.71 25.03
CA SER A 330 18.85 -23.82 24.86
C SER A 330 19.16 -25.13 25.60
N ARG A 331 20.44 -25.37 25.92
CA ARG A 331 20.84 -26.58 26.64
C ARG A 331 20.00 -26.73 27.90
N GLY A 332 19.57 -25.62 28.48
CA GLY A 332 18.76 -25.65 29.68
C GLY A 332 17.52 -26.50 29.50
N LEU A 333 16.94 -26.51 28.30
CA LEU A 333 15.75 -27.33 28.03
C LEU A 333 16.12 -28.81 28.10
N TYR A 334 17.23 -29.19 27.46
CA TYR A 334 17.73 -30.56 27.48
C TYR A 334 17.94 -30.99 28.95
N GLU A 335 18.60 -30.13 29.72
CA GLU A 335 18.88 -30.38 31.13
C GLU A 335 17.65 -30.61 32.00
N VAL A 336 16.65 -29.72 31.99
CA VAL A 336 15.44 -29.92 32.81
C VAL A 336 14.68 -31.15 32.40
N LEU A 337 14.58 -31.40 31.11
CA LEU A 337 13.86 -32.59 30.65
C LEU A 337 14.48 -33.84 31.25
N HIS A 338 15.80 -33.90 31.27
CA HIS A 338 16.48 -35.05 31.86
C HIS A 338 16.34 -35.03 33.38
N TYR A 339 16.34 -33.84 33.95
CA TYR A 339 16.19 -33.68 35.38
C TYR A 339 14.81 -34.18 35.85
N LEU A 340 13.78 -33.89 35.05
CA LEU A 340 12.41 -34.27 35.37
C LEU A 340 12.19 -35.77 35.33
N GLN A 341 13.18 -36.51 34.84
CA GLN A 341 13.07 -37.97 34.76
C GLN A 341 13.02 -38.59 36.15
N LYS A 342 13.24 -37.77 37.17
CA LYS A 342 13.18 -38.22 38.55
C LYS A 342 11.76 -38.65 38.88
N TYR A 343 10.79 -38.20 38.08
CA TYR A 343 9.36 -38.55 38.26
C TYR A 343 8.94 -39.66 37.33
N GLY A 344 9.90 -40.23 36.62
CA GLY A 344 9.60 -41.29 35.69
C GLY A 344 9.65 -40.68 34.30
N ASN A 345 9.58 -41.53 33.29
CA ASN A 345 9.62 -41.07 31.92
C ASN A 345 8.19 -40.76 31.56
N ILE A 346 7.69 -39.70 32.18
CA ILE A 346 6.33 -39.22 31.97
C ILE A 346 6.16 -38.53 30.62
N ASP A 347 4.91 -38.38 30.19
CA ASP A 347 4.63 -37.68 28.94
C ASP A 347 4.77 -36.20 29.19
N ILE A 348 5.55 -35.53 28.34
CA ILE A 348 5.79 -34.11 28.47
C ILE A 348 5.54 -33.38 27.17
N TYR A 349 4.85 -32.26 27.26
CA TYR A 349 4.59 -31.41 26.12
C TYR A 349 5.26 -30.08 26.45
N ILE A 350 5.99 -29.51 25.50
CA ILE A 350 6.61 -28.22 25.75
C ILE A 350 5.45 -27.31 25.40
N THR A 351 4.65 -26.96 26.40
CA THR A 351 3.46 -26.12 26.19
C THR A 351 3.78 -24.64 25.91
N GLU A 352 5.01 -24.24 26.15
CA GLU A 352 5.46 -22.87 25.86
C GLU A 352 6.96 -22.78 25.66
N ASN A 353 7.37 -22.08 24.62
CA ASN A 353 8.78 -21.81 24.33
C ASN A 353 8.79 -20.75 23.25
N GLY A 354 9.44 -19.63 23.53
CA GLY A 354 9.49 -18.54 22.57
C GLY A 354 10.45 -17.45 23.00
N ALA A 355 10.50 -16.37 22.23
CA ALA A 355 11.41 -15.29 22.53
C ALA A 355 10.82 -13.93 22.27
N CYS A 356 11.19 -12.97 23.10
CA CYS A 356 10.72 -11.62 22.88
C CYS A 356 11.66 -10.99 21.84
N ILE A 357 11.15 -10.76 20.64
CA ILE A 357 11.94 -10.14 19.56
C ILE A 357 10.96 -9.10 19.04
N ASN A 358 11.28 -7.84 19.25
CA ASN A 358 10.39 -6.74 18.88
C ASN A 358 10.37 -6.18 17.46
N ASP A 359 10.89 -6.94 16.50
CA ASP A 359 10.89 -6.49 15.11
C ASP A 359 9.46 -6.15 14.67
N GLU A 360 9.35 -5.10 13.88
CA GLU A 360 8.07 -4.61 13.37
C GLU A 360 7.97 -4.85 11.87
N VAL A 361 6.84 -4.45 11.30
CA VAL A 361 6.60 -4.59 9.87
C VAL A 361 7.41 -3.55 9.09
N VAL A 362 8.28 -4.01 8.21
CA VAL A 362 9.10 -3.15 7.37
C VAL A 362 9.04 -3.77 5.97
N ASN A 363 8.64 -3.00 4.96
CA ASN A 363 8.57 -3.54 3.60
C ASN A 363 7.55 -4.69 3.56
N GLY A 364 6.50 -4.55 4.35
CA GLY A 364 5.46 -5.56 4.38
C GLY A 364 5.77 -6.88 5.07
N LYS A 365 6.93 -6.97 5.71
CA LYS A 365 7.28 -8.20 6.41
C LYS A 365 7.94 -7.92 7.75
N VAL A 366 8.04 -8.96 8.56
CA VAL A 366 8.66 -8.84 9.87
C VAL A 366 9.84 -9.81 9.82
N GLN A 367 11.03 -9.25 9.68
CA GLN A 367 12.24 -10.02 9.54
C GLN A 367 12.80 -10.47 10.89
N ASP A 368 12.03 -11.27 11.60
CA ASP A 368 12.45 -11.73 12.91
C ASP A 368 13.39 -12.95 12.89
N ASP A 369 14.58 -12.75 12.32
CA ASP A 369 15.59 -13.80 12.20
C ASP A 369 16.03 -14.33 13.55
N ARG A 370 16.01 -13.47 14.57
CA ARG A 370 16.39 -13.89 15.90
C ARG A 370 15.39 -14.84 16.55
N ARG A 371 14.12 -14.78 16.16
CA ARG A 371 13.14 -15.70 16.73
C ARG A 371 13.32 -17.05 16.04
N ILE A 372 13.61 -17.03 14.75
CA ILE A 372 13.85 -18.26 14.01
C ILE A 372 15.08 -18.94 14.63
N SER A 373 16.09 -18.12 14.92
CA SER A 373 17.33 -18.60 15.52
C SER A 373 17.05 -19.24 16.87
N TYR A 374 16.33 -18.52 17.72
CA TYR A 374 15.98 -19.04 19.04
C TYR A 374 15.22 -20.38 18.95
N MET A 375 14.17 -20.40 18.16
CA MET A 375 13.34 -21.60 18.01
C MET A 375 14.12 -22.82 17.51
N GLN A 376 14.94 -22.57 16.50
CA GLN A 376 15.77 -23.57 15.88
C GLN A 376 16.67 -24.27 16.92
N GLN A 377 17.29 -23.47 17.79
CA GLN A 377 18.16 -24.00 18.83
C GLN A 377 17.40 -24.84 19.85
N HIS A 378 16.20 -24.39 20.19
CA HIS A 378 15.40 -25.12 21.17
C HIS A 378 14.78 -26.38 20.61
N LEU A 379 14.41 -26.36 19.34
CA LEU A 379 13.82 -27.54 18.69
C LEU A 379 14.88 -28.63 18.54
N VAL A 380 16.15 -28.23 18.44
CA VAL A 380 17.24 -29.20 18.35
C VAL A 380 17.26 -29.95 19.68
N GLN A 381 17.16 -29.20 20.79
CA GLN A 381 17.15 -29.83 22.10
C GLN A 381 15.96 -30.79 22.26
N VAL A 382 14.80 -30.42 21.72
CA VAL A 382 13.61 -31.27 21.79
C VAL A 382 13.89 -32.61 21.09
N HIS A 383 14.41 -32.54 19.88
CA HIS A 383 14.79 -33.73 19.10
C HIS A 383 15.78 -34.57 19.90
N ARG A 384 16.76 -33.88 20.47
CA ARG A 384 17.81 -34.49 21.26
C ARG A 384 17.25 -35.32 22.40
N THR A 385 16.25 -34.80 23.14
CA THR A 385 15.66 -35.54 24.26
C THR A 385 14.86 -36.74 23.77
N ILE A 386 14.17 -36.58 22.64
CA ILE A 386 13.39 -37.65 22.03
C ILE A 386 14.36 -38.76 21.63
N HIS A 387 15.48 -38.37 21.04
CA HIS A 387 16.52 -39.29 20.62
C HIS A 387 17.14 -40.00 21.85
N ASP A 388 17.02 -39.39 23.02
CA ASP A 388 17.49 -39.98 24.27
C ASP A 388 16.42 -40.86 24.90
N GLY A 389 15.29 -41.01 24.22
CA GLY A 389 14.21 -41.86 24.72
C GLY A 389 13.18 -41.21 25.65
N LEU A 390 13.27 -39.92 25.86
CA LEU A 390 12.31 -39.25 26.73
C LEU A 390 11.01 -39.05 25.96
N HIS A 391 9.90 -39.20 26.65
CA HIS A 391 8.59 -39.06 26.03
C HIS A 391 8.09 -37.62 25.87
N VAL A 392 8.83 -36.83 25.07
CA VAL A 392 8.44 -35.44 24.81
C VAL A 392 7.52 -35.57 23.60
N LYS A 393 6.24 -35.30 23.84
CA LYS A 393 5.17 -35.49 22.87
C LYS A 393 4.82 -34.35 21.91
N GLY A 394 5.19 -33.13 22.26
CA GLY A 394 4.86 -32.02 21.39
C GLY A 394 5.52 -30.72 21.77
N TYR A 395 5.31 -29.71 20.94
CA TYR A 395 5.89 -28.39 21.15
C TYR A 395 4.92 -27.31 20.69
N MET A 396 4.73 -26.30 21.55
CA MET A 396 3.84 -25.19 21.28
C MET A 396 4.62 -23.90 21.40
N ALA A 397 4.75 -23.21 20.27
CA ALA A 397 5.48 -21.95 20.20
C ALA A 397 4.77 -20.90 21.05
N TRP A 398 5.47 -20.29 22.01
CA TRP A 398 4.78 -19.30 22.79
C TRP A 398 4.52 -18.09 21.96
N SER A 399 3.24 -18.05 21.67
CA SER A 399 2.50 -17.09 20.94
C SER A 399 2.34 -16.98 19.46
N LEU A 400 1.11 -17.31 19.12
CA LEU A 400 0.62 -17.26 17.78
C LEU A 400 0.67 -15.79 17.43
N LEU A 401 0.30 -14.96 18.40
CA LEU A 401 0.19 -13.53 18.21
C LEU A 401 0.91 -12.69 19.23
N ASP A 402 1.34 -11.50 18.81
CA ASP A 402 1.94 -10.54 19.73
C ASP A 402 0.76 -10.23 20.63
N ASN A 403 0.98 -10.10 21.94
CA ASN A 403 -0.15 -9.84 22.81
C ASN A 403 0.17 -9.01 24.02
N PHE A 404 -0.79 -8.90 24.95
CA PHE A 404 -0.61 -8.17 26.19
C PHE A 404 0.29 -9.05 27.06
N GLU A 405 1.56 -8.69 27.17
CA GLU A 405 2.49 -9.49 27.97
C GLU A 405 2.64 -9.12 29.45
N TRP A 406 1.58 -9.33 30.22
CA TRP A 406 1.56 -9.09 31.67
C TRP A 406 2.64 -8.18 32.24
N ALA A 407 2.29 -7.04 32.81
CA ALA A 407 3.30 -6.16 33.43
C ALA A 407 4.22 -5.48 32.44
N GLU A 408 4.54 -6.15 31.33
CA GLU A 408 5.36 -5.55 30.28
C GLU A 408 4.45 -4.79 29.32
N GLY A 409 3.16 -5.14 29.32
CA GLY A 409 2.20 -4.50 28.43
C GLY A 409 2.38 -5.02 27.01
N TYR A 410 2.11 -4.18 26.02
CA TYR A 410 2.25 -4.60 24.61
C TYR A 410 3.64 -4.33 24.07
N ASN A 411 4.49 -3.81 24.93
CA ASN A 411 5.87 -3.46 24.63
C ASN A 411 6.78 -4.64 24.25
N MET A 412 6.47 -5.83 24.77
CA MET A 412 7.29 -7.00 24.51
C MET A 412 6.59 -8.04 23.62
N ARG A 413 7.02 -8.13 22.36
CA ARG A 413 6.43 -9.05 21.37
C ARG A 413 7.01 -10.46 21.32
N PHE A 414 6.14 -11.46 21.53
CA PHE A 414 6.52 -12.87 21.51
C PHE A 414 5.90 -13.63 20.36
N GLY A 415 5.08 -12.96 19.58
CA GLY A 415 4.38 -13.66 18.52
C GLY A 415 5.06 -14.05 17.23
N MET A 416 4.48 -15.04 16.57
CA MET A 416 4.97 -15.46 15.27
C MET A 416 4.15 -14.70 14.22
N ILE A 417 3.06 -14.08 14.69
CA ILE A 417 2.21 -13.26 13.85
C ILE A 417 2.16 -11.89 14.52
N HIS A 418 2.58 -10.87 13.78
CA HIS A 418 2.62 -9.51 14.29
C HIS A 418 1.22 -8.96 14.34
N VAL A 419 0.91 -8.22 15.39
CA VAL A 419 -0.40 -7.59 15.54
C VAL A 419 -0.16 -6.09 15.75
N ASP A 420 -0.71 -5.27 14.84
CA ASP A 420 -0.59 -3.84 14.99
C ASP A 420 -1.78 -3.50 15.86
N PHE A 421 -1.54 -3.23 17.13
CA PHE A 421 -2.59 -2.91 18.08
C PHE A 421 -3.42 -1.68 17.76
N ARG A 422 -3.04 -0.95 16.71
CA ARG A 422 -3.78 0.23 16.33
C ARG A 422 -4.85 -0.10 15.31
N THR A 423 -4.62 -1.18 14.56
CA THR A 423 -5.52 -1.59 13.51
C THR A 423 -6.02 -3.02 13.68
N GLN A 424 -5.37 -3.76 14.57
CA GLN A 424 -5.67 -5.17 14.82
C GLN A 424 -5.25 -6.03 13.65
N VAL A 425 -4.57 -5.41 12.70
CA VAL A 425 -4.08 -6.09 11.51
C VAL A 425 -2.99 -7.12 11.87
N ARG A 426 -3.18 -8.35 11.38
CA ARG A 426 -2.25 -9.45 11.59
C ARG A 426 -1.26 -9.55 10.44
N THR A 427 0.02 -9.72 10.73
CA THR A 427 1.05 -9.87 9.70
C THR A 427 1.98 -11.02 10.11
N PRO A 428 1.80 -12.20 9.50
CA PRO A 428 2.64 -13.35 9.83
C PRO A 428 4.11 -12.99 9.63
N LYS A 429 4.92 -13.24 10.65
CA LYS A 429 6.35 -12.92 10.62
C LYS A 429 7.14 -13.93 9.81
N GLU A 430 8.41 -13.65 9.55
CA GLU A 430 9.22 -14.61 8.80
C GLU A 430 9.36 -15.93 9.54
N SER A 431 9.23 -15.88 10.87
CA SER A 431 9.31 -17.07 11.71
C SER A 431 8.09 -17.96 11.48
N TYR A 432 6.96 -17.33 11.18
CA TYR A 432 5.73 -18.04 10.91
C TYR A 432 5.95 -18.98 9.72
N TYR A 433 6.48 -18.42 8.63
CA TYR A 433 6.71 -19.18 7.42
C TYR A 433 7.75 -20.25 7.58
N TRP A 434 8.74 -19.96 8.43
CA TRP A 434 9.80 -20.90 8.73
C TRP A 434 9.18 -22.04 9.54
N TYR A 435 8.42 -21.68 10.57
CA TYR A 435 7.76 -22.69 11.39
C TYR A 435 6.81 -23.56 10.53
N ARG A 436 6.06 -22.93 9.63
CA ARG A 436 5.14 -23.65 8.75
C ARG A 436 5.87 -24.79 8.05
N ASN A 437 7.08 -24.51 7.57
CA ASN A 437 7.87 -25.54 6.87
C ASN A 437 8.31 -26.66 7.80
N VAL A 438 8.76 -26.29 9.01
CA VAL A 438 9.18 -27.28 9.99
C VAL A 438 8.02 -28.20 10.40
N VAL A 439 6.89 -27.61 10.78
CA VAL A 439 5.74 -28.41 11.21
C VAL A 439 5.12 -29.20 10.09
N SER A 440 5.19 -28.69 8.87
CA SER A 440 4.62 -29.41 7.73
C SER A 440 5.53 -30.53 7.25
N ASN A 441 6.85 -30.29 7.23
CA ASN A 441 7.80 -31.31 6.81
C ASN A 441 8.02 -32.32 7.92
N ASN A 442 7.89 -31.87 9.16
CA ASN A 442 8.08 -32.70 10.35
C ASN A 442 9.54 -33.04 10.60
N TRP A 443 10.42 -32.21 10.05
CA TRP A 443 11.85 -32.33 10.25
C TRP A 443 12.44 -30.92 10.19
N LEU A 444 13.54 -30.73 10.90
CA LEU A 444 14.21 -29.44 10.97
C LEU A 444 15.63 -29.62 10.42
N GLU A 445 16.19 -28.56 9.85
CA GLU A 445 17.56 -28.57 9.32
C GLU A 445 18.30 -27.31 9.72
N THR A 446 19.44 -27.47 10.37
CA THR A 446 20.27 -26.34 10.74
C THR A 446 21.32 -26.28 9.62
N ARG A 447 21.61 -25.08 9.12
CA ARG A 447 22.59 -24.89 8.04
C ARG A 447 23.48 -23.72 8.41
N ARG A 448 24.65 -23.64 7.78
CA ARG A 448 25.59 -22.55 8.03
C ARG A 448 25.30 -21.39 7.09
N THR B 2 6.54 10.27 37.08
CA THR B 2 5.44 10.73 37.92
C THR B 2 4.09 10.36 37.33
N ILE B 3 3.21 9.88 38.19
CA ILE B 3 1.86 9.50 37.81
C ILE B 3 0.89 10.59 38.27
N PHE B 4 0.06 11.04 37.35
CA PHE B 4 -0.91 12.09 37.60
C PHE B 4 -2.31 11.50 37.39
N GLN B 5 -3.00 11.22 38.48
CA GLN B 5 -4.35 10.66 38.44
C GLN B 5 -5.35 11.81 38.30
N PHE B 6 -6.31 11.69 37.39
CA PHE B 6 -7.31 12.72 37.21
C PHE B 6 -8.62 12.37 37.92
N PRO B 7 -9.47 13.38 38.19
CA PRO B 7 -10.74 13.11 38.87
C PRO B 7 -11.64 12.18 38.06
N GLN B 8 -12.39 11.35 38.78
CA GLN B 8 -13.32 10.39 38.22
C GLN B 8 -14.20 10.93 37.09
N ASP B 9 -14.72 12.14 37.28
CA ASP B 9 -15.60 12.72 36.28
C ASP B 9 -14.97 13.76 35.37
N PHE B 10 -13.64 13.72 35.24
CA PHE B 10 -12.97 14.67 34.38
C PHE B 10 -13.43 14.47 32.95
N MET B 11 -13.76 15.57 32.29
CA MET B 11 -14.27 15.50 30.92
C MET B 11 -13.15 15.65 29.88
N TRP B 12 -12.84 14.57 29.18
CA TRP B 12 -11.81 14.55 28.14
C TRP B 12 -12.45 14.74 26.78
N GLY B 13 -11.84 15.54 25.92
CA GLY B 13 -12.38 15.76 24.59
C GLY B 13 -11.39 16.28 23.56
N THR B 14 -11.91 16.65 22.39
CA THR B 14 -11.14 17.24 21.29
C THR B 14 -12.07 18.33 20.78
N ALA B 15 -11.56 19.22 19.94
CA ALA B 15 -12.38 20.32 19.44
C ALA B 15 -12.09 20.67 18.01
N THR B 16 -13.08 21.26 17.35
CA THR B 16 -12.99 21.74 15.98
C THR B 16 -13.87 22.98 15.87
N ALA B 17 -13.90 23.57 14.69
CA ALA B 17 -14.75 24.74 14.42
C ALA B 17 -15.29 24.48 13.01
N ALA B 18 -16.54 24.89 12.78
CA ALA B 18 -17.22 24.66 11.51
C ALA B 18 -16.49 25.01 10.22
N TYR B 19 -16.12 26.27 10.06
CA TYR B 19 -15.44 26.69 8.84
C TYR B 19 -14.08 26.03 8.62
N GLN B 20 -13.48 25.52 9.69
CA GLN B 20 -12.19 24.89 9.55
C GLN B 20 -12.23 23.45 9.04
N ILE B 21 -13.35 22.76 9.27
CA ILE B 21 -13.51 21.37 8.89
C ILE B 21 -14.68 20.97 7.96
N GLU B 22 -15.80 21.69 8.01
CA GLU B 22 -16.95 21.31 7.17
C GLU B 22 -16.65 21.62 5.73
N GLY B 23 -16.80 20.65 4.86
CA GLY B 23 -16.49 20.97 3.49
C GLY B 23 -17.65 21.04 2.54
N ALA B 24 -18.35 22.16 2.50
CA ALA B 24 -19.48 22.24 1.59
C ALA B 24 -20.01 23.64 1.76
N TYR B 25 -19.15 24.62 1.49
CA TYR B 25 -19.48 26.03 1.69
C TYR B 25 -20.70 26.59 0.95
N GLN B 26 -21.10 25.96 -0.15
CA GLN B 26 -22.27 26.42 -0.89
C GLN B 26 -23.39 25.39 -0.86
N GLU B 27 -23.17 24.31 -0.15
CA GLU B 27 -24.12 23.22 -0.12
C GLU B 27 -25.29 23.45 0.83
N ASP B 28 -26.42 22.90 0.43
CA ASP B 28 -27.67 22.96 1.19
C ASP B 28 -28.07 24.35 1.65
N GLY B 29 -27.93 25.31 0.75
CA GLY B 29 -28.32 26.68 1.02
C GLY B 29 -27.46 27.49 1.96
N ARG B 30 -26.26 27.01 2.29
CA ARG B 30 -25.40 27.77 3.18
C ARG B 30 -25.07 29.11 2.54
N GLY B 31 -25.16 30.18 3.33
CA GLY B 31 -24.81 31.49 2.83
C GLY B 31 -23.34 31.73 3.11
N LEU B 32 -22.78 32.78 2.53
CA LEU B 32 -21.37 33.08 2.76
C LEU B 32 -21.15 33.81 4.08
N SER B 33 -20.01 33.53 4.72
CA SER B 33 -19.62 34.18 5.97
C SER B 33 -18.48 35.14 5.65
N ILE B 34 -18.13 35.97 6.62
CA ILE B 34 -17.05 36.92 6.43
C ILE B 34 -15.73 36.21 6.18
N TRP B 35 -15.64 34.96 6.62
CA TRP B 35 -14.44 34.16 6.42
C TRP B 35 -14.31 33.60 5.00
N ASP B 36 -15.45 33.32 4.35
CA ASP B 36 -15.43 32.84 2.96
C ASP B 36 -14.89 34.02 2.18
N THR B 37 -15.50 35.17 2.42
CA THR B 37 -15.12 36.43 1.78
C THR B 37 -13.64 36.76 1.99
N PHE B 38 -13.18 36.65 3.23
CA PHE B 38 -11.80 36.94 3.59
C PHE B 38 -10.82 36.01 2.88
N ALA B 39 -11.10 34.71 2.94
CA ALA B 39 -10.24 33.71 2.32
C ALA B 39 -10.24 33.80 0.80
N HIS B 40 -11.32 34.35 0.24
CA HIS B 40 -11.44 34.52 -1.21
C HIS B 40 -10.76 35.80 -1.72
N THR B 41 -10.16 36.56 -0.80
CA THR B 41 -9.46 37.79 -1.16
C THR B 41 -7.96 37.53 -1.25
N PRO B 42 -7.34 37.88 -2.39
CA PRO B 42 -5.90 37.66 -2.57
C PRO B 42 -5.11 38.36 -1.46
N GLY B 43 -4.12 37.67 -0.90
CA GLY B 43 -3.31 38.25 0.15
C GLY B 43 -3.78 38.13 1.58
N LYS B 44 -4.99 37.64 1.81
CA LYS B 44 -5.49 37.53 3.18
C LYS B 44 -5.15 36.23 3.88
N VAL B 45 -5.11 35.14 3.12
CA VAL B 45 -4.79 33.83 3.67
C VAL B 45 -3.64 33.20 2.88
N PHE B 46 -2.73 32.55 3.60
CA PHE B 46 -1.58 31.93 2.98
C PHE B 46 -1.92 31.04 1.81
N ASN B 47 -1.25 31.29 0.70
CA ASN B 47 -1.43 30.49 -0.51
C ASN B 47 -2.83 30.56 -1.14
N GLY B 48 -3.66 31.49 -0.67
CA GLY B 48 -5.00 31.59 -1.22
C GLY B 48 -5.87 30.43 -0.77
N ASP B 49 -5.46 29.73 0.28
CA ASP B 49 -6.23 28.62 0.80
C ASP B 49 -7.57 29.16 1.30
N ASN B 50 -8.59 28.30 1.34
CA ASN B 50 -9.90 28.69 1.85
C ASN B 50 -10.62 27.48 2.40
N GLY B 51 -11.76 27.71 3.04
CA GLY B 51 -12.50 26.60 3.62
C GLY B 51 -13.55 25.99 2.72
N ASN B 52 -13.43 26.18 1.41
CA ASN B 52 -14.41 25.62 0.47
C ASN B 52 -14.63 24.12 0.68
N VAL B 53 -13.53 23.37 0.86
CA VAL B 53 -13.60 21.92 1.06
C VAL B 53 -13.14 21.51 2.46
N ALA B 54 -12.01 22.06 2.90
CA ALA B 54 -11.45 21.83 4.24
C ALA B 54 -11.89 20.59 5.01
N CYS B 55 -11.26 19.44 4.84
CA CYS B 55 -11.69 18.23 5.61
C CYS B 55 -13.01 17.57 5.19
N ASP B 56 -13.90 18.33 4.56
CA ASP B 56 -15.16 17.79 4.08
C ASP B 56 -15.95 17.10 5.20
N SER B 57 -15.86 17.62 6.41
CA SER B 57 -16.59 17.01 7.51
C SER B 57 -18.10 17.14 7.38
N TYR B 58 -18.56 17.96 6.43
CA TYR B 58 -19.99 18.10 6.19
C TYR B 58 -20.50 16.74 5.67
N HIS B 59 -19.60 16.02 5.02
CA HIS B 59 -19.91 14.72 4.47
C HIS B 59 -19.26 13.56 5.20
N ARG B 60 -18.11 13.80 5.83
CA ARG B 60 -17.36 12.73 6.49
C ARG B 60 -17.47 12.62 8.00
N TYR B 61 -18.44 13.32 8.57
CA TYR B 61 -18.64 13.33 10.01
C TYR B 61 -18.80 11.94 10.61
N GLU B 62 -19.42 11.01 9.88
CA GLU B 62 -19.62 9.67 10.42
C GLU B 62 -18.28 9.02 10.72
N GLU B 63 -17.34 9.18 9.82
CA GLU B 63 -16.01 8.62 9.98
C GLU B 63 -15.29 9.27 11.16
N ASP B 64 -15.34 10.59 11.21
CA ASP B 64 -14.71 11.35 12.28
C ASP B 64 -15.25 10.90 13.63
N ILE B 65 -16.57 10.77 13.71
CA ILE B 65 -17.21 10.37 14.94
C ILE B 65 -16.79 8.96 15.33
N ARG B 66 -16.62 8.08 14.35
CA ARG B 66 -16.18 6.72 14.67
C ARG B 66 -14.77 6.80 15.26
N LEU B 67 -13.92 7.64 14.66
CA LEU B 67 -12.56 7.82 15.12
C LEU B 67 -12.52 8.41 16.53
N MET B 68 -13.40 9.36 16.83
CA MET B 68 -13.37 9.91 18.18
C MET B 68 -13.98 8.96 19.20
N LYS B 69 -14.82 8.06 18.73
CA LYS B 69 -15.43 7.06 19.61
C LYS B 69 -14.33 6.07 20.02
N GLU B 70 -13.47 5.73 19.06
CA GLU B 70 -12.36 4.82 19.29
C GLU B 70 -11.29 5.47 20.17
N LEU B 71 -11.32 6.79 20.22
CA LEU B 71 -10.37 7.54 21.02
C LEU B 71 -10.70 7.43 22.51
N GLY B 72 -11.92 7.07 22.85
CA GLY B 72 -12.31 6.94 24.25
C GLY B 72 -12.71 8.25 24.90
N ILE B 73 -12.91 9.25 24.06
CA ILE B 73 -13.28 10.61 24.45
C ILE B 73 -14.71 10.71 25.00
N ARG B 74 -14.97 11.65 25.92
CA ARG B 74 -16.31 11.79 26.49
C ARG B 74 -17.11 12.99 25.94
N THR B 75 -16.43 13.95 25.34
CA THR B 75 -17.08 15.12 24.79
C THR B 75 -16.43 15.56 23.50
N TYR B 76 -17.21 16.23 22.66
CA TYR B 76 -16.74 16.75 21.40
C TYR B 76 -17.14 18.20 21.25
N ARG B 77 -16.19 19.11 21.20
CA ARG B 77 -16.53 20.51 21.02
C ARG B 77 -16.49 20.84 19.53
N PHE B 78 -17.57 21.42 19.04
CA PHE B 78 -17.68 21.79 17.63
C PHE B 78 -18.43 23.11 17.61
N SER B 79 -18.43 23.79 16.47
CA SER B 79 -19.16 25.05 16.37
C SER B 79 -20.24 24.92 15.29
N VAL B 80 -21.25 25.78 15.38
CA VAL B 80 -22.36 25.77 14.44
C VAL B 80 -22.14 26.85 13.38
N SER B 81 -22.28 26.52 12.11
CA SER B 81 -22.13 27.52 11.06
C SER B 81 -23.41 28.36 10.98
N TRP B 82 -23.34 29.57 11.51
CA TRP B 82 -24.46 30.50 11.50
C TRP B 82 -25.09 30.63 10.09
N PRO B 83 -24.30 30.90 9.04
CA PRO B 83 -24.89 31.03 7.71
C PRO B 83 -25.53 29.77 7.12
N ARG B 84 -25.50 28.66 7.86
CA ARG B 84 -26.15 27.43 7.39
C ARG B 84 -27.55 27.44 7.97
N ILE B 85 -27.70 28.09 9.13
CA ILE B 85 -28.98 28.16 9.84
C ILE B 85 -29.77 29.35 9.31
N PHE B 86 -29.11 30.50 9.23
CA PHE B 86 -29.72 31.72 8.70
C PHE B 86 -28.77 32.24 7.64
N PRO B 87 -28.91 31.76 6.40
CA PRO B 87 -28.09 32.14 5.25
C PRO B 87 -27.88 33.63 5.04
N ASN B 88 -28.76 34.44 5.65
CA ASN B 88 -28.69 35.89 5.57
C ASN B 88 -28.26 36.49 6.93
N GLY B 89 -28.27 35.66 7.97
CA GLY B 89 -27.93 36.08 9.31
C GLY B 89 -29.20 36.54 10.01
N ASP B 90 -29.87 37.44 9.32
CA ASP B 90 -31.12 38.01 9.75
C ASP B 90 -32.06 37.46 8.68
N GLY B 91 -32.95 36.54 9.04
CA GLY B 91 -33.88 36.01 8.05
C GLY B 91 -34.70 34.78 8.37
N GLU B 92 -34.95 34.01 7.33
CA GLU B 92 -35.74 32.78 7.39
C GLU B 92 -34.82 31.57 7.63
N VAL B 93 -35.25 30.70 8.54
CA VAL B 93 -34.47 29.51 8.93
C VAL B 93 -34.27 28.52 7.81
N ASN B 94 -33.08 27.92 7.76
CA ASN B 94 -32.75 26.93 6.75
C ASN B 94 -32.77 25.56 7.46
N GLN B 95 -33.86 24.84 7.29
CA GLN B 95 -34.02 23.52 7.92
C GLN B 95 -32.92 22.54 7.56
N GLU B 96 -32.40 22.66 6.35
CA GLU B 96 -31.33 21.77 5.89
C GLU B 96 -30.09 21.94 6.75
N GLY B 97 -29.79 23.19 7.13
CA GLY B 97 -28.65 23.48 7.98
C GLY B 97 -28.85 22.85 9.35
N LEU B 98 -30.05 22.97 9.90
CA LEU B 98 -30.38 22.38 11.19
C LEU B 98 -30.28 20.87 11.11
N ASP B 99 -30.71 20.32 9.99
CA ASP B 99 -30.70 18.87 9.82
C ASP B 99 -29.30 18.31 9.94
N TYR B 100 -28.33 19.02 9.37
CA TYR B 100 -26.95 18.57 9.42
C TYR B 100 -26.49 18.39 10.87
N TYR B 101 -26.69 19.41 11.69
CA TYR B 101 -26.30 19.35 13.08
C TYR B 101 -27.09 18.28 13.85
N HIS B 102 -28.30 17.97 13.39
CA HIS B 102 -29.08 16.91 14.03
C HIS B 102 -28.42 15.57 13.76
N ARG B 103 -27.91 15.40 12.54
CA ARG B 103 -27.24 14.17 12.16
C ARG B 103 -25.98 13.99 12.98
N VAL B 104 -25.21 15.07 13.10
CA VAL B 104 -23.98 15.08 13.88
C VAL B 104 -24.27 14.80 15.37
N VAL B 105 -25.10 15.64 15.97
CA VAL B 105 -25.47 15.52 17.38
C VAL B 105 -26.09 14.18 17.76
N ASP B 106 -26.96 13.64 16.91
CA ASP B 106 -27.59 12.36 17.23
C ASP B 106 -26.56 11.26 17.24
N LEU B 107 -25.65 11.31 16.29
CA LEU B 107 -24.57 10.33 16.17
C LEU B 107 -23.66 10.43 17.39
N LEU B 108 -23.32 11.65 17.81
CA LEU B 108 -22.50 11.85 18.99
C LEU B 108 -23.20 11.20 20.16
N ASN B 109 -24.45 11.61 20.41
CA ASN B 109 -25.23 11.05 21.49
C ASN B 109 -25.39 9.54 21.39
N ASP B 110 -25.55 9.01 20.18
CA ASP B 110 -25.68 7.57 19.99
C ASP B 110 -24.41 6.88 20.44
N ASN B 111 -23.29 7.60 20.34
CA ASN B 111 -21.99 7.06 20.71
C ASN B 111 -21.52 7.42 22.11
N GLY B 112 -22.41 7.98 22.93
CA GLY B 112 -22.05 8.35 24.28
C GLY B 112 -21.10 9.53 24.39
N ILE B 113 -21.00 10.32 23.32
CA ILE B 113 -20.13 11.48 23.32
C ILE B 113 -20.97 12.72 23.51
N GLU B 114 -20.73 13.43 24.59
CA GLU B 114 -21.45 14.67 24.92
C GLU B 114 -21.11 15.87 24.04
N PRO B 115 -22.09 16.38 23.28
CA PRO B 115 -21.82 17.55 22.43
C PRO B 115 -21.48 18.77 23.31
N PHE B 116 -20.51 19.56 22.89
CA PHE B 116 -20.12 20.77 23.60
C PHE B 116 -20.21 21.79 22.46
N CYS B 117 -21.34 22.46 22.38
CA CYS B 117 -21.63 23.40 21.30
C CYS B 117 -21.18 24.85 21.40
N THR B 118 -20.38 25.27 20.43
CA THR B 118 -19.89 26.65 20.33
C THR B 118 -20.79 27.33 19.30
N LEU B 119 -21.65 28.23 19.75
CA LEU B 119 -22.57 28.93 18.84
C LEU B 119 -21.81 29.81 17.85
N TYR B 120 -20.93 30.65 18.36
CA TYR B 120 -20.20 31.53 17.48
C TYR B 120 -18.71 31.26 17.37
N HIS B 121 -18.31 30.79 16.20
CA HIS B 121 -16.91 30.55 15.97
C HIS B 121 -16.40 31.28 14.73
N TRP B 122 -16.68 32.58 14.71
CA TRP B 122 -16.22 33.53 13.68
C TRP B 122 -16.87 33.62 12.31
N ASP B 123 -17.77 32.71 12.00
CA ASP B 123 -18.41 32.74 10.69
C ASP B 123 -19.69 33.60 10.60
N LEU B 124 -19.53 34.90 10.81
CA LEU B 124 -20.64 35.83 10.71
C LEU B 124 -21.12 35.88 9.25
N PRO B 125 -22.44 35.79 9.04
CA PRO B 125 -22.98 35.84 7.67
C PRO B 125 -22.55 37.17 7.02
N GLN B 126 -22.09 37.09 5.78
CA GLN B 126 -21.62 38.27 5.06
C GLN B 126 -22.66 39.39 5.00
N ALA B 127 -23.92 39.01 4.89
CA ALA B 127 -25.03 39.96 4.82
C ALA B 127 -25.04 40.91 6.01
N LEU B 128 -24.77 40.38 7.20
CA LEU B 128 -24.74 41.20 8.40
C LEU B 128 -23.50 42.09 8.39
N GLN B 129 -22.39 41.58 7.88
CA GLN B 129 -21.17 42.36 7.82
C GLN B 129 -21.40 43.54 6.89
N ASP B 130 -22.14 43.31 5.81
CA ASP B 130 -22.47 44.37 4.87
C ASP B 130 -23.20 45.51 5.58
N ALA B 131 -23.98 45.18 6.60
CA ALA B 131 -24.72 46.18 7.36
C ALA B 131 -23.90 46.74 8.52
N GLY B 132 -22.63 46.36 8.61
CA GLY B 132 -21.78 46.85 9.68
C GLY B 132 -21.29 45.75 10.60
N GLY B 133 -21.78 44.54 10.38
CA GLY B 133 -21.37 43.41 11.21
C GLY B 133 -21.56 43.68 12.68
N TRP B 134 -20.61 43.22 13.50
CA TRP B 134 -20.68 43.40 14.95
C TRP B 134 -20.58 44.85 15.39
N GLY B 135 -20.29 45.74 14.45
CA GLY B 135 -20.20 47.15 14.79
C GLY B 135 -21.61 47.73 14.87
N ASN B 136 -22.59 46.99 14.35
CA ASN B 136 -24.00 47.40 14.33
C ASN B 136 -24.81 46.61 15.36
N ARG B 137 -25.46 47.32 16.28
CA ARG B 137 -26.26 46.66 17.31
C ARG B 137 -27.37 45.75 16.78
N ARG B 138 -27.75 45.92 15.52
CA ARG B 138 -28.78 45.07 14.97
C ARG B 138 -28.27 43.62 14.87
N THR B 139 -26.96 43.48 14.77
CA THR B 139 -26.35 42.16 14.69
C THR B 139 -26.55 41.42 16.01
N ILE B 140 -26.66 42.17 17.11
CA ILE B 140 -26.89 41.56 18.42
C ILE B 140 -28.23 40.80 18.34
N GLN B 141 -29.23 41.45 17.76
CA GLN B 141 -30.58 40.88 17.62
C GLN B 141 -30.55 39.65 16.74
N ALA B 142 -29.81 39.72 15.64
CA ALA B 142 -29.69 38.60 14.73
C ALA B 142 -29.05 37.42 15.47
N PHE B 143 -28.05 37.70 16.31
CA PHE B 143 -27.39 36.64 17.06
C PHE B 143 -28.34 35.98 18.06
N VAL B 144 -29.09 36.79 18.79
CA VAL B 144 -30.02 36.24 19.77
C VAL B 144 -31.04 35.30 19.09
N GLN B 145 -31.47 35.66 17.89
CA GLN B 145 -32.41 34.84 17.12
C GLN B 145 -31.74 33.50 16.83
N PHE B 146 -30.50 33.56 16.34
CA PHE B 146 -29.68 32.38 16.03
C PHE B 146 -29.55 31.48 17.27
N ALA B 147 -29.18 32.09 18.40
CA ALA B 147 -29.02 31.37 19.67
C ALA B 147 -30.33 30.68 20.08
N GLU B 148 -31.42 31.43 20.03
CA GLU B 148 -32.74 30.90 20.37
C GLU B 148 -33.09 29.69 19.54
N THR B 149 -32.87 29.81 18.24
CA THR B 149 -33.18 28.74 17.31
C THR B 149 -32.48 27.45 17.70
N MET B 150 -31.19 27.57 18.01
CA MET B 150 -30.38 26.43 18.40
C MET B 150 -30.81 25.90 19.75
N PHE B 151 -31.11 26.78 20.69
CA PHE B 151 -31.55 26.38 22.03
C PHE B 151 -32.85 25.56 21.95
N ARG B 152 -33.77 26.01 21.12
CA ARG B 152 -35.04 25.33 20.97
C ARG B 152 -34.92 24.05 20.15
N GLU B 153 -34.17 24.11 19.06
CA GLU B 153 -33.98 22.95 18.21
C GLU B 153 -33.25 21.81 18.87
N PHE B 154 -32.22 22.14 19.65
CA PHE B 154 -31.40 21.11 20.28
C PHE B 154 -31.57 20.99 21.76
N HIS B 155 -32.70 21.48 22.26
CA HIS B 155 -32.98 21.47 23.68
C HIS B 155 -32.44 20.31 24.50
N GLY B 156 -32.92 19.09 24.28
CA GLY B 156 -32.42 18.02 25.13
C GLY B 156 -31.28 17.19 24.58
N LYS B 157 -30.66 17.66 23.49
CA LYS B 157 -29.59 16.91 22.86
C LYS B 157 -28.19 17.42 23.20
N ILE B 158 -28.11 18.69 23.61
CA ILE B 158 -26.85 19.33 23.97
C ILE B 158 -26.95 19.84 25.41
N GLN B 159 -25.93 19.58 26.21
CA GLN B 159 -25.93 20.00 27.60
C GLN B 159 -24.83 21.01 27.93
N HIS B 160 -23.97 21.31 26.96
CA HIS B 160 -22.87 22.24 27.18
C HIS B 160 -22.86 23.23 26.03
N TRP B 161 -22.95 24.52 26.36
CA TRP B 161 -23.01 25.56 25.34
C TRP B 161 -22.06 26.70 25.61
N LEU B 162 -21.50 27.24 24.53
CA LEU B 162 -20.61 28.38 24.62
C LEU B 162 -21.15 29.38 23.62
N THR B 163 -21.31 30.62 24.05
CA THR B 163 -21.81 31.64 23.16
C THR B 163 -20.74 32.04 22.15
N PHE B 164 -19.64 32.58 22.64
CA PHE B 164 -18.54 33.01 21.78
C PHE B 164 -17.22 32.33 22.05
N ASN B 165 -16.47 32.14 20.99
CA ASN B 165 -15.16 31.54 21.09
C ASN B 165 -14.14 32.62 20.75
N GLU B 166 -13.26 32.90 21.71
CA GLU B 166 -12.19 33.88 21.56
C GLU B 166 -12.60 35.30 21.19
N PRO B 167 -13.27 36.00 22.12
CA PRO B 167 -13.71 37.38 21.89
C PRO B 167 -12.55 38.31 21.48
N TRP B 168 -11.35 38.07 22.01
CA TRP B 168 -10.20 38.89 21.66
C TRP B 168 -9.90 38.79 20.15
N CYS B 169 -9.87 37.58 19.63
CA CYS B 169 -9.58 37.39 18.21
C CYS B 169 -10.70 38.02 17.36
N ILE B 170 -11.95 37.79 17.74
CA ILE B 170 -13.11 38.32 17.02
C ILE B 170 -13.07 39.86 16.94
N ALA B 171 -12.75 40.49 18.07
CA ALA B 171 -12.71 41.96 18.14
C ALA B 171 -11.39 42.60 17.72
N PHE B 172 -10.33 42.38 18.50
CA PHE B 172 -9.04 42.99 18.22
C PHE B 172 -8.20 42.44 17.08
N LEU B 173 -8.05 41.12 16.99
CA LEU B 173 -7.24 40.53 15.91
C LEU B 173 -7.89 40.76 14.54
N SER B 174 -9.22 40.79 14.53
CA SER B 174 -10.00 40.97 13.31
C SER B 174 -10.31 42.40 12.91
N ASN B 175 -10.50 43.27 13.90
CA ASN B 175 -10.85 44.66 13.62
C ASN B 175 -9.82 45.74 13.95
N MET B 176 -8.77 45.37 14.67
CA MET B 176 -7.72 46.32 15.01
C MET B 176 -6.45 45.94 14.25
N LEU B 177 -6.14 44.65 14.26
CA LEU B 177 -4.94 44.14 13.60
C LEU B 177 -5.16 43.68 12.16
N GLY B 178 -6.42 43.53 11.76
CA GLY B 178 -6.72 43.12 10.40
C GLY B 178 -6.25 41.74 9.95
N VAL B 179 -5.84 40.89 10.89
CA VAL B 179 -5.34 39.57 10.53
C VAL B 179 -6.43 38.53 10.22
N HIS B 180 -7.54 38.63 10.92
CA HIS B 180 -8.66 37.72 10.72
C HIS B 180 -9.87 38.48 10.17
N ALA B 181 -10.83 37.76 9.57
CA ALA B 181 -12.01 38.40 9.01
C ALA B 181 -12.75 39.17 10.10
N PRO B 182 -13.32 40.35 9.77
CA PRO B 182 -13.37 41.01 8.45
C PRO B 182 -12.12 41.78 8.02
N GLY B 183 -11.03 41.65 8.78
CA GLY B 183 -9.79 42.30 8.41
C GLY B 183 -9.70 43.83 8.49
N LEU B 184 -10.31 44.42 9.50
CA LEU B 184 -10.27 45.88 9.65
C LEU B 184 -9.13 46.27 10.61
N THR B 185 -8.78 47.55 10.61
CA THR B 185 -7.70 48.07 11.45
C THR B 185 -8.13 49.42 12.04
N ASN B 186 -9.06 49.37 12.97
CA ASN B 186 -9.60 50.56 13.61
C ASN B 186 -9.94 50.17 15.03
N LEU B 187 -9.26 50.81 15.97
CA LEU B 187 -9.42 50.55 17.39
C LEU B 187 -10.86 50.70 17.85
N GLN B 188 -11.50 51.79 17.42
CA GLN B 188 -12.87 52.05 17.81
C GLN B 188 -13.81 50.93 17.38
N THR B 189 -13.70 50.47 16.14
CA THR B 189 -14.58 49.40 15.68
C THR B 189 -14.31 48.09 16.42
N ALA B 190 -13.04 47.87 16.81
CA ALA B 190 -12.67 46.66 17.56
C ALA B 190 -13.33 46.70 18.91
N ILE B 191 -13.33 47.88 19.53
CA ILE B 191 -13.99 48.09 20.83
C ILE B 191 -15.50 47.96 20.68
N ASP B 192 -16.04 48.45 19.56
CA ASP B 192 -17.48 48.36 19.30
C ASP B 192 -17.86 46.88 19.20
N VAL B 193 -17.09 46.14 18.40
CA VAL B 193 -17.31 44.72 18.19
C VAL B 193 -17.26 43.97 19.51
N GLY B 194 -16.23 44.24 20.31
CA GLY B 194 -16.10 43.58 21.60
C GLY B 194 -17.28 43.85 22.52
N HIS B 195 -17.76 45.09 22.52
CA HIS B 195 -18.89 45.44 23.38
C HIS B 195 -20.19 44.82 22.91
N HIS B 196 -20.42 44.84 21.61
CA HIS B 196 -21.65 44.27 21.06
C HIS B 196 -21.71 42.77 21.22
N LEU B 197 -20.58 42.08 21.09
CA LEU B 197 -20.60 40.64 21.28
C LEU B 197 -20.86 40.31 22.76
N LEU B 198 -20.43 41.17 23.68
CA LEU B 198 -20.69 40.96 25.11
C LEU B 198 -22.17 41.14 25.38
N VAL B 199 -22.80 42.09 24.70
CA VAL B 199 -24.24 42.31 24.88
C VAL B 199 -25.00 41.11 24.30
N ALA B 200 -24.59 40.66 23.12
CA ALA B 200 -25.20 39.50 22.46
C ALA B 200 -25.09 38.30 23.39
N HIS B 201 -23.92 38.13 23.98
CA HIS B 201 -23.68 37.03 24.94
C HIS B 201 -24.66 37.08 26.12
N GLY B 202 -24.75 38.25 26.77
CA GLY B 202 -25.64 38.40 27.91
C GLY B 202 -27.09 38.08 27.59
N LEU B 203 -27.57 38.62 26.47
CA LEU B 203 -28.94 38.37 26.02
C LEU B 203 -29.19 36.90 25.72
N SER B 204 -28.23 36.26 25.08
CA SER B 204 -28.36 34.84 24.76
C SER B 204 -28.45 33.97 26.03
N VAL B 205 -27.69 34.31 27.07
CA VAL B 205 -27.73 33.55 28.31
C VAL B 205 -29.14 33.72 28.92
N ARG B 206 -29.67 34.93 28.85
CA ARG B 206 -31.01 35.23 29.34
C ARG B 206 -32.02 34.33 28.64
N ARG B 207 -32.01 34.34 27.30
CA ARG B 207 -32.91 33.48 26.56
C ARG B 207 -32.75 32.03 26.97
N PHE B 208 -31.51 31.58 27.16
CA PHE B 208 -31.21 30.21 27.56
C PHE B 208 -31.96 29.89 28.85
N ARG B 209 -31.91 30.81 29.79
CA ARG B 209 -32.57 30.64 31.07
C ARG B 209 -34.08 30.73 30.92
N GLU B 210 -34.57 31.70 30.14
CA GLU B 210 -36.00 31.89 29.93
C GLU B 210 -36.62 30.67 29.24
N LEU B 211 -35.94 30.15 28.24
CA LEU B 211 -36.45 28.99 27.51
C LEU B 211 -36.34 27.69 28.30
N GLY B 212 -35.59 27.72 29.41
CA GLY B 212 -35.40 26.51 30.20
C GLY B 212 -34.61 25.47 29.44
N THR B 213 -33.69 25.91 28.59
CA THR B 213 -32.86 25.01 27.80
C THR B 213 -31.98 24.09 28.66
N SER B 214 -31.66 22.91 28.13
CA SER B 214 -30.83 21.92 28.81
C SER B 214 -29.38 22.31 28.94
N GLY B 215 -28.80 21.91 30.06
CA GLY B 215 -27.39 22.14 30.30
C GLY B 215 -26.90 23.41 30.92
N GLN B 216 -25.62 23.67 30.66
CA GLN B 216 -24.94 24.83 31.19
C GLN B 216 -24.45 25.67 30.03
N ILE B 217 -24.19 26.94 30.29
CA ILE B 217 -23.77 27.84 29.25
C ILE B 217 -22.69 28.79 29.74
N GLY B 218 -21.73 29.08 28.87
CA GLY B 218 -20.64 29.98 29.21
C GLY B 218 -20.06 30.62 27.98
N ILE B 219 -18.85 31.16 28.10
CA ILE B 219 -18.18 31.82 26.99
C ILE B 219 -16.74 31.29 27.01
N ALA B 220 -16.07 31.26 25.87
CA ALA B 220 -14.71 30.72 25.83
C ALA B 220 -13.64 31.67 25.33
N PRO B 221 -13.13 32.55 26.21
CA PRO B 221 -12.07 33.47 25.77
C PRO B 221 -10.70 32.79 25.58
N ASN B 222 -9.90 33.31 24.66
CA ASN B 222 -8.56 32.79 24.52
C ASN B 222 -7.79 33.55 25.61
N VAL B 223 -6.94 32.82 26.31
CA VAL B 223 -6.19 33.35 27.41
C VAL B 223 -4.76 33.71 27.02
N SER B 224 -4.32 34.85 27.52
CA SER B 224 -2.98 35.38 27.27
C SER B 224 -2.22 35.35 28.60
N TRP B 225 -0.89 35.20 28.53
CA TRP B 225 -0.08 35.20 29.76
C TRP B 225 1.29 35.75 29.42
N ALA B 226 1.66 36.84 30.09
CA ALA B 226 2.92 37.49 29.86
C ALA B 226 3.58 37.75 31.20
N VAL B 227 4.89 37.58 31.22
CA VAL B 227 5.71 37.78 32.40
C VAL B 227 6.71 38.90 32.04
N PRO B 228 6.98 39.85 32.96
CA PRO B 228 7.91 40.93 32.61
C PRO B 228 9.40 40.59 32.52
N TYR B 229 10.07 41.22 31.56
CA TYR B 229 11.50 41.02 31.35
C TYR B 229 12.28 41.56 32.55
N SER B 230 12.01 42.82 32.89
CA SER B 230 12.66 43.44 34.04
C SER B 230 11.63 43.61 35.13
N THR B 231 12.11 44.03 36.30
CA THR B 231 11.24 44.23 37.45
C THR B 231 10.62 45.63 37.43
N SER B 232 10.75 46.35 36.32
CA SER B 232 10.22 47.70 36.21
C SER B 232 8.72 47.78 36.24
N GLU B 233 8.20 48.91 36.73
CA GLU B 233 6.77 49.12 36.80
C GLU B 233 6.17 49.17 35.38
N GLU B 234 6.93 49.73 34.45
CA GLU B 234 6.48 49.81 33.08
C GLU B 234 6.36 48.45 32.39
N ASP B 235 7.32 47.54 32.63
CA ASP B 235 7.26 46.21 32.02
C ASP B 235 6.10 45.46 32.65
N LYS B 236 5.88 45.71 33.93
CA LYS B 236 4.82 45.08 34.66
C LYS B 236 3.47 45.54 34.08
N ALA B 237 3.37 46.84 33.78
CA ALA B 237 2.16 47.42 33.20
C ALA B 237 1.91 46.86 31.80
N ALA B 238 2.97 46.76 31.01
CA ALA B 238 2.89 46.24 29.66
C ALA B 238 2.30 44.82 29.69
N CYS B 239 2.70 44.02 30.67
CA CYS B 239 2.20 42.66 30.80
C CYS B 239 0.75 42.64 31.25
N ALA B 240 0.38 43.60 32.10
CA ALA B 240 -1.01 43.69 32.59
C ALA B 240 -1.92 43.98 31.40
N ARG B 241 -1.50 44.89 30.53
CA ARG B 241 -2.30 45.23 29.33
C ARG B 241 -2.48 44.01 28.42
N THR B 242 -1.39 43.30 28.16
CA THR B 242 -1.39 42.11 27.32
C THR B 242 -2.32 41.02 27.87
N ILE B 243 -2.20 40.78 29.18
CA ILE B 243 -3.00 39.78 29.85
C ILE B 243 -4.46 40.18 29.88
N SER B 244 -4.73 41.37 30.40
CA SER B 244 -6.06 41.90 30.56
C SER B 244 -6.92 42.10 29.32
N LEU B 245 -6.34 42.43 28.18
CA LEU B 245 -7.15 42.64 26.99
C LEU B 245 -7.79 41.34 26.46
N HIS B 246 -7.07 40.23 26.62
CA HIS B 246 -7.54 38.92 26.19
C HIS B 246 -8.65 38.38 27.10
N SER B 247 -8.42 38.46 28.41
CA SER B 247 -9.38 37.92 29.37
C SER B 247 -10.21 38.93 30.15
N ASP B 248 -9.57 39.73 31.01
CA ASP B 248 -10.27 40.70 31.83
C ASP B 248 -11.18 41.65 31.06
N TRP B 249 -10.77 42.01 29.85
CA TRP B 249 -11.59 42.90 29.07
C TRP B 249 -12.99 42.35 28.83
N PHE B 250 -13.09 41.04 28.77
CA PHE B 250 -14.37 40.39 28.55
C PHE B 250 -14.93 39.77 29.81
N LEU B 251 -14.05 39.31 30.71
CA LEU B 251 -14.51 38.68 31.95
C LEU B 251 -14.90 39.63 33.07
N GLN B 252 -14.30 40.81 33.12
CA GLN B 252 -14.66 41.74 34.17
C GLN B 252 -16.11 42.25 33.98
N PRO B 253 -16.51 42.57 32.74
CA PRO B 253 -17.89 43.03 32.55
C PRO B 253 -18.85 41.91 32.92
N ILE B 254 -18.49 40.69 32.54
CA ILE B 254 -19.31 39.53 32.84
C ILE B 254 -19.43 39.21 34.30
N TYR B 255 -18.30 39.18 35.00
CA TYR B 255 -18.29 38.85 36.42
C TYR B 255 -18.38 40.01 37.39
N GLN B 256 -17.90 41.18 36.99
CA GLN B 256 -17.91 42.29 37.93
C GLN B 256 -18.66 43.54 37.49
N GLY B 257 -19.23 43.49 36.30
CA GLY B 257 -20.01 44.61 35.81
C GLY B 257 -19.26 45.84 35.32
N SER B 258 -18.01 45.69 34.90
CA SER B 258 -17.25 46.84 34.41
C SER B 258 -16.07 46.42 33.57
N TYR B 259 -15.58 47.31 32.72
CA TYR B 259 -14.41 47.03 31.92
C TYR B 259 -13.18 47.45 32.75
N PRO B 260 -12.03 46.81 32.52
CA PRO B 260 -10.81 47.16 33.25
C PRO B 260 -10.51 48.64 33.06
N GLN B 261 -10.66 49.40 34.13
CA GLN B 261 -10.44 50.83 34.05
C GLN B 261 -9.12 51.27 33.40
N PHE B 262 -8.01 50.62 33.76
CA PHE B 262 -6.72 50.99 33.19
C PHE B 262 -6.68 50.81 31.67
N LEU B 263 -7.47 49.87 31.16
CA LEU B 263 -7.53 49.67 29.71
C LEU B 263 -8.52 50.65 29.10
N VAL B 264 -9.52 51.04 29.88
CA VAL B 264 -10.49 52.03 29.43
C VAL B 264 -9.70 53.33 29.24
N ASP B 265 -8.86 53.65 30.23
CA ASP B 265 -8.04 54.85 30.18
C ASP B 265 -7.05 54.82 29.03
N TRP B 266 -6.43 53.67 28.84
CA TRP B 266 -5.44 53.46 27.78
C TRP B 266 -6.04 53.77 26.42
N PHE B 267 -7.19 53.16 26.13
CA PHE B 267 -7.87 53.37 24.85
C PHE B 267 -8.37 54.79 24.73
N ALA B 268 -8.79 55.38 25.84
CA ALA B 268 -9.26 56.75 25.84
C ALA B 268 -8.12 57.63 25.36
N GLU B 269 -6.90 57.32 25.81
CA GLU B 269 -5.71 58.06 25.40
C GLU B 269 -5.55 58.00 23.89
N GLN B 270 -6.04 56.91 23.30
CA GLN B 270 -5.95 56.72 21.86
C GLN B 270 -7.20 57.17 21.14
N GLY B 271 -8.07 57.87 21.85
CA GLY B 271 -9.30 58.40 21.27
C GLY B 271 -10.45 57.44 21.04
N ALA B 272 -10.46 56.30 21.72
CA ALA B 272 -11.53 55.35 21.54
C ALA B 272 -12.26 55.18 22.86
N THR B 273 -13.58 55.05 22.79
CA THR B 273 -14.39 54.88 23.99
C THR B 273 -15.42 53.79 23.74
N VAL B 274 -15.73 53.03 24.79
CA VAL B 274 -16.69 51.94 24.67
C VAL B 274 -18.11 52.51 24.53
N PRO B 275 -18.85 52.04 23.53
CA PRO B 275 -20.22 52.52 23.30
C PRO B 275 -21.24 51.88 24.26
N ILE B 276 -21.09 52.19 25.55
CA ILE B 276 -21.97 51.63 26.56
C ILE B 276 -23.30 52.40 26.69
N GLN B 277 -24.41 51.69 26.49
CA GLN B 277 -25.73 52.26 26.61
C GLN B 277 -26.24 51.84 27.97
N ASP B 278 -27.21 52.58 28.51
CA ASP B 278 -27.78 52.23 29.80
C ASP B 278 -28.31 50.79 29.78
N GLY B 279 -27.99 50.07 30.86
CA GLY B 279 -28.33 48.65 31.10
C GLY B 279 -27.52 47.66 30.31
N ASP B 280 -26.58 48.13 29.49
CA ASP B 280 -25.74 47.21 28.74
C ASP B 280 -24.95 46.38 29.75
N MET B 281 -24.32 47.06 30.71
CA MET B 281 -23.53 46.36 31.70
C MET B 281 -24.31 45.35 32.54
N ASP B 282 -25.58 45.66 32.82
CA ASP B 282 -26.44 44.76 33.58
C ASP B 282 -26.77 43.53 32.75
N ILE B 283 -26.96 43.72 31.45
CA ILE B 283 -27.24 42.61 30.55
C ILE B 283 -26.02 41.69 30.44
N ILE B 284 -24.85 42.31 30.29
CA ILE B 284 -23.58 41.59 30.19
C ILE B 284 -23.25 40.80 31.45
N GLY B 285 -23.68 41.31 32.60
CA GLY B 285 -23.42 40.63 33.85
C GLY B 285 -24.28 39.41 34.15
N GLU B 286 -25.04 38.94 33.16
CA GLU B 286 -25.90 37.77 33.32
C GLU B 286 -25.07 36.58 33.82
N PRO B 287 -25.46 35.97 34.96
CA PRO B 287 -24.75 34.82 35.54
C PRO B 287 -24.50 33.70 34.56
N ILE B 288 -23.26 33.21 34.48
CA ILE B 288 -22.94 32.09 33.58
C ILE B 288 -22.49 30.87 34.38
N ASP B 289 -22.66 29.70 33.79
CA ASP B 289 -22.34 28.44 34.46
C ASP B 289 -20.86 28.07 34.54
N MET B 290 -20.10 28.50 33.55
CA MET B 290 -18.68 28.20 33.48
C MET B 290 -18.06 28.98 32.34
N ILE B 291 -16.75 28.82 32.16
CA ILE B 291 -16.08 29.45 31.03
C ILE B 291 -15.14 28.42 30.43
N GLY B 292 -14.88 28.61 29.14
CA GLY B 292 -13.94 27.77 28.45
C GLY B 292 -12.71 28.65 28.41
N ILE B 293 -11.53 28.03 28.46
CA ILE B 293 -10.25 28.74 28.41
C ILE B 293 -9.40 28.15 27.28
N ASN B 294 -8.96 28.99 26.35
CA ASN B 294 -8.10 28.53 25.24
C ASN B 294 -6.68 28.96 25.50
N TYR B 295 -5.77 28.00 25.66
CA TYR B 295 -4.38 28.31 25.98
C TYR B 295 -3.39 27.60 25.07
N TYR B 296 -2.39 28.33 24.62
CA TYR B 296 -1.37 27.76 23.74
C TYR B 296 0.06 28.09 24.12
N SER B 297 0.28 29.35 24.45
CA SER B 297 1.61 29.82 24.74
C SER B 297 1.64 30.87 25.84
N MET B 298 2.86 31.29 26.16
CA MET B 298 3.16 32.23 27.22
C MET B 298 4.33 33.09 26.71
N SER B 299 4.42 34.34 27.17
CA SER B 299 5.52 35.17 26.71
C SER B 299 6.17 36.01 27.83
N VAL B 300 7.33 36.57 27.51
CA VAL B 300 8.07 37.45 28.41
C VAL B 300 8.03 38.77 27.65
N ASN B 301 7.42 39.78 28.25
CA ASN B 301 7.28 41.07 27.59
C ASN B 301 7.96 42.23 28.31
N ARG B 302 8.11 43.33 27.57
CA ARG B 302 8.67 44.54 28.12
C ARG B 302 7.95 45.71 27.49
N PHE B 303 7.94 46.85 28.18
CA PHE B 303 7.31 48.04 27.64
C PHE B 303 8.13 48.55 26.45
N ASN B 304 7.42 48.89 25.39
CA ASN B 304 8.05 49.44 24.20
C ASN B 304 6.98 50.29 23.50
N PRO B 305 7.20 51.61 23.45
CA PRO B 305 6.28 52.58 22.83
C PRO B 305 5.99 52.32 21.36
N GLU B 306 6.88 51.60 20.69
CA GLU B 306 6.71 51.27 19.29
C GLU B 306 6.08 49.88 19.12
N ALA B 307 5.88 49.16 20.23
CA ALA B 307 5.35 47.80 20.16
C ALA B 307 3.82 47.65 20.06
N GLY B 308 3.24 48.22 19.02
CA GLY B 308 1.80 48.07 18.82
C GLY B 308 0.93 48.93 19.70
N PHE B 309 -0.38 48.75 19.58
CA PHE B 309 -1.34 49.54 20.36
C PHE B 309 -1.27 49.36 21.86
N LEU B 310 -0.70 48.24 22.32
CA LEU B 310 -0.55 48.02 23.75
C LEU B 310 0.87 48.33 24.23
N GLN B 311 1.76 48.68 23.30
CA GLN B 311 3.14 49.02 23.63
C GLN B 311 3.77 48.00 24.56
N SER B 312 3.61 46.75 24.17
CA SER B 312 4.09 45.59 24.92
C SER B 312 4.84 44.74 23.91
N GLU B 313 6.15 44.63 24.10
CA GLU B 313 7.00 43.85 23.22
C GLU B 313 7.34 42.48 23.79
N GLU B 314 7.19 41.47 22.96
CA GLU B 314 7.51 40.11 23.36
C GLU B 314 8.99 39.84 23.06
N ILE B 315 9.69 39.33 24.04
CA ILE B 315 11.11 39.04 23.88
C ILE B 315 11.26 37.60 23.41
N ASN B 316 12.16 37.39 22.46
CA ASN B 316 12.45 36.05 21.98
C ASN B 316 13.52 35.54 22.96
N MET B 317 13.09 34.73 23.93
CA MET B 317 13.95 34.17 24.97
C MET B 317 14.79 32.97 24.55
N GLY B 318 14.74 32.61 23.27
CA GLY B 318 15.49 31.46 22.78
C GLY B 318 14.83 30.10 23.00
N LEU B 319 13.65 30.07 23.62
CA LEU B 319 12.96 28.81 23.86
C LEU B 319 12.56 28.12 22.57
N PRO B 320 12.54 26.78 22.58
CA PRO B 320 12.14 26.00 21.40
C PRO B 320 10.67 26.35 21.06
N VAL B 321 10.35 26.32 19.78
CA VAL B 321 9.03 26.66 19.31
C VAL B 321 8.37 25.56 18.50
N THR B 322 7.05 25.64 18.41
CA THR B 322 6.26 24.69 17.62
C THR B 322 6.47 25.09 16.16
N ASP B 323 5.88 24.33 15.25
CA ASP B 323 6.04 24.63 13.84
C ASP B 323 5.39 25.90 13.33
N ILE B 324 4.54 26.53 14.16
CA ILE B 324 3.90 27.80 13.79
C ILE B 324 4.71 28.93 14.45
N GLY B 325 5.74 28.54 15.20
CA GLY B 325 6.61 29.50 15.84
C GLY B 325 6.29 29.90 17.26
N TRP B 326 5.40 29.18 17.93
CA TRP B 326 5.08 29.55 19.31
C TRP B 326 5.96 28.79 20.29
N PRO B 327 6.54 29.49 21.28
CA PRO B 327 7.37 28.79 22.25
C PRO B 327 6.48 27.96 23.17
N VAL B 328 6.96 26.81 23.60
CA VAL B 328 6.15 26.02 24.52
C VAL B 328 6.69 26.25 25.94
N GLU B 329 5.79 26.64 26.84
CA GLU B 329 6.08 26.91 28.24
C GLU B 329 4.73 26.73 28.93
N SER B 330 4.48 25.51 29.38
CA SER B 330 3.21 25.14 30.00
C SER B 330 2.85 25.80 31.33
N ARG B 331 3.85 26.27 32.08
CA ARG B 331 3.60 26.94 33.37
C ARG B 331 2.58 28.06 33.18
N GLY B 332 2.57 28.66 31.99
CA GLY B 332 1.64 29.72 31.69
C GLY B 332 0.20 29.32 31.94
N LEU B 333 -0.13 28.05 31.69
CA LEU B 333 -1.50 27.56 31.94
C LEU B 333 -1.79 27.57 33.43
N TYR B 334 -0.85 27.05 34.23
CA TYR B 334 -0.98 27.04 35.69
C TYR B 334 -1.19 28.48 36.19
N GLU B 335 -0.37 29.40 35.68
CA GLU B 335 -0.44 30.81 36.06
C GLU B 335 -1.77 31.50 35.77
N VAL B 336 -2.29 31.42 34.53
CA VAL B 336 -3.60 32.05 34.23
C VAL B 336 -4.73 31.44 35.01
N LEU B 337 -4.71 30.12 35.19
CA LEU B 337 -5.78 29.47 35.94
C LEU B 337 -5.83 30.04 37.34
N HIS B 338 -4.67 30.24 37.94
CA HIS B 338 -4.64 30.82 39.29
C HIS B 338 -5.00 32.30 39.24
N TYR B 339 -4.59 32.96 38.17
CA TYR B 339 -4.88 34.37 37.99
C TYR B 339 -6.41 34.61 37.88
N LEU B 340 -7.08 33.72 37.15
CA LEU B 340 -8.53 33.82 36.93
C LEU B 340 -9.34 33.62 38.20
N GLN B 341 -8.69 33.21 39.27
CA GLN B 341 -9.39 33.00 40.54
C GLN B 341 -9.89 34.31 41.11
N LYS B 342 -9.52 35.40 40.47
CA LYS B 342 -9.96 36.72 40.89
C LYS B 342 -11.47 36.83 40.67
N TYR B 343 -12.02 35.94 39.84
CA TYR B 343 -13.47 35.90 39.56
C TYR B 343 -14.17 34.84 40.39
N GLY B 344 -13.43 34.21 41.28
CA GLY B 344 -13.98 33.17 42.11
C GLY B 344 -13.46 31.87 41.57
N ASN B 345 -13.71 30.79 42.29
CA ASN B 345 -13.27 29.48 41.86
C ASN B 345 -14.37 28.95 40.97
N ILE B 346 -14.49 29.57 39.81
CA ILE B 346 -15.48 29.22 38.82
C ILE B 346 -15.14 27.92 38.08
N ASP B 347 -16.12 27.35 37.41
CA ASP B 347 -15.90 26.14 36.63
C ASP B 347 -15.18 26.52 35.36
N ILE B 348 -14.08 25.84 35.09
CA ILE B 348 -13.28 26.11 33.89
C ILE B 348 -13.00 24.85 33.12
N TYR B 349 -13.19 24.93 31.81
CA TYR B 349 -12.91 23.85 30.91
C TYR B 349 -11.80 24.38 29.99
N ILE B 350 -10.77 23.59 29.76
CA ILE B 350 -9.71 24.01 28.85
C ILE B 350 -10.32 23.58 27.53
N THR B 351 -11.05 24.49 26.89
CA THR B 351 -11.73 24.19 25.63
C THR B 351 -10.80 24.05 24.41
N GLU B 352 -9.55 24.49 24.57
CA GLU B 352 -8.55 24.38 23.52
C GLU B 352 -7.13 24.40 24.07
N ASN B 353 -6.32 23.48 23.57
CA ASN B 353 -4.90 23.40 23.92
C ASN B 353 -4.26 22.43 22.96
N GLY B 354 -3.27 22.89 22.22
CA GLY B 354 -2.62 22.03 21.26
C GLY B 354 -1.37 22.66 20.67
N ALA B 355 -0.75 21.98 19.70
CA ALA B 355 0.45 22.49 19.10
C ALA B 355 0.51 22.28 17.60
N CYS B 356 1.10 23.23 16.90
CA CYS B 356 1.28 23.06 15.48
C CYS B 356 2.55 22.21 15.28
N ILE B 357 2.37 20.97 14.86
CA ILE B 357 3.49 20.04 14.61
C ILE B 357 3.14 19.48 13.23
N ASN B 358 3.92 19.84 12.24
CA ASN B 358 3.65 19.45 10.86
C ASN B 358 4.08 18.09 10.32
N ASP B 359 4.39 17.15 11.20
CA ASP B 359 4.79 15.82 10.78
C ASP B 359 3.72 15.22 9.87
N GLU B 360 4.17 14.50 8.86
CA GLU B 360 3.31 13.86 7.88
C GLU B 360 3.35 12.35 8.03
N VAL B 361 2.59 11.67 7.17
CA VAL B 361 2.54 10.21 7.19
C VAL B 361 3.80 9.63 6.55
N VAL B 362 4.54 8.84 7.33
CA VAL B 362 5.77 8.19 6.87
C VAL B 362 5.68 6.77 7.38
N ASN B 363 5.79 5.78 6.51
CA ASN B 363 5.72 4.37 6.95
C ASN B 363 4.34 4.10 7.56
N GLY B 364 3.32 4.75 7.00
CA GLY B 364 1.98 4.55 7.48
C GLY B 364 1.61 5.19 8.81
N LYS B 365 2.51 5.96 9.40
CA LYS B 365 2.20 6.60 10.67
C LYS B 365 2.70 8.02 10.73
N VAL B 366 2.23 8.75 11.73
CA VAL B 366 2.64 10.14 11.90
C VAL B 366 3.30 10.17 13.26
N GLN B 367 4.63 10.25 13.26
CA GLN B 367 5.40 10.19 14.47
C GLN B 367 5.51 11.56 15.13
N ASP B 368 4.38 12.11 15.55
CA ASP B 368 4.34 13.43 16.16
C ASP B 368 4.71 13.44 17.66
N ASP B 369 5.94 13.04 17.97
CA ASP B 369 6.43 12.99 19.34
C ASP B 369 6.38 14.34 20.03
N ARG B 370 6.58 15.39 19.25
CA ARG B 370 6.53 16.75 19.80
C ARG B 370 5.14 17.16 20.27
N ARG B 371 4.09 16.62 19.66
CA ARG B 371 2.74 16.96 20.10
C ARG B 371 2.45 16.21 21.39
N ILE B 372 2.93 14.97 21.47
CA ILE B 372 2.75 14.17 22.68
C ILE B 372 3.47 14.90 23.83
N SER B 373 4.66 15.40 23.53
CA SER B 373 5.48 16.12 24.50
C SER B 373 4.75 17.36 24.98
N TYR B 374 4.26 18.17 24.03
CA TYR B 374 3.54 19.37 24.36
C TYR B 374 2.32 19.08 25.25
N MET B 375 1.48 18.16 24.82
CA MET B 375 0.26 17.80 25.55
C MET B 375 0.54 17.31 26.98
N GLN B 376 1.54 16.45 27.08
CA GLN B 376 1.97 15.86 28.33
C GLN B 376 2.31 16.96 29.35
N GLN B 377 3.08 17.96 28.93
CA GLN B 377 3.47 19.06 29.80
C GLN B 377 2.29 19.90 30.25
N HIS B 378 1.33 20.11 29.34
CA HIS B 378 0.16 20.91 29.67
C HIS B 378 -0.84 20.17 30.54
N LEU B 379 -0.96 18.86 30.34
CA LEU B 379 -1.86 18.06 31.15
C LEU B 379 -1.34 17.99 32.59
N VAL B 380 -0.02 18.08 32.76
CA VAL B 380 0.56 18.07 34.10
C VAL B 380 0.07 19.32 34.80
N GLN B 381 0.11 20.45 34.11
CA GLN B 381 -0.37 21.71 34.69
C GLN B 381 -1.84 21.63 35.07
N VAL B 382 -2.65 20.98 34.23
CA VAL B 382 -4.08 20.81 34.50
C VAL B 382 -4.26 20.05 35.83
N HIS B 383 -3.57 18.91 35.96
CA HIS B 383 -3.61 18.10 37.18
C HIS B 383 -3.20 18.96 38.38
N ARG B 384 -2.13 19.72 38.19
CA ARG B 384 -1.56 20.59 39.19
C ARG B 384 -2.58 21.59 39.72
N THR B 385 -3.38 22.19 38.84
CA THR B 385 -4.39 23.16 39.28
C THR B 385 -5.54 22.49 40.02
N ILE B 386 -5.90 21.29 39.57
CA ILE B 386 -6.95 20.50 40.19
C ILE B 386 -6.49 20.15 41.61
N HIS B 387 -5.22 19.75 41.72
CA HIS B 387 -4.59 19.40 42.99
C HIS B 387 -4.53 20.63 43.92
N ASP B 388 -4.57 21.81 43.32
CA ASP B 388 -4.58 23.07 44.07
C ASP B 388 -6.01 23.48 44.43
N GLY B 389 -6.98 22.63 44.08
CA GLY B 389 -8.36 22.93 44.41
C GLY B 389 -9.16 23.75 43.43
N LEU B 390 -8.58 24.08 42.27
CA LEU B 390 -9.30 24.85 41.27
C LEU B 390 -10.28 23.93 40.54
N HIS B 391 -11.44 24.48 40.20
CA HIS B 391 -12.48 23.70 39.52
C HIS B 391 -12.28 23.59 38.01
N VAL B 392 -11.18 22.95 37.58
CA VAL B 392 -10.91 22.75 36.16
C VAL B 392 -11.60 21.43 35.87
N LYS B 393 -12.68 21.52 35.10
CA LYS B 393 -13.56 20.40 34.78
C LYS B 393 -13.25 19.50 33.60
N GLY B 394 -12.47 19.98 32.64
CA GLY B 394 -12.18 19.15 31.50
C GLY B 394 -11.11 19.73 30.58
N TYR B 395 -10.74 18.96 29.57
CA TYR B 395 -9.70 19.35 28.61
C TYR B 395 -10.06 18.85 27.22
N MET B 396 -9.95 19.75 26.25
CA MET B 396 -10.23 19.45 24.86
C MET B 396 -9.02 19.78 24.03
N ALA B 397 -8.44 18.74 23.43
CA ALA B 397 -7.26 18.88 22.61
C ALA B 397 -7.60 19.70 21.37
N TRP B 398 -6.86 20.78 21.11
CA TRP B 398 -7.19 21.54 19.94
C TRP B 398 -6.78 20.79 18.73
N SER B 399 -7.87 20.33 18.14
CA SER B 399 -8.04 19.60 16.94
C SER B 399 -7.91 18.14 16.78
N LEU B 400 -9.10 17.60 16.54
CA LEU B 400 -9.31 16.21 16.28
C LEU B 400 -8.60 15.99 14.95
N LEU B 401 -8.75 16.96 14.05
CA LEU B 401 -8.21 16.86 12.70
C LEU B 401 -7.36 18.03 12.26
N ASP B 402 -6.43 17.78 11.34
CA ASP B 402 -5.63 18.84 10.76
C ASP B 402 -6.70 19.59 9.99
N ASN B 403 -6.65 20.93 9.98
CA ASN B 403 -7.70 21.66 9.29
C ASN B 403 -7.26 22.97 8.67
N PHE B 404 -8.24 23.76 8.21
CA PHE B 404 -7.96 25.07 7.63
C PHE B 404 -7.65 25.96 8.83
N GLU B 405 -6.39 26.29 9.01
CA GLU B 405 -5.97 27.12 10.14
C GLU B 405 -5.92 28.62 9.87
N TRP B 406 -7.09 29.24 9.68
CA TRP B 406 -7.23 30.69 9.48
C TRP B 406 -5.97 31.50 9.12
N ALA B 407 -5.91 32.11 7.96
CA ALA B 407 -4.73 32.93 7.59
C ALA B 407 -3.48 32.11 7.33
N GLU B 408 -3.27 31.02 8.07
CA GLU B 408 -2.14 30.13 7.83
C GLU B 408 -2.50 29.12 6.75
N GLY B 409 -3.80 28.91 6.52
CA GLY B 409 -4.24 27.95 5.52
C GLY B 409 -4.10 26.54 6.06
N TYR B 410 -3.84 25.58 5.19
CA TYR B 410 -3.67 24.18 5.60
C TYR B 410 -2.21 23.86 5.93
N ASN B 411 -1.38 24.88 5.82
CA ASN B 411 0.05 24.78 6.07
C ASN B 411 0.43 24.42 7.52
N MET B 412 -0.43 24.79 8.47
CA MET B 412 -0.13 24.56 9.88
C MET B 412 -1.04 23.50 10.51
N ARG B 413 -0.49 22.33 10.77
CA ARG B 413 -1.25 21.21 11.33
C ARG B 413 -1.31 21.12 12.85
N PHE B 414 -2.53 21.12 13.39
CA PHE B 414 -2.75 21.03 14.85
C PHE B 414 -3.46 19.75 15.25
N GLY B 415 -3.80 18.92 14.28
CA GLY B 415 -4.56 17.73 14.61
C GLY B 415 -3.91 16.51 15.21
N MET B 416 -4.73 15.71 15.86
CA MET B 416 -4.26 14.46 16.42
C MET B 416 -4.53 13.38 15.39
N ILE B 417 -5.29 13.74 14.36
CA ILE B 417 -5.59 12.86 13.25
C ILE B 417 -5.16 13.63 12.00
N HIS B 418 -4.26 13.02 11.24
CA HIS B 418 -3.75 13.63 10.02
C HIS B 418 -4.79 13.54 8.91
N VAL B 419 -4.92 14.59 8.13
CA VAL B 419 -5.85 14.61 7.01
C VAL B 419 -5.06 14.97 5.77
N ASP B 420 -5.07 14.08 4.78
CA ASP B 420 -4.40 14.35 3.54
C ASP B 420 -5.46 15.07 2.74
N PHE B 421 -5.34 16.39 2.63
CA PHE B 421 -6.29 17.22 1.91
C PHE B 421 -6.46 16.88 0.42
N ARG B 422 -5.65 15.95 -0.09
CA ARG B 422 -5.77 15.58 -1.48
C ARG B 422 -6.71 14.40 -1.63
N THR B 423 -6.84 13.61 -0.57
CA THR B 423 -7.65 12.42 -0.61
C THR B 423 -8.72 12.39 0.47
N GLN B 424 -8.58 13.29 1.44
CA GLN B 424 -9.47 13.39 2.60
C GLN B 424 -9.26 12.22 3.55
N VAL B 425 -8.25 11.43 3.25
CA VAL B 425 -7.91 10.26 4.06
C VAL B 425 -7.42 10.68 5.45
N ARG B 426 -8.02 10.07 6.48
CA ARG B 426 -7.67 10.33 7.87
C ARG B 426 -6.64 9.31 8.37
N THR B 427 -5.61 9.77 9.07
CA THR B 427 -4.59 8.86 9.62
C THR B 427 -4.30 9.31 11.04
N PRO B 428 -4.84 8.58 12.03
CA PRO B 428 -4.62 8.93 13.44
C PRO B 428 -3.11 8.95 13.73
N LYS B 429 -2.65 10.06 14.31
CA LYS B 429 -1.25 10.24 14.60
C LYS B 429 -0.84 9.46 15.86
N GLU B 430 0.46 9.42 16.14
CA GLU B 430 0.91 8.71 17.32
C GLU B 430 0.38 9.36 18.60
N SER B 431 0.07 10.65 18.53
CA SER B 431 -0.48 11.40 19.67
C SER B 431 -1.90 10.95 19.94
N TYR B 432 -2.59 10.54 18.89
CA TYR B 432 -3.96 10.05 19.01
C TYR B 432 -3.96 8.81 19.94
N TYR B 433 -3.10 7.85 19.62
CA TYR B 433 -3.02 6.62 20.40
C TYR B 433 -2.54 6.85 21.81
N TRP B 434 -1.67 7.84 21.97
CA TRP B 434 -1.16 8.21 23.29
C TRP B 434 -2.31 8.84 24.07
N TYR B 435 -3.02 9.77 23.44
CA TYR B 435 -4.15 10.42 24.09
C TYR B 435 -5.22 9.38 24.47
N ARG B 436 -5.49 8.42 23.57
CA ARG B 436 -6.47 7.38 23.82
C ARG B 436 -6.18 6.71 25.17
N ASN B 437 -4.91 6.41 25.41
CA ASN B 437 -4.51 5.75 26.66
C ASN B 437 -4.72 6.65 27.86
N VAL B 438 -4.35 7.92 27.74
CA VAL B 438 -4.54 8.86 28.84
C VAL B 438 -6.03 9.04 29.19
N VAL B 439 -6.87 9.31 28.18
CA VAL B 439 -8.29 9.53 28.42
C VAL B 439 -9.02 8.27 28.88
N SER B 440 -8.54 7.11 28.42
CA SER B 440 -9.17 5.86 28.82
C SER B 440 -8.73 5.42 30.21
N ASN B 441 -7.45 5.60 30.54
CA ASN B 441 -6.97 5.21 31.86
C ASN B 441 -7.36 6.26 32.88
N ASN B 442 -7.50 7.51 32.44
CA ASN B 442 -7.84 8.63 33.30
C ASN B 442 -6.70 9.06 34.22
N TRP B 443 -5.49 8.68 33.82
CA TRP B 443 -4.28 9.07 34.54
C TRP B 443 -3.17 9.20 33.52
N LEU B 444 -2.22 10.07 33.81
CA LEU B 444 -1.08 10.33 32.93
C LEU B 444 0.19 9.95 33.68
N GLU B 445 1.22 9.54 32.93
CA GLU B 445 2.51 9.21 33.51
C GLU B 445 3.66 9.81 32.69
N THR B 446 4.51 10.60 33.34
CA THR B 446 5.66 11.17 32.66
C THR B 446 6.80 10.21 33.02
N ARG B 447 7.63 9.86 32.06
CA ARG B 447 8.75 8.94 32.28
C ARG B 447 9.99 9.50 31.59
N ARG B 448 11.17 9.06 32.02
CA ARG B 448 12.42 9.52 31.43
C ARG B 448 12.79 8.64 30.24
N THR C 2 4.34 38.38 -5.90
CA THR C 2 3.41 39.10 -6.76
C THR C 2 2.14 38.30 -7.00
N ILE C 3 1.00 39.00 -6.91
CA ILE C 3 -0.31 38.41 -7.12
C ILE C 3 -0.80 38.82 -8.51
N PHE C 4 -1.23 37.83 -9.28
CA PHE C 4 -1.72 38.02 -10.62
C PHE C 4 -3.18 37.58 -10.66
N GLN C 5 -4.08 38.55 -10.68
CA GLN C 5 -5.51 38.28 -10.73
C GLN C 5 -5.93 38.10 -12.19
N PHE C 6 -6.70 37.05 -12.48
CA PHE C 6 -7.16 36.81 -13.85
C PHE C 6 -8.59 37.30 -14.06
N PRO C 7 -8.98 37.53 -15.32
CA PRO C 7 -10.34 38.01 -15.59
C PRO C 7 -11.40 37.02 -15.12
N GLN C 8 -12.52 37.56 -14.67
CA GLN C 8 -13.67 36.79 -14.18
C GLN C 8 -14.06 35.61 -15.06
N ASP C 9 -14.08 35.82 -16.38
CA ASP C 9 -14.47 34.77 -17.29
C ASP C 9 -13.34 34.04 -18.00
N PHE C 10 -12.14 34.09 -17.42
CA PHE C 10 -11.01 33.43 -18.01
C PHE C 10 -11.28 31.92 -18.04
N MET C 11 -11.04 31.30 -19.19
CA MET C 11 -11.28 29.88 -19.37
C MET C 11 -10.06 29.03 -19.06
N TRP C 12 -10.11 28.29 -17.96
CA TRP C 12 -9.03 27.40 -17.54
C TRP C 12 -9.34 25.97 -17.99
N GLY C 13 -8.32 25.27 -18.49
CA GLY C 13 -8.50 23.89 -18.94
C GLY C 13 -7.23 23.06 -19.03
N THR C 14 -7.36 21.86 -19.60
CA THR C 14 -6.24 20.94 -19.83
C THR C 14 -6.58 20.42 -21.23
N ALA C 15 -5.63 19.72 -21.85
CA ALA C 15 -5.81 19.21 -23.19
C ALA C 15 -5.18 17.85 -23.42
N THR C 16 -5.74 17.12 -24.38
CA THR C 16 -5.24 15.81 -24.80
C THR C 16 -5.53 15.70 -26.30
N ALA C 17 -5.13 14.58 -26.87
CA ALA C 17 -5.37 14.29 -28.28
C ALA C 17 -5.75 12.80 -28.30
N ALA C 18 -6.67 12.44 -29.19
CA ALA C 18 -7.17 11.08 -29.28
C ALA C 18 -6.17 9.92 -29.31
N TYR C 19 -5.29 9.93 -30.31
CA TYR C 19 -4.32 8.85 -30.46
C TYR C 19 -3.35 8.75 -29.29
N GLN C 20 -3.18 9.84 -28.56
CA GLN C 20 -2.24 9.83 -27.45
C GLN C 20 -2.78 9.20 -26.17
N ILE C 21 -4.10 9.23 -26.01
CA ILE C 21 -4.75 8.72 -24.81
C ILE C 21 -5.80 7.60 -24.94
N GLU C 22 -6.53 7.54 -26.05
CA GLU C 22 -7.58 6.55 -26.21
C GLU C 22 -6.96 5.18 -26.39
N GLY C 23 -7.35 4.22 -25.57
CA GLY C 23 -6.72 2.94 -25.76
C GLY C 23 -7.60 1.84 -26.33
N ALA C 24 -7.76 1.81 -27.64
CA ALA C 24 -8.60 0.77 -28.21
C ALA C 24 -8.53 0.98 -29.69
N TYR C 25 -7.32 0.88 -30.24
CA TYR C 25 -7.09 1.15 -31.65
C TYR C 25 -7.83 0.32 -32.68
N GLN C 26 -8.29 -0.86 -32.29
CA GLN C 26 -9.03 -1.72 -33.20
C GLN C 26 -10.45 -1.94 -32.72
N GLU C 27 -10.80 -1.30 -31.62
CA GLU C 27 -12.10 -1.46 -31.04
C GLU C 27 -13.22 -0.67 -31.70
N ASP C 28 -14.40 -1.27 -31.67
CA ASP C 28 -15.61 -0.67 -32.23
C ASP C 28 -15.48 -0.16 -33.66
N GLY C 29 -14.85 -0.97 -34.49
CA GLY C 29 -14.68 -0.63 -35.90
C GLY C 29 -13.73 0.48 -36.27
N ARG C 30 -12.91 0.95 -35.33
CA ARG C 30 -11.97 2.00 -35.65
C ARG C 30 -11.03 1.52 -36.75
N GLY C 31 -10.79 2.37 -37.74
CA GLY C 31 -9.87 2.02 -38.80
C GLY C 31 -8.49 2.53 -38.41
N LEU C 32 -7.46 2.12 -39.14
CA LEU C 32 -6.11 2.56 -38.84
C LEU C 32 -5.82 3.96 -39.38
N SER C 33 -5.00 4.72 -38.63
CA SER C 33 -4.60 6.06 -39.05
C SER C 33 -3.14 5.98 -39.45
N ILE C 34 -2.63 7.04 -40.06
CA ILE C 34 -1.24 7.08 -40.49
C ILE C 34 -0.31 6.95 -39.29
N TRP C 35 -0.80 7.30 -38.10
CA TRP C 35 0.00 7.20 -36.90
C TRP C 35 0.10 5.76 -36.36
N ASP C 36 -0.93 4.95 -36.57
CA ASP C 36 -0.89 3.54 -36.15
C ASP C 36 0.20 2.93 -37.01
N THR C 37 0.10 3.21 -38.32
CA THR C 37 1.04 2.74 -39.31
C THR C 37 2.47 3.15 -38.99
N PHE C 38 2.65 4.44 -38.70
CA PHE C 38 3.95 5.00 -38.38
C PHE C 38 4.56 4.34 -37.14
N ALA C 39 3.77 4.29 -36.07
CA ALA C 39 4.24 3.70 -34.82
C ALA C 39 4.51 2.20 -34.94
N HIS C 40 3.84 1.54 -35.89
CA HIS C 40 4.04 0.11 -36.11
C HIS C 40 5.26 -0.19 -37.00
N THR C 41 5.96 0.85 -37.42
CA THR C 41 7.16 0.71 -38.26
C THR C 41 8.42 0.79 -37.41
N PRO C 42 9.29 -0.23 -37.49
CA PRO C 42 10.53 -0.21 -36.71
C PRO C 42 11.33 1.07 -37.01
N GLY C 43 11.85 1.68 -35.95
CA GLY C 43 12.66 2.88 -36.12
C GLY C 43 11.97 4.23 -36.17
N LYS C 44 10.64 4.25 -36.24
CA LYS C 44 9.93 5.52 -36.31
C LYS C 44 9.61 6.15 -34.97
N VAL C 45 9.34 5.32 -33.98
CA VAL C 45 9.00 5.80 -32.64
C VAL C 45 9.90 5.12 -31.62
N PHE C 46 10.34 5.91 -30.64
CA PHE C 46 11.22 5.40 -29.60
C PHE C 46 10.74 4.12 -28.95
N ASN C 47 11.61 3.12 -28.94
CA ASN C 47 11.32 1.85 -28.31
C ASN C 47 10.18 1.05 -28.95
N GLY C 48 9.75 1.46 -30.13
CA GLY C 48 8.67 0.76 -30.78
C GLY C 48 7.33 0.99 -30.09
N ASP C 49 7.26 2.01 -29.25
CA ASP C 49 6.03 2.34 -28.55
C ASP C 49 4.96 2.70 -29.57
N ASN C 50 3.69 2.50 -29.21
CA ASN C 50 2.60 2.86 -30.11
C ASN C 50 1.37 3.22 -29.30
N GLY C 51 0.34 3.72 -29.97
CA GLY C 51 -0.87 4.10 -29.26
C GLY C 51 -1.92 3.01 -29.15
N ASN C 52 -1.55 1.75 -29.30
CA ASN C 52 -2.50 0.64 -29.21
C ASN C 52 -3.33 0.68 -27.93
N VAL C 53 -2.69 0.95 -26.80
CA VAL C 53 -3.37 1.02 -25.49
C VAL C 53 -3.35 2.44 -24.89
N ALA C 54 -2.17 3.08 -24.93
CA ALA C 54 -1.97 4.46 -24.46
C ALA C 54 -2.99 5.05 -23.49
N CYS C 55 -2.87 4.87 -22.20
CA CYS C 55 -3.85 5.47 -21.27
C CYS C 55 -5.24 4.83 -21.21
N ASP C 56 -5.63 4.13 -22.29
CA ASP C 56 -6.92 3.44 -22.32
C ASP C 56 -8.08 4.38 -21.98
N SER C 57 -7.99 5.64 -22.41
CA SER C 57 -9.07 6.59 -22.13
C SER C 57 -10.35 6.26 -22.88
N TYR C 58 -10.28 5.34 -23.85
CA TYR C 58 -11.47 4.92 -24.57
C TYR C 58 -12.40 4.23 -23.55
N HIS C 59 -11.78 3.62 -22.54
CA HIS C 59 -12.51 2.93 -21.48
C HIS C 59 -12.50 3.65 -20.12
N ARG C 60 -11.46 4.44 -19.86
CA ARG C 60 -11.34 5.11 -18.56
C ARG C 60 -11.73 6.57 -18.49
N TYR C 61 -12.41 7.06 -19.52
CA TYR C 61 -12.81 8.46 -19.58
C TYR C 61 -13.62 8.93 -18.38
N GLU C 62 -14.43 8.04 -17.80
CA GLU C 62 -15.23 8.46 -16.66
C GLU C 62 -14.35 8.87 -15.50
N GLU C 63 -13.27 8.12 -15.28
CA GLU C 63 -12.32 8.40 -14.22
C GLU C 63 -11.61 9.73 -14.48
N ASP C 64 -11.13 9.87 -15.71
CA ASP C 64 -10.42 11.08 -16.13
C ASP C 64 -11.31 12.29 -15.93
N ILE C 65 -12.56 12.17 -16.35
CA ILE C 65 -13.49 13.27 -16.21
C ILE C 65 -13.75 13.61 -14.74
N ARG C 66 -13.76 12.59 -13.88
CA ARG C 66 -13.98 12.85 -12.47
C ARG C 66 -12.78 13.64 -11.94
N LEU C 67 -11.59 13.22 -12.36
CA LEU C 67 -10.35 13.89 -11.97
C LEU C 67 -10.29 15.33 -12.44
N MET C 68 -10.75 15.59 -13.66
CA MET C 68 -10.71 16.97 -14.15
C MET C 68 -11.82 17.82 -13.52
N LYS C 69 -12.88 17.17 -13.05
CA LYS C 69 -13.97 17.87 -12.37
C LYS C 69 -13.44 18.34 -11.01
N GLU C 70 -12.65 17.49 -10.37
CA GLU C 70 -12.06 17.79 -9.07
C GLU C 70 -10.97 18.84 -9.21
N LEU C 71 -10.48 19.02 -10.42
CA LEU C 71 -9.45 20.00 -10.71
C LEU C 71 -10.02 21.42 -10.70
N GLY C 72 -11.33 21.54 -10.87
CA GLY C 72 -11.95 22.85 -10.88
C GLY C 72 -11.88 23.54 -12.23
N ILE C 73 -11.50 22.77 -13.23
CA ILE C 73 -11.35 23.23 -14.62
C ILE C 73 -12.70 23.59 -15.29
N ARG C 74 -12.69 24.53 -16.24
CA ARG C 74 -13.93 24.93 -16.92
C ARG C 74 -14.07 24.37 -18.34
N THR C 75 -12.98 23.96 -18.96
CA THR C 75 -13.02 23.42 -20.30
C THR C 75 -12.04 22.26 -20.44
N TYR C 76 -12.33 21.39 -21.39
CA TYR C 76 -11.49 20.24 -21.68
C TYR C 76 -11.27 20.15 -23.19
N ARG C 77 -10.01 20.31 -23.62
CA ARG C 77 -9.73 20.19 -25.04
C ARG C 77 -9.33 18.75 -25.34
N PHE C 78 -9.99 18.18 -26.33
CA PHE C 78 -9.72 16.81 -26.76
C PHE C 78 -9.87 16.79 -28.27
N SER C 79 -9.40 15.72 -28.91
CA SER C 79 -9.54 15.63 -30.35
C SER C 79 -10.40 14.41 -30.70
N VAL C 80 -10.96 14.42 -31.90
CA VAL C 80 -11.82 13.34 -32.36
C VAL C 80 -11.01 12.41 -33.29
N SER C 81 -11.07 11.11 -33.05
CA SER C 81 -10.35 10.19 -33.92
C SER C 81 -11.15 10.00 -35.20
N TRP C 82 -10.68 10.63 -36.27
CA TRP C 82 -11.31 10.55 -37.58
C TRP C 82 -11.61 9.09 -37.99
N PRO C 83 -10.62 8.18 -37.93
CA PRO C 83 -10.90 6.80 -38.32
C PRO C 83 -11.89 6.02 -37.44
N ARG C 84 -12.41 6.66 -36.40
CA ARG C 84 -13.43 6.01 -35.56
C ARG C 84 -14.78 6.40 -36.13
N ILE C 85 -14.84 7.57 -36.76
CA ILE C 85 -16.06 8.11 -37.35
C ILE C 85 -16.21 7.57 -38.78
N PHE C 86 -15.12 7.69 -39.55
CA PHE C 86 -15.10 7.18 -40.92
C PHE C 86 -13.87 6.28 -41.02
N PRO C 87 -14.02 5.00 -40.67
CA PRO C 87 -12.92 4.01 -40.70
C PRO C 87 -12.11 3.95 -41.99
N ASN C 88 -12.67 4.50 -43.06
CA ASN C 88 -12.01 4.56 -44.37
C ASN C 88 -11.61 6.01 -44.69
N GLY C 89 -12.11 6.96 -43.91
CA GLY C 89 -11.84 8.37 -44.13
C GLY C 89 -12.91 8.92 -45.06
N ASP C 90 -13.03 8.23 -46.19
CA ASP C 90 -14.01 8.53 -47.22
C ASP C 90 -14.91 7.31 -47.12
N GLY C 91 -16.16 7.48 -46.68
CA GLY C 91 -17.02 6.31 -46.58
C GLY C 91 -18.30 6.41 -45.79
N GLU C 92 -18.68 5.28 -45.19
CA GLU C 92 -19.88 5.14 -44.40
C GLU C 92 -19.60 5.41 -42.92
N VAL C 93 -20.48 6.18 -42.28
CA VAL C 93 -20.32 6.56 -40.88
C VAL C 93 -20.36 5.38 -39.90
N ASN C 94 -19.54 5.45 -38.87
CA ASN C 94 -19.48 4.43 -37.85
C ASN C 94 -20.16 5.00 -36.60
N GLN C 95 -21.42 4.63 -36.40
CA GLN C 95 -22.18 5.13 -35.25
C GLN C 95 -21.51 4.84 -33.92
N GLU C 96 -20.82 3.71 -33.84
CA GLU C 96 -20.13 3.33 -32.61
C GLU C 96 -19.08 4.37 -32.22
N GLY C 97 -18.38 4.90 -33.22
CA GLY C 97 -17.37 5.91 -32.99
C GLY C 97 -18.03 7.19 -32.47
N LEU C 98 -19.16 7.56 -33.06
CA LEU C 98 -19.90 8.76 -32.64
C LEU C 98 -20.42 8.57 -31.23
N ASP C 99 -20.85 7.36 -30.92
CA ASP C 99 -21.38 7.06 -29.60
C ASP C 99 -20.36 7.33 -28.51
N TYR C 100 -19.10 6.96 -28.78
CA TYR C 100 -18.04 7.16 -27.81
C TYR C 100 -17.96 8.63 -27.43
N TYR C 101 -17.85 9.49 -28.44
CA TYR C 101 -17.76 10.93 -28.18
C TYR C 101 -19.01 11.50 -27.51
N HIS C 102 -20.15 10.86 -27.73
CA HIS C 102 -21.39 11.31 -27.09
C HIS C 102 -21.30 11.00 -25.60
N ARG C 103 -20.71 9.86 -25.27
CA ARG C 103 -20.54 9.46 -23.87
C ARG C 103 -19.62 10.43 -23.18
N VAL C 104 -18.51 10.75 -23.84
CA VAL C 104 -17.52 11.68 -23.33
C VAL C 104 -18.12 13.08 -23.16
N VAL C 105 -18.63 13.64 -24.26
CA VAL C 105 -19.23 14.98 -24.27
C VAL C 105 -20.40 15.16 -23.29
N ASP C 106 -21.27 14.17 -23.18
CA ASP C 106 -22.40 14.29 -22.26
C ASP C 106 -21.93 14.34 -20.84
N LEU C 107 -20.92 13.52 -20.52
CA LEU C 107 -20.34 13.48 -19.18
C LEU C 107 -19.68 14.84 -18.87
N LEU C 108 -18.94 15.39 -19.84
CA LEU C 108 -18.30 16.69 -19.66
C LEU C 108 -19.39 17.68 -19.34
N ASN C 109 -20.36 17.79 -20.22
CA ASN C 109 -21.48 18.71 -20.02
C ASN C 109 -22.21 18.46 -18.70
N ASP C 110 -22.38 17.20 -18.32
CA ASP C 110 -23.05 16.87 -17.05
C ASP C 110 -22.25 17.43 -15.89
N ASN C 111 -20.95 17.54 -16.09
CA ASN C 111 -20.05 18.04 -15.06
C ASN C 111 -19.69 19.51 -15.17
N GLY C 112 -20.40 20.24 -16.02
CA GLY C 112 -20.15 21.67 -16.19
C GLY C 112 -18.83 22.01 -16.87
N ILE C 113 -18.26 21.03 -17.57
CA ILE C 113 -17.00 21.23 -18.26
C ILE C 113 -17.29 21.42 -19.75
N GLU C 114 -16.95 22.58 -20.27
CA GLU C 114 -17.15 22.91 -21.68
C GLU C 114 -16.23 22.19 -22.65
N PRO C 115 -16.78 21.35 -23.54
CA PRO C 115 -15.92 20.65 -24.51
C PRO C 115 -15.26 21.66 -25.46
N PHE C 116 -13.99 21.44 -25.78
CA PHE C 116 -13.26 22.29 -26.70
C PHE C 116 -12.74 21.23 -27.69
N CYS C 117 -13.48 21.06 -28.78
CA CYS C 117 -13.20 20.03 -29.78
C CYS C 117 -12.24 20.32 -30.91
N THR C 118 -11.19 19.50 -30.98
CA THR C 118 -10.19 19.59 -32.03
C THR C 118 -10.54 18.48 -33.03
N LEU C 119 -11.03 18.88 -34.21
CA LEU C 119 -11.41 17.92 -35.24
C LEU C 119 -10.24 17.12 -35.74
N TYR C 120 -9.18 17.82 -36.14
CA TYR C 120 -8.01 17.13 -36.66
C TYR C 120 -6.76 17.21 -35.80
N HIS C 121 -6.40 16.07 -35.23
CA HIS C 121 -5.21 16.00 -34.44
C HIS C 121 -4.26 14.90 -34.90
N TRP C 122 -3.97 14.94 -36.21
CA TRP C 122 -3.01 14.09 -36.89
C TRP C 122 -3.35 12.66 -37.29
N ASP C 123 -4.47 12.14 -36.82
CA ASP C 123 -4.84 10.76 -37.15
C ASP C 123 -5.63 10.58 -38.45
N LEU C 124 -4.99 10.90 -39.57
CA LEU C 124 -5.59 10.73 -40.88
C LEU C 124 -5.78 9.24 -41.16
N PRO C 125 -6.97 8.84 -41.62
CA PRO C 125 -7.22 7.41 -41.91
C PRO C 125 -6.19 6.96 -42.95
N GLN C 126 -5.61 5.78 -42.73
CA GLN C 126 -4.60 5.22 -43.62
C GLN C 126 -5.07 5.13 -45.06
N ALA C 127 -6.35 4.79 -45.23
CA ALA C 127 -6.96 4.66 -46.56
C ALA C 127 -6.77 5.90 -47.40
N LEU C 128 -6.93 7.07 -46.79
CA LEU C 128 -6.75 8.34 -47.50
C LEU C 128 -5.27 8.56 -47.81
N GLN C 129 -4.41 8.15 -46.88
CA GLN C 129 -2.97 8.31 -47.09
C GLN C 129 -2.56 7.48 -48.29
N ASP C 130 -3.15 6.31 -48.41
CA ASP C 130 -2.87 5.41 -49.51
C ASP C 130 -3.17 6.11 -50.85
N ALA C 131 -4.18 6.97 -50.85
CA ALA C 131 -4.55 7.71 -52.04
C ALA C 131 -3.78 9.03 -52.20
N GLY C 132 -2.79 9.24 -51.34
CA GLY C 132 -2.01 10.46 -51.40
C GLY C 132 -2.14 11.35 -50.18
N GLY C 133 -3.04 10.97 -49.27
CA GLY C 133 -3.24 11.74 -48.06
C GLY C 133 -3.55 13.19 -48.36
N TRP C 134 -3.01 14.09 -47.55
CA TRP C 134 -3.24 15.52 -47.72
C TRP C 134 -2.64 16.10 -48.99
N GLY C 135 -1.87 15.29 -49.70
CA GLY C 135 -1.29 15.75 -50.94
C GLY C 135 -2.33 15.69 -52.04
N ASN C 136 -3.43 14.97 -51.77
CA ASN C 136 -4.53 14.78 -52.72
C ASN C 136 -5.75 15.62 -52.33
N ARG C 137 -6.19 16.50 -53.23
CA ARG C 137 -7.35 17.36 -52.94
C ARG C 137 -8.62 16.60 -52.57
N ARG C 138 -8.68 15.33 -52.92
CA ARG C 138 -9.87 14.57 -52.56
C ARG C 138 -9.97 14.43 -51.04
N THR C 139 -8.82 14.50 -50.37
CA THR C 139 -8.79 14.40 -48.93
C THR C 139 -9.48 15.62 -48.31
N ILE C 140 -9.44 16.75 -49.00
CA ILE C 140 -10.11 17.95 -48.52
C ILE C 140 -11.61 17.62 -48.38
N GLN C 141 -12.18 16.98 -49.42
CA GLN C 141 -13.60 16.60 -49.46
C GLN C 141 -13.95 15.64 -48.34
N ALA C 142 -13.06 14.67 -48.11
CA ALA C 142 -13.25 13.69 -47.05
C ALA C 142 -13.28 14.41 -45.71
N PHE C 143 -12.39 15.40 -45.54
CA PHE C 143 -12.35 16.14 -44.28
C PHE C 143 -13.62 16.95 -44.05
N VAL C 144 -14.10 17.64 -45.09
CA VAL C 144 -15.31 18.42 -44.94
C VAL C 144 -16.49 17.53 -44.53
N GLN C 145 -16.56 16.32 -45.08
CA GLN C 145 -17.62 15.37 -44.74
C GLN C 145 -17.52 15.06 -43.24
N PHE C 146 -16.30 14.75 -42.78
CA PHE C 146 -15.99 14.45 -41.38
C PHE C 146 -16.43 15.62 -40.47
N ALA C 147 -16.02 16.84 -40.84
CA ALA C 147 -16.36 18.05 -40.10
C ALA C 147 -17.89 18.23 -40.01
N GLU C 148 -18.57 18.09 -41.14
CA GLU C 148 -20.02 18.22 -41.20
C GLU C 148 -20.71 17.25 -40.26
N THR C 149 -20.24 16.01 -40.29
CA THR C 149 -20.81 14.95 -39.46
C THR C 149 -20.75 15.33 -37.99
N MET C 150 -19.60 15.81 -37.58
CA MET C 150 -19.40 16.21 -36.19
C MET C 150 -20.22 17.45 -35.85
N PHE C 151 -20.28 18.41 -36.77
CA PHE C 151 -21.04 19.64 -36.56
C PHE C 151 -22.54 19.32 -36.36
N ARG C 152 -23.06 18.40 -37.17
CA ARG C 152 -24.45 18.02 -37.08
C ARG C 152 -24.73 17.14 -35.87
N GLU C 153 -23.86 16.16 -35.65
CA GLU C 153 -24.02 15.24 -34.52
C GLU C 153 -23.92 15.92 -33.16
N PHE C 154 -22.97 16.84 -33.02
CA PHE C 154 -22.76 17.50 -31.74
C PHE C 154 -23.19 18.92 -31.66
N HIS C 155 -24.07 19.31 -32.58
CA HIS C 155 -24.55 20.67 -32.66
C HIS C 155 -24.68 21.46 -31.36
N GLY C 156 -25.57 21.07 -30.46
CA GLY C 156 -25.70 21.90 -29.26
C GLY C 156 -24.93 21.44 -28.04
N LYS C 157 -24.01 20.50 -28.20
CA LYS C 157 -23.24 19.96 -27.09
C LYS C 157 -21.83 20.53 -26.99
N ILE C 158 -21.30 21.03 -28.10
CA ILE C 158 -19.97 21.60 -28.18
C ILE C 158 -20.07 23.05 -28.64
N GLN C 159 -19.40 23.97 -27.96
CA GLN C 159 -19.45 25.38 -28.32
C GLN C 159 -18.11 25.93 -28.79
N HIS C 160 -17.06 25.13 -28.73
CA HIS C 160 -15.72 25.57 -29.13
C HIS C 160 -15.12 24.52 -30.04
N TRP C 161 -14.74 24.94 -31.24
CA TRP C 161 -14.21 24.01 -32.22
C TRP C 161 -12.92 24.50 -32.86
N LEU C 162 -12.04 23.55 -33.16
CA LEU C 162 -10.79 23.87 -33.83
C LEU C 162 -10.72 22.89 -34.97
N THR C 163 -10.43 23.39 -36.16
CA THR C 163 -10.33 22.52 -37.31
C THR C 163 -9.04 21.70 -37.25
N PHE C 164 -7.90 22.39 -37.27
CA PHE C 164 -6.61 21.71 -37.24
C PHE C 164 -5.75 22.10 -36.06
N ASN C 165 -4.96 21.13 -35.60
CA ASN C 165 -4.04 21.36 -34.52
C ASN C 165 -2.64 21.27 -35.08
N GLU C 166 -1.88 22.35 -34.95
CA GLU C 166 -0.50 22.46 -35.42
C GLU C 166 -0.23 22.14 -36.87
N PRO C 167 -0.69 23.01 -37.77
CA PRO C 167 -0.50 22.84 -39.20
C PRO C 167 0.99 22.66 -39.58
N TRP C 168 1.88 23.35 -38.87
CA TRP C 168 3.31 23.22 -39.16
C TRP C 168 3.78 21.76 -38.98
N CYS C 169 3.41 21.14 -37.87
CA CYS C 169 3.82 19.77 -37.59
C CYS C 169 3.20 18.81 -38.65
N ILE C 170 1.91 19.00 -38.95
CA ILE C 170 1.20 18.18 -39.94
C ILE C 170 1.86 18.25 -41.32
N ALA C 171 2.23 19.46 -41.73
CA ALA C 171 2.85 19.65 -43.04
C ALA C 171 4.35 19.45 -43.09
N PHE C 172 5.10 20.36 -42.45
CA PHE C 172 6.56 20.32 -42.48
C PHE C 172 7.29 19.25 -41.65
N LEU C 173 6.90 19.08 -40.38
CA LEU C 173 7.55 18.09 -39.53
C LEU C 173 7.27 16.67 -40.03
N SER C 174 6.08 16.47 -40.60
CA SER C 174 5.66 15.17 -41.11
C SER C 174 6.02 14.85 -42.56
N ASN C 175 6.06 15.87 -43.41
CA ASN C 175 6.34 15.65 -44.83
C ASN C 175 7.64 16.20 -45.37
N MET C 176 8.32 17.03 -44.59
CA MET C 176 9.60 17.59 -45.04
C MET C 176 10.72 17.01 -44.19
N LEU C 177 10.48 16.93 -42.88
CA LEU C 177 11.46 16.42 -41.93
C LEU C 177 11.31 14.93 -41.63
N GLY C 178 10.18 14.34 -42.00
CA GLY C 178 9.95 12.92 -41.78
C GLY C 178 9.88 12.43 -40.34
N VAL C 179 9.75 13.34 -39.38
CA VAL C 179 9.73 12.95 -37.97
C VAL C 179 8.37 12.42 -37.49
N HIS C 180 7.29 12.97 -38.02
CA HIS C 180 5.95 12.54 -37.66
C HIS C 180 5.26 11.89 -38.85
N ALA C 181 4.22 11.10 -38.59
CA ALA C 181 3.48 10.44 -39.68
C ALA C 181 2.95 11.48 -40.67
N PRO C 182 2.95 11.16 -41.99
CA PRO C 182 3.40 9.92 -42.63
C PRO C 182 4.90 9.72 -42.83
N GLY C 183 5.71 10.62 -42.26
CA GLY C 183 7.15 10.49 -42.35
C GLY C 183 7.84 10.70 -43.70
N LEU C 184 7.37 11.66 -44.47
CA LEU C 184 7.98 11.93 -45.77
C LEU C 184 9.01 13.05 -45.65
N THR C 185 9.86 13.20 -46.66
CA THR C 185 10.89 14.24 -46.68
C THR C 185 10.96 14.88 -48.06
N ASN C 186 9.94 15.66 -48.40
CA ASN C 186 9.85 16.31 -49.69
C ASN C 186 9.16 17.64 -49.45
N LEU C 187 9.89 18.71 -49.74
CA LEU C 187 9.41 20.07 -49.55
C LEU C 187 8.09 20.32 -50.26
N GLN C 188 8.03 19.93 -51.53
CA GLN C 188 6.84 20.14 -52.32
C GLN C 188 5.60 19.50 -51.70
N THR C 189 5.72 18.25 -51.24
CA THR C 189 4.56 17.59 -50.65
C THR C 189 4.17 18.24 -49.32
N ALA C 190 5.16 18.77 -48.59
CA ALA C 190 4.89 19.46 -47.33
C ALA C 190 4.06 20.71 -47.63
N ILE C 191 4.44 21.42 -48.68
CA ILE C 191 3.75 22.63 -49.12
C ILE C 191 2.34 22.26 -49.61
N ASP C 192 2.23 21.13 -50.32
CA ASP C 192 0.93 20.67 -50.83
C ASP C 192 0.02 20.38 -49.65
N VAL C 193 0.55 19.64 -48.68
CA VAL C 193 -0.19 19.29 -47.48
C VAL C 193 -0.65 20.55 -46.75
N GLY C 194 0.26 21.51 -46.58
CA GLY C 194 -0.09 22.73 -45.89
C GLY C 194 -1.21 23.50 -46.59
N HIS C 195 -1.15 23.56 -47.90
CA HIS C 195 -2.15 24.28 -48.68
C HIS C 195 -3.50 23.57 -48.66
N HIS C 196 -3.48 22.25 -48.80
CA HIS C 196 -4.73 21.50 -48.80
C HIS C 196 -5.42 21.52 -47.46
N LEU C 197 -4.65 21.50 -46.36
CA LEU C 197 -5.27 21.57 -45.05
C LEU C 197 -5.89 22.96 -44.84
N LEU C 198 -5.28 23.99 -45.43
CA LEU C 198 -5.82 25.35 -45.33
C LEU C 198 -7.15 25.45 -46.09
N VAL C 199 -7.24 24.77 -47.23
CA VAL C 199 -8.47 24.77 -48.01
C VAL C 199 -9.55 24.00 -47.23
N ALA C 200 -9.16 22.84 -46.67
CA ALA C 200 -10.08 22.03 -45.88
C ALA C 200 -10.62 22.86 -44.72
N HIS C 201 -9.73 23.60 -44.07
CA HIS C 201 -10.11 24.47 -42.96
C HIS C 201 -11.15 25.52 -43.39
N GLY C 202 -10.87 26.23 -44.47
CA GLY C 202 -11.79 27.26 -44.95
C GLY C 202 -13.18 26.71 -45.28
N LEU C 203 -13.21 25.57 -45.97
CA LEU C 203 -14.47 24.92 -46.32
C LEU C 203 -15.24 24.48 -45.09
N SER C 204 -14.53 23.92 -44.11
CA SER C 204 -15.17 23.46 -42.88
C SER C 204 -15.79 24.62 -42.09
N VAL C 205 -15.15 25.78 -42.10
CA VAL C 205 -15.70 26.94 -41.40
C VAL C 205 -16.99 27.38 -42.12
N ARG C 206 -16.98 27.33 -43.44
CA ARG C 206 -18.14 27.65 -44.27
C ARG C 206 -19.29 26.76 -43.86
N ARG C 207 -19.07 25.44 -43.89
CA ARG C 207 -20.11 24.49 -43.50
C ARG C 207 -20.62 24.81 -42.10
N PHE C 208 -19.71 25.12 -41.19
CA PHE C 208 -20.06 25.45 -39.81
C PHE C 208 -21.08 26.59 -39.82
N ARG C 209 -20.78 27.61 -40.62
CA ARG C 209 -21.65 28.77 -40.72
C ARG C 209 -22.96 28.43 -41.42
N GLU C 210 -22.89 27.67 -42.52
CA GLU C 210 -24.08 27.29 -43.29
C GLU C 210 -25.03 26.40 -42.49
N LEU C 211 -24.47 25.48 -41.71
CA LEU C 211 -25.27 24.60 -40.88
C LEU C 211 -25.82 25.28 -39.64
N GLY C 212 -25.32 26.47 -39.32
CA GLY C 212 -25.76 27.19 -38.13
C GLY C 212 -25.34 26.45 -36.87
N THR C 213 -24.20 25.78 -36.91
CA THR C 213 -23.70 25.04 -35.76
C THR C 213 -23.41 25.92 -34.55
N SER C 214 -23.51 25.35 -33.35
CA SER C 214 -23.27 26.06 -32.08
C SER C 214 -21.82 26.41 -31.83
N GLY C 215 -21.65 27.58 -31.22
CA GLY C 215 -20.32 28.04 -30.83
C GLY C 215 -19.46 28.83 -31.76
N GLN C 216 -18.17 28.76 -31.50
CA GLN C 216 -17.17 29.46 -32.25
C GLN C 216 -16.20 28.46 -32.84
N ILE C 217 -15.50 28.85 -33.88
CA ILE C 217 -14.59 27.94 -34.54
C ILE C 217 -13.31 28.65 -34.95
N GLY C 218 -12.19 27.96 -34.83
CA GLY C 218 -10.91 28.51 -35.20
C GLY C 218 -9.92 27.42 -35.59
N ILE C 219 -8.63 27.75 -35.58
CA ILE C 219 -7.58 26.81 -35.92
C ILE C 219 -6.50 26.98 -34.84
N ALA C 220 -5.71 25.95 -34.56
CA ALA C 220 -4.72 26.07 -33.49
C ALA C 220 -3.29 25.81 -33.90
N PRO C 221 -2.62 26.80 -34.49
CA PRO C 221 -1.22 26.58 -34.90
C PRO C 221 -0.23 26.53 -33.73
N ASN C 222 0.83 25.75 -33.88
CA ASN C 222 1.87 25.75 -32.86
C ASN C 222 2.70 26.98 -33.22
N VAL C 223 3.04 27.75 -32.20
CA VAL C 223 3.76 28.97 -32.37
C VAL C 223 5.26 28.83 -32.11
N SER C 224 6.04 29.48 -32.96
CA SER C 224 7.49 29.47 -32.89
C SER C 224 7.96 30.88 -32.51
N TRP C 225 9.10 30.98 -31.83
CA TRP C 225 9.64 32.30 -31.48
C TRP C 225 11.15 32.20 -31.41
N ALA C 226 11.81 32.99 -32.24
CA ALA C 226 13.26 32.99 -32.33
C ALA C 226 13.75 34.42 -32.27
N VAL C 227 14.85 34.62 -31.55
CA VAL C 227 15.49 35.90 -31.37
C VAL C 227 16.90 35.78 -32.00
N PRO C 228 17.38 36.82 -32.71
CA PRO C 228 18.71 36.68 -33.33
C PRO C 228 19.92 36.75 -32.42
N TYR C 229 20.93 35.95 -32.73
CA TYR C 229 22.17 35.92 -31.96
C TYR C 229 22.92 37.25 -32.11
N SER C 230 23.15 37.67 -33.36
CA SER C 230 23.80 38.94 -33.62
C SER C 230 22.75 39.90 -34.17
N THR C 231 23.16 41.14 -34.36
CA THR C 231 22.27 42.17 -34.87
C THR C 231 22.30 42.20 -36.42
N SER C 232 22.87 41.16 -37.04
CA SER C 232 22.97 41.12 -38.49
C SER C 232 21.64 40.94 -39.18
N GLU C 233 21.54 41.44 -40.40
CA GLU C 233 20.32 41.34 -41.19
C GLU C 233 20.04 39.85 -41.48
N GLU C 234 21.09 39.07 -41.70
CA GLU C 234 20.93 37.67 -42.00
C GLU C 234 20.40 36.86 -40.82
N ASP C 235 20.84 37.17 -39.60
CA ASP C 235 20.35 36.44 -38.44
C ASP C 235 18.90 36.84 -38.22
N LYS C 236 18.61 38.10 -38.50
CA LYS C 236 17.28 38.63 -38.35
C LYS C 236 16.33 37.91 -39.34
N ALA C 237 16.81 37.69 -40.55
CA ALA C 237 16.05 37.00 -41.59
C ALA C 237 15.81 35.53 -41.21
N ALA C 238 16.87 34.89 -40.70
CA ALA C 238 16.80 33.50 -40.27
C ALA C 238 15.69 33.34 -39.23
N CYS C 239 15.58 34.30 -38.32
CA CYS C 239 14.55 34.24 -37.29
C CYS C 239 13.17 34.49 -37.87
N ALA C 240 13.07 35.37 -38.88
CA ALA C 240 11.79 35.66 -39.52
C ALA C 240 11.28 34.38 -40.19
N ARG C 241 12.16 33.66 -40.88
CA ARG C 241 11.79 32.41 -41.52
C ARG C 241 11.25 31.38 -40.51
N THR C 242 12.00 31.21 -39.42
CA THR C 242 11.65 30.29 -38.35
C THR C 242 10.28 30.62 -37.74
N ILE C 243 10.08 31.89 -37.44
CA ILE C 243 8.84 32.37 -36.85
C ILE C 243 7.67 32.24 -37.81
N SER C 244 7.84 32.80 -38.99
CA SER C 244 6.83 32.82 -40.03
C SER C 244 6.34 31.50 -40.58
N LEU C 245 7.18 30.48 -40.67
CA LEU C 245 6.72 29.21 -41.22
C LEU C 245 5.70 28.50 -40.31
N HIS C 246 5.88 28.66 -39.00
CA HIS C 246 4.98 28.06 -38.02
C HIS C 246 3.62 28.76 -37.96
N SER C 247 3.67 30.10 -37.92
CA SER C 247 2.44 30.85 -37.80
C SER C 247 1.97 31.59 -39.05
N ASP C 248 2.73 32.60 -39.49
CA ASP C 248 2.35 33.40 -40.66
C ASP C 248 2.04 32.59 -41.91
N TRP C 249 2.75 31.48 -42.09
CA TRP C 249 2.49 30.69 -43.26
C TRP C 249 1.06 30.20 -43.34
N PHE C 250 0.44 30.02 -42.18
CA PHE C 250 -0.94 29.58 -42.12
C PHE C 250 -1.90 30.70 -41.75
N LEU C 251 -1.44 31.67 -40.96
CA LEU C 251 -2.29 32.77 -40.54
C LEU C 251 -2.44 33.89 -41.57
N GLN C 252 -1.43 34.12 -42.40
CA GLN C 252 -1.54 35.19 -43.38
C GLN C 252 -2.60 34.84 -44.44
N PRO C 253 -2.64 33.59 -44.93
CA PRO C 253 -3.67 33.27 -45.91
C PRO C 253 -5.05 33.41 -45.27
N ILE C 254 -5.15 32.99 -44.01
CA ILE C 254 -6.41 33.06 -43.28
C ILE C 254 -6.88 34.48 -43.03
N TYR C 255 -5.99 35.32 -42.53
CA TYR C 255 -6.35 36.69 -42.20
C TYR C 255 -6.11 37.72 -43.27
N GLN C 256 -5.14 37.49 -44.14
CA GLN C 256 -4.83 38.50 -45.14
C GLN C 256 -4.96 38.07 -46.59
N GLY C 257 -5.29 36.81 -46.80
CA GLY C 257 -5.46 36.33 -48.16
C GLY C 257 -4.22 36.06 -48.97
N SER C 258 -3.09 35.80 -48.33
CA SER C 258 -1.85 35.51 -49.06
C SER C 258 -0.83 34.79 -48.21
N TYR C 259 0.10 34.10 -48.85
CA TYR C 259 1.17 33.43 -48.13
C TYR C 259 2.31 34.46 -47.98
N PRO C 260 3.14 34.33 -46.93
CA PRO C 260 4.26 35.26 -46.72
C PRO C 260 5.16 35.24 -47.96
N GLN C 261 5.17 36.33 -48.68
CA GLN C 261 5.97 36.40 -49.90
C GLN C 261 7.42 35.97 -49.77
N PHE C 262 8.11 36.43 -48.72
CA PHE C 262 9.50 36.07 -48.55
C PHE C 262 9.69 34.56 -48.41
N LEU C 263 8.71 33.88 -47.86
CA LEU C 263 8.80 32.42 -47.72
C LEU C 263 8.39 31.75 -49.03
N VAL C 264 7.53 32.42 -49.79
CA VAL C 264 7.13 31.92 -51.09
C VAL C 264 8.39 31.95 -51.96
N ASP C 265 9.12 33.06 -51.89
CA ASP C 265 10.35 33.23 -52.66
C ASP C 265 11.42 32.24 -52.23
N TRP C 266 11.53 32.03 -50.92
CA TRP C 266 12.50 31.11 -50.35
C TRP C 266 12.31 29.71 -50.91
N PHE C 267 11.07 29.20 -50.83
CA PHE C 267 10.74 27.87 -51.32
C PHE C 267 10.86 27.79 -52.83
N ALA C 268 10.55 28.90 -53.51
CA ALA C 268 10.69 28.94 -54.95
C ALA C 268 12.16 28.69 -55.30
N GLU C 269 13.06 29.28 -54.50
CA GLU C 269 14.50 29.10 -54.71
C GLU C 269 14.86 27.63 -54.61
N GLN C 270 14.07 26.90 -53.82
CA GLN C 270 14.30 25.47 -53.64
C GLN C 270 13.47 24.61 -54.58
N GLY C 271 12.86 25.26 -55.56
CA GLY C 271 12.06 24.56 -56.55
C GLY C 271 10.68 24.10 -56.18
N ALA C 272 10.11 24.66 -55.12
CA ALA C 272 8.78 24.27 -54.69
C ALA C 272 7.85 25.46 -54.82
N THR C 273 6.62 25.21 -55.25
CA THR C 273 5.61 26.26 -55.41
C THR C 273 4.30 25.78 -54.83
N VAL C 274 3.54 26.71 -54.28
CA VAL C 274 2.26 26.37 -53.68
C VAL C 274 1.24 26.09 -54.79
N PRO C 275 0.53 24.96 -54.71
CA PRO C 275 -0.48 24.58 -55.71
C PRO C 275 -1.78 25.34 -55.50
N ILE C 276 -1.75 26.65 -55.69
CA ILE C 276 -2.92 27.50 -55.51
C ILE C 276 -3.82 27.51 -56.75
N GLN C 277 -5.07 27.09 -56.57
CA GLN C 277 -6.06 27.08 -57.65
C GLN C 277 -6.90 28.33 -57.45
N ASP C 278 -7.57 28.77 -58.50
CA ASP C 278 -8.43 29.94 -58.42
C ASP C 278 -9.48 29.73 -57.33
N GLY C 279 -9.67 30.76 -56.51
CA GLY C 279 -10.59 30.82 -55.36
C GLY C 279 -10.14 30.07 -54.12
N ASP C 280 -8.98 29.44 -54.18
CA ASP C 280 -8.46 28.74 -53.02
C ASP C 280 -8.24 29.79 -51.93
N MET C 281 -7.54 30.88 -52.27
CA MET C 281 -7.26 31.92 -51.29
C MET C 281 -8.52 32.53 -50.68
N ASP C 282 -9.58 32.67 -51.48
CA ASP C 282 -10.84 33.23 -51.00
C ASP C 282 -11.49 32.28 -50.02
N ILE C 283 -11.40 30.98 -50.29
CA ILE C 283 -11.97 29.98 -49.41
C ILE C 283 -11.21 29.97 -48.07
N ILE C 284 -9.87 30.02 -48.15
CA ILE C 284 -9.01 30.03 -46.97
C ILE C 284 -9.26 31.25 -46.09
N GLY C 285 -9.59 32.37 -46.71
CA GLY C 285 -9.85 33.60 -45.97
C GLY C 285 -11.17 33.66 -45.22
N GLU C 286 -11.87 32.53 -45.10
CA GLU C 286 -13.15 32.49 -44.40
C GLU C 286 -12.95 32.99 -42.95
N PRO C 287 -13.73 34.00 -42.54
CA PRO C 287 -13.63 34.58 -41.19
C PRO C 287 -13.72 33.56 -40.09
N ILE C 288 -12.79 33.62 -39.13
CA ILE C 288 -12.80 32.68 -38.00
C ILE C 288 -13.02 33.44 -36.69
N ASP C 289 -13.56 32.74 -35.70
CA ASP C 289 -13.89 33.35 -34.42
C ASP C 289 -12.72 33.60 -33.48
N MET C 290 -11.69 32.75 -33.56
CA MET C 290 -10.53 32.85 -32.70
C MET C 290 -9.50 31.88 -33.16
N ILE C 291 -8.36 31.86 -32.48
CA ILE C 291 -7.32 30.89 -32.79
C ILE C 291 -6.79 30.33 -31.48
N GLY C 292 -6.27 29.12 -31.57
CA GLY C 292 -5.64 28.51 -30.43
C GLY C 292 -4.16 28.69 -30.74
N ILE C 293 -3.36 28.88 -29.69
CA ILE C 293 -1.92 29.07 -29.83
C ILE C 293 -1.22 28.01 -28.95
N ASN C 294 -0.32 27.23 -29.54
CA ASN C 294 0.42 26.21 -28.79
C ASN C 294 1.85 26.71 -28.60
N TYR C 295 2.25 26.92 -27.35
CA TYR C 295 3.58 27.43 -27.05
C TYR C 295 4.33 26.63 -26.00
N TYR C 296 5.60 26.35 -26.26
CA TYR C 296 6.41 25.57 -25.34
C TYR C 296 7.77 26.15 -25.04
N SER C 297 8.43 26.63 -26.09
CA SER C 297 9.77 27.13 -25.95
C SER C 297 10.05 28.32 -26.88
N MET C 298 11.27 28.83 -26.76
CA MET C 298 11.76 29.99 -27.48
C MET C 298 13.23 29.71 -27.79
N SER C 299 13.76 30.28 -28.87
CA SER C 299 15.16 30.06 -29.20
C SER C 299 15.89 31.31 -29.66
N VAL C 300 17.22 31.20 -29.70
CA VAL C 300 18.10 32.26 -30.18
C VAL C 300 18.72 31.61 -31.40
N ASN C 301 18.51 32.20 -32.58
CA ASN C 301 19.00 31.64 -33.82
C ASN C 301 19.97 32.53 -34.57
N ARG C 302 20.67 31.93 -35.51
CA ARG C 302 21.58 32.65 -36.39
C ARG C 302 21.50 32.02 -37.78
N PHE C 303 21.83 32.80 -38.80
CA PHE C 303 21.84 32.28 -40.14
C PHE C 303 22.96 31.26 -40.31
N ASN C 304 22.64 30.14 -40.94
CA ASN C 304 23.62 29.09 -41.20
C ASN C 304 23.11 28.32 -42.40
N PRO C 305 23.83 28.42 -43.54
CA PRO C 305 23.50 27.76 -44.80
C PRO C 305 23.36 26.26 -44.71
N GLU C 306 23.98 25.66 -43.71
CA GLU C 306 23.91 24.22 -43.52
C GLU C 306 22.82 23.86 -42.50
N ALA C 307 22.17 24.85 -41.92
CA ALA C 307 21.16 24.60 -40.91
C ALA C 307 19.73 24.29 -41.38
N GLY C 308 19.59 23.22 -42.17
CA GLY C 308 18.28 22.82 -42.63
C GLY C 308 17.70 23.65 -43.76
N PHE C 309 16.46 23.33 -44.14
CA PHE C 309 15.80 24.03 -45.23
C PHE C 309 15.55 25.51 -45.00
N LEU C 310 15.54 25.93 -43.74
CA LEU C 310 15.36 27.35 -43.45
C LEU C 310 16.68 28.05 -43.14
N GLN C 311 17.77 27.28 -43.12
CA GLN C 311 19.11 27.82 -42.85
C GLN C 311 19.09 28.76 -41.64
N SER C 312 18.52 28.25 -40.56
CA SER C 312 18.37 28.95 -39.30
C SER C 312 18.86 27.98 -38.24
N GLU C 313 19.96 28.33 -37.60
CA GLU C 313 20.57 27.52 -36.56
C GLU C 313 20.21 28.02 -35.16
N GLU C 314 19.81 27.10 -34.30
CA GLU C 314 19.47 27.43 -32.93
C GLU C 314 20.74 27.29 -32.09
N ILE C 315 21.01 28.33 -31.30
CA ILE C 315 22.19 28.35 -30.45
C ILE C 315 21.83 27.79 -29.08
N ASN C 316 22.70 26.94 -28.54
CA ASN C 316 22.51 26.40 -27.21
C ASN C 316 23.11 27.48 -26.29
N MET C 317 22.24 28.31 -25.71
CA MET C 317 22.60 29.40 -24.83
C MET C 317 22.95 29.01 -23.39
N GLY C 318 22.96 27.72 -23.10
CA GLY C 318 23.27 27.26 -21.76
C GLY C 318 22.09 27.27 -20.80
N LEU C 319 20.91 27.69 -21.25
CA LEU C 319 19.72 27.73 -20.39
C LEU C 319 19.29 26.35 -19.95
N PRO C 320 18.74 26.23 -18.73
CA PRO C 320 18.26 24.96 -18.20
C PRO C 320 17.12 24.46 -19.12
N VAL C 321 17.03 23.13 -19.26
CA VAL C 321 16.03 22.53 -20.13
C VAL C 321 15.12 21.56 -19.41
N THR C 322 13.99 21.27 -20.03
CA THR C 322 13.03 20.32 -19.51
C THR C 322 13.61 18.95 -19.81
N ASP C 323 12.92 17.89 -19.39
CA ASP C 323 13.40 16.53 -19.62
C ASP C 323 13.40 16.05 -21.06
N ILE C 324 12.76 16.80 -21.96
CA ILE C 324 12.75 16.45 -23.37
C ILE C 324 13.83 17.31 -24.07
N GLY C 325 14.47 18.17 -23.28
CA GLY C 325 15.56 19.01 -23.77
C GLY C 325 15.21 20.40 -24.26
N TRP C 326 14.02 20.89 -23.95
CA TRP C 326 13.66 22.23 -24.39
C TRP C 326 13.99 23.25 -23.31
N PRO C 327 14.62 24.36 -23.70
CA PRO C 327 14.94 25.38 -22.70
C PRO C 327 13.67 26.12 -22.29
N VAL C 328 13.56 26.49 -21.02
CA VAL C 328 12.37 27.23 -20.62
C VAL C 328 12.72 28.72 -20.60
N GLU C 329 11.91 29.51 -21.31
CA GLU C 329 12.05 30.96 -21.41
C GLU C 329 10.66 31.43 -21.79
N SER C 330 9.87 31.75 -20.78
CA SER C 330 8.49 32.17 -20.94
C SER C 330 8.23 33.47 -21.68
N ARG C 331 9.19 34.39 -21.67
CA ARG C 331 9.03 35.68 -22.35
C ARG C 331 8.60 35.45 -23.80
N GLY C 332 9.02 34.33 -24.38
CA GLY C 332 8.66 33.99 -25.75
C GLY C 332 7.17 34.02 -25.97
N LEU C 333 6.39 33.61 -24.96
CA LEU C 333 4.92 33.62 -25.05
C LEU C 333 4.43 35.08 -25.15
N TYR C 334 4.93 35.94 -24.28
CA TYR C 334 4.58 37.35 -24.30
C TYR C 334 4.89 37.94 -25.68
N GLU C 335 6.07 37.62 -26.19
CA GLU C 335 6.53 38.11 -27.50
C GLU C 335 5.65 37.70 -28.67
N VAL C 336 5.35 36.40 -28.83
CA VAL C 336 4.49 35.96 -29.95
C VAL C 336 3.10 36.54 -29.86
N LEU C 337 2.54 36.58 -28.65
CA LEU C 337 1.20 37.13 -28.49
C LEU C 337 1.16 38.56 -29.02
N HIS C 338 2.19 39.34 -28.72
CA HIS C 338 2.26 40.72 -29.19
C HIS C 338 2.54 40.77 -30.69
N TYR C 339 3.34 39.82 -31.15
CA TYR C 339 3.67 39.71 -32.55
C TYR C 339 2.41 39.40 -33.39
N LEU C 340 1.56 38.54 -32.86
CA LEU C 340 0.35 38.12 -33.57
C LEU C 340 -0.66 39.24 -33.71
N GLN C 341 -0.43 40.36 -33.03
CA GLN C 341 -1.33 41.49 -33.11
C GLN C 341 -1.35 42.09 -34.49
N LYS C 342 -0.46 41.60 -35.35
CA LYS C 342 -0.39 42.05 -36.74
C LYS C 342 -1.69 41.64 -37.46
N TYR C 343 -2.42 40.67 -36.89
CA TYR C 343 -3.70 40.19 -37.45
C TYR C 343 -4.89 40.82 -36.78
N GLY C 344 -4.60 41.76 -35.88
CA GLY C 344 -5.64 42.44 -35.14
C GLY C 344 -5.63 41.86 -33.75
N ASN C 345 -6.41 42.44 -32.84
CA ASN C 345 -6.49 41.97 -31.47
C ASN C 345 -7.53 40.90 -31.47
N ILE C 346 -7.20 39.78 -32.11
CA ILE C 346 -8.07 38.64 -32.21
C ILE C 346 -8.17 37.86 -30.90
N ASP C 347 -9.20 37.01 -30.80
CA ASP C 347 -9.36 36.19 -29.62
C ASP C 347 -8.36 35.04 -29.71
N ILE C 348 -7.59 34.86 -28.63
CA ILE C 348 -6.58 33.81 -28.59
C ILE C 348 -6.72 32.98 -27.33
N TYR C 349 -6.63 31.66 -27.50
CA TYR C 349 -6.69 30.73 -26.39
C TYR C 349 -5.34 30.01 -26.45
N ILE C 350 -4.68 29.88 -25.30
CA ILE C 350 -3.42 29.15 -25.26
C ILE C 350 -3.93 27.73 -25.14
N THR C 351 -4.12 27.08 -26.28
CA THR C 351 -4.66 25.72 -26.33
C THR C 351 -3.68 24.65 -25.85
N GLU C 352 -2.40 25.00 -25.74
CA GLU C 352 -1.38 24.09 -25.23
C GLU C 352 -0.18 24.83 -24.65
N ASN C 353 0.25 24.39 -23.48
CA ASN C 353 1.44 24.91 -22.82
C ASN C 353 1.78 23.95 -21.69
N GLY C 354 2.99 23.40 -21.71
CA GLY C 354 3.37 22.46 -20.68
C GLY C 354 4.85 22.11 -20.76
N ALA C 355 5.28 21.19 -19.90
CA ALA C 355 6.67 20.80 -19.87
C ALA C 355 6.87 19.31 -19.67
N CYS C 356 7.90 18.78 -20.30
CA CYS C 356 8.22 17.38 -20.10
C CYS C 356 9.05 17.30 -18.83
N ILE C 357 8.46 16.74 -17.77
CA ILE C 357 9.13 16.57 -16.48
C ILE C 357 8.79 15.13 -16.13
N ASN C 358 9.81 14.28 -16.15
CA ASN C 358 9.63 12.86 -15.93
C ASN C 358 9.55 12.27 -14.52
N ASP C 359 9.32 13.11 -13.51
CA ASP C 359 9.19 12.63 -12.14
C ASP C 359 8.13 11.54 -12.06
N GLU C 360 8.41 10.54 -11.24
CA GLU C 360 7.52 9.41 -11.05
C GLU C 360 6.93 9.43 -9.65
N VAL C 361 6.11 8.43 -9.35
CA VAL C 361 5.46 8.31 -8.05
C VAL C 361 6.47 7.82 -7.01
N VAL C 362 6.68 8.62 -5.98
CA VAL C 362 7.60 8.29 -4.88
C VAL C 362 6.85 8.65 -3.61
N ASN C 363 6.69 7.73 -2.68
CA ASN C 363 6.00 8.05 -1.43
C ASN C 363 4.55 8.43 -1.73
N GLY C 364 3.99 7.79 -2.76
CA GLY C 364 2.62 8.07 -3.14
C GLY C 364 2.33 9.38 -3.83
N LYS C 365 3.36 10.16 -4.15
CA LYS C 365 3.13 11.42 -4.84
C LYS C 365 4.16 11.65 -5.93
N VAL C 366 3.89 12.63 -6.78
CA VAL C 366 4.79 12.98 -7.87
C VAL C 366 5.17 14.42 -7.59
N GLN C 367 6.39 14.60 -7.11
CA GLN C 367 6.89 15.90 -6.72
C GLN C 367 7.43 16.67 -7.91
N ASP C 368 6.55 16.97 -8.86
CA ASP C 368 6.95 17.70 -10.06
C ASP C 368 7.05 19.23 -9.90
N ASP C 369 7.95 19.67 -9.01
CA ASP C 369 8.15 21.09 -8.75
C ASP C 369 8.54 21.87 -9.99
N ARG C 370 9.27 21.22 -10.89
CA ARG C 370 9.71 21.87 -12.11
C ARG C 370 8.55 22.17 -13.06
N ARG C 371 7.46 21.39 -13.01
CA ARG C 371 6.34 21.66 -13.88
C ARG C 371 5.56 22.82 -13.29
N ILE C 372 5.50 22.89 -11.97
CA ILE C 372 4.81 23.98 -11.29
C ILE C 372 5.57 25.26 -11.63
N SER C 373 6.90 25.17 -11.59
CA SER C 373 7.76 26.29 -11.90
C SER C 373 7.52 26.77 -13.33
N TYR C 374 7.55 25.83 -14.26
CA TYR C 374 7.34 26.15 -15.66
C TYR C 374 5.99 26.86 -15.87
N MET C 375 4.92 26.24 -15.39
CA MET C 375 3.57 26.77 -15.57
C MET C 375 3.40 28.16 -14.98
N GLN C 376 3.93 28.33 -13.78
CA GLN C 376 3.89 29.58 -13.05
C GLN C 376 4.48 30.74 -13.88
N GLN C 377 5.64 30.49 -14.50
CA GLN C 377 6.30 31.51 -15.32
C GLN C 377 5.50 31.83 -16.58
N HIS C 378 4.86 30.83 -17.15
CA HIS C 378 4.08 31.06 -18.36
C HIS C 378 2.73 31.72 -18.08
N LEU C 379 2.14 31.42 -16.93
CA LEU C 379 0.87 32.02 -16.56
C LEU C 379 1.08 33.50 -16.24
N VAL C 380 2.27 33.86 -15.77
CA VAL C 380 2.60 35.25 -15.50
C VAL C 380 2.56 35.99 -16.84
N GLN C 381 3.16 35.40 -17.87
CA GLN C 381 3.16 36.02 -19.19
C GLN C 381 1.74 36.18 -19.73
N VAL C 382 0.87 35.19 -19.47
CA VAL C 382 -0.53 35.25 -19.91
C VAL C 382 -1.21 36.47 -19.29
N HIS C 383 -1.07 36.61 -17.97
CA HIS C 383 -1.64 37.74 -17.23
C HIS C 383 -1.10 39.05 -17.81
N ARG C 384 0.19 39.06 -18.06
CA ARG C 384 0.91 40.21 -18.61
C ARG C 384 0.29 40.67 -19.93
N THR C 385 -0.02 39.74 -20.83
CA THR C 385 -0.62 40.11 -22.13
C THR C 385 -2.05 40.64 -21.95
N ILE C 386 -2.79 40.04 -21.03
CA ILE C 386 -4.16 40.45 -20.72
C ILE C 386 -4.10 41.89 -20.19
N HIS C 387 -3.14 42.13 -19.29
CA HIS C 387 -2.93 43.45 -18.70
C HIS C 387 -2.51 44.46 -19.78
N ASP C 388 -1.97 43.97 -20.89
CA ASP C 388 -1.60 44.82 -22.02
C ASP C 388 -2.77 45.01 -22.97
N GLY C 389 -3.94 44.47 -22.61
CA GLY C 389 -5.12 44.62 -23.44
C GLY C 389 -5.35 43.59 -24.54
N LEU C 390 -4.50 42.58 -24.63
CA LEU C 390 -4.68 41.55 -25.65
C LEU C 390 -5.81 40.61 -25.22
N HIS C 391 -6.59 40.16 -26.19
CA HIS C 391 -7.72 39.28 -25.93
C HIS C 391 -7.35 37.82 -25.77
N VAL C 392 -6.56 37.50 -24.75
CA VAL C 392 -6.18 36.11 -24.49
C VAL C 392 -7.30 35.63 -23.56
N LYS C 393 -8.10 34.72 -24.10
CA LYS C 393 -9.29 34.20 -23.45
C LYS C 393 -9.19 32.98 -22.53
N GLY C 394 -8.12 32.20 -22.64
CA GLY C 394 -8.02 31.04 -21.79
C GLY C 394 -6.69 30.34 -21.92
N TYR C 395 -6.51 29.29 -21.11
CA TYR C 395 -5.27 28.54 -21.05
C TYR C 395 -5.58 27.08 -20.76
N MET C 396 -4.96 26.21 -21.55
CA MET C 396 -5.11 24.78 -21.42
C MET C 396 -3.75 24.14 -21.22
N ALA C 397 -3.55 23.55 -20.05
CA ALA C 397 -2.29 22.91 -19.70
C ALA C 397 -2.07 21.72 -20.64
N TRP C 398 -0.92 21.65 -21.32
CA TRP C 398 -0.73 20.51 -22.16
C TRP C 398 -0.48 19.29 -21.33
N SER C 399 -1.55 18.53 -21.37
CA SER C 399 -1.80 17.27 -20.77
C SER C 399 -2.25 17.01 -19.40
N LEU C 400 -3.50 16.56 -19.40
CA LEU C 400 -4.21 16.15 -18.23
C LEU C 400 -3.46 14.91 -17.76
N LEU C 401 -3.05 14.09 -18.72
CA LEU C 401 -2.40 12.83 -18.44
C LEU C 401 -1.10 12.60 -19.17
N ASP C 402 -0.22 11.82 -18.55
CA ASP C 402 1.03 11.43 -19.21
C ASP C 402 0.51 10.59 -20.37
N ASN C 403 1.09 10.71 -21.55
CA ASN C 403 0.55 9.94 -22.67
C ASN C 403 1.58 9.51 -23.70
N PHE C 404 1.07 8.98 -24.83
CA PHE C 404 1.94 8.55 -25.91
C PHE C 404 2.39 9.83 -26.58
N GLU C 405 3.64 10.19 -26.34
CA GLU C 405 4.23 11.42 -26.87
C GLU C 405 4.88 11.37 -28.27
N TRP C 406 4.12 11.01 -29.29
CA TRP C 406 4.59 10.93 -30.69
C TRP C 406 6.11 10.81 -30.91
N ALA C 407 6.59 9.71 -31.44
CA ALA C 407 8.04 9.57 -31.71
C ALA C 407 8.88 9.43 -30.46
N GLU C 408 8.50 10.11 -29.38
CA GLU C 408 9.20 9.96 -28.10
C GLU C 408 8.64 8.75 -27.34
N GLY C 409 7.43 8.32 -27.71
CA GLY C 409 6.80 7.21 -27.04
C GLY C 409 6.27 7.65 -25.68
N TYR C 410 6.27 6.74 -24.72
CA TYR C 410 5.78 7.04 -23.36
C TYR C 410 6.91 7.55 -22.47
N ASN C 411 8.09 7.64 -23.06
CA ASN C 411 9.30 8.08 -22.38
C ASN C 411 9.26 9.53 -21.86
N MET C 412 8.51 10.38 -22.54
CA MET C 412 8.44 11.79 -22.18
C MET C 412 7.09 12.20 -21.58
N ARG C 413 7.06 12.42 -20.27
CA ARG C 413 5.84 12.79 -19.54
C ARG C 413 5.50 14.28 -19.45
N PHE C 414 4.32 14.65 -19.95
CA PHE C 414 3.86 16.04 -19.94
C PHE C 414 2.64 16.24 -19.05
N GLY C 415 2.14 15.17 -18.46
CA GLY C 415 0.93 15.30 -17.69
C GLY C 415 0.94 15.87 -16.30
N MET C 416 -0.23 16.34 -15.90
CA MET C 416 -0.40 16.86 -14.55
C MET C 416 -0.91 15.70 -13.69
N ILE C 417 -1.30 14.62 -14.37
CA ILE C 417 -1.75 13.40 -13.72
C ILE C 417 -0.85 12.28 -14.25
N HIS C 418 -0.17 11.61 -13.34
CA HIS C 418 0.73 10.53 -13.71
C HIS C 418 -0.07 9.29 -14.06
N VAL C 419 0.37 8.60 -15.11
CA VAL C 419 -0.28 7.37 -15.53
C VAL C 419 0.77 6.26 -15.55
N ASP C 420 0.55 5.24 -14.75
CA ASP C 420 1.47 4.12 -14.74
C ASP C 420 0.94 3.23 -15.86
N PHE C 421 1.61 3.25 -17.00
CA PHE C 421 1.19 2.47 -18.17
C PHE C 421 1.13 0.96 -17.96
N ARG C 422 1.55 0.48 -16.80
CA ARG C 422 1.53 -0.94 -16.52
C ARG C 422 0.23 -1.31 -15.84
N THR C 423 -0.37 -0.34 -15.15
CA THR C 423 -1.59 -0.59 -14.40
C THR C 423 -2.73 0.33 -14.80
N GLN C 424 -2.40 1.37 -15.56
CA GLN C 424 -3.34 2.40 -16.00
C GLN C 424 -3.78 3.26 -14.82
N VAL C 425 -3.12 3.05 -13.69
CA VAL C 425 -3.41 3.81 -12.48
C VAL C 425 -3.04 5.30 -12.62
N ARG C 426 -3.99 6.17 -12.31
CA ARG C 426 -3.80 7.61 -12.37
C ARG C 426 -3.35 8.16 -11.01
N THR C 427 -2.35 9.02 -10.98
CA THR C 427 -1.89 9.63 -9.72
C THR C 427 -1.67 11.11 -9.98
N PRO C 428 -2.62 11.95 -9.54
CA PRO C 428 -2.49 13.40 -9.73
C PRO C 428 -1.16 13.90 -9.12
N LYS C 429 -0.40 14.63 -9.93
CA LYS C 429 0.89 15.15 -9.51
C LYS C 429 0.75 16.36 -8.61
N GLU C 430 1.86 16.82 -8.02
CA GLU C 430 1.76 17.99 -7.15
C GLU C 430 1.34 19.22 -7.95
N SER C 431 1.61 19.22 -9.26
CA SER C 431 1.24 20.33 -10.14
C SER C 431 -0.29 20.37 -10.31
N TYR C 432 -0.91 19.20 -10.25
CA TYR C 432 -2.36 19.09 -10.36
C TYR C 432 -3.01 19.89 -9.22
N TYR C 433 -2.55 19.64 -8.00
CA TYR C 433 -3.10 20.30 -6.82
C TYR C 433 -2.81 21.79 -6.80
N TRP C 434 -1.66 22.16 -7.36
CA TRP C 434 -1.24 23.55 -7.45
C TRP C 434 -2.16 24.20 -8.48
N TYR C 435 -2.33 23.56 -9.63
CA TYR C 435 -3.17 24.10 -10.69
C TYR C 435 -4.62 24.24 -10.20
N ARG C 436 -5.10 23.24 -9.45
CA ARG C 436 -6.46 23.27 -8.90
C ARG C 436 -6.68 24.58 -8.11
N ASN C 437 -5.69 24.98 -7.33
CA ASN C 437 -5.79 26.21 -6.53
C ASN C 437 -5.81 27.45 -7.41
N VAL C 438 -4.95 27.48 -8.43
CA VAL C 438 -4.91 28.62 -9.34
C VAL C 438 -6.23 28.76 -10.12
N VAL C 439 -6.71 27.68 -10.72
CA VAL C 439 -7.94 27.74 -11.51
C VAL C 439 -9.17 27.97 -10.66
N SER C 440 -9.15 27.50 -9.42
CA SER C 440 -10.28 27.71 -8.53
C SER C 440 -10.30 29.11 -7.92
N ASN C 441 -9.13 29.62 -7.55
CA ASN C 441 -9.04 30.96 -6.97
C ASN C 441 -9.12 32.00 -8.08
N ASN C 442 -8.68 31.64 -9.27
CA ASN C 442 -8.67 32.53 -10.42
C ASN C 442 -7.62 33.64 -10.32
N TRP C 443 -6.62 33.39 -9.49
CA TRP C 443 -5.49 34.29 -9.34
C TRP C 443 -4.27 33.44 -9.00
N LEU C 444 -3.10 33.93 -9.40
CA LEU C 444 -1.84 33.25 -9.18
C LEU C 444 -0.96 34.13 -8.29
N GLU C 445 -0.08 33.50 -7.51
CA GLU C 445 0.87 34.22 -6.65
C GLU C 445 2.26 33.61 -6.76
N THR C 446 3.24 34.44 -7.10
CA THR C 446 4.61 33.97 -7.16
C THR C 446 5.20 34.40 -5.81
N ARG C 447 5.95 33.52 -5.17
CA ARG C 447 6.56 33.81 -3.88
C ARG C 447 8.01 33.35 -3.88
N ARG C 448 8.82 33.92 -2.99
CA ARG C 448 10.23 33.55 -2.90
C ARG C 448 10.41 32.35 -1.97
N THR D 2 20.57 -2.01 -33.05
CA THR D 2 20.16 -2.92 -34.12
C THR D 2 18.72 -3.38 -33.94
N ILE D 3 18.00 -3.40 -35.05
CA ILE D 3 16.61 -3.83 -35.08
C ILE D 3 16.55 -5.22 -35.69
N PHE D 4 15.87 -6.12 -34.98
CA PHE D 4 15.73 -7.51 -35.38
C PHE D 4 14.24 -7.79 -35.60
N GLN D 5 13.83 -7.83 -36.86
CA GLN D 5 12.44 -8.10 -37.21
C GLN D 5 12.21 -9.61 -37.27
N PHE D 6 11.14 -10.08 -36.65
CA PHE D 6 10.84 -11.52 -36.64
C PHE D 6 9.78 -11.87 -37.69
N PRO D 7 9.74 -13.16 -38.11
CA PRO D 7 8.75 -13.57 -39.12
C PRO D 7 7.32 -13.33 -38.66
N GLN D 8 6.47 -12.99 -39.62
CA GLN D 8 5.05 -12.73 -39.38
C GLN D 8 4.36 -13.75 -38.49
N ASP D 9 4.64 -15.03 -38.72
CA ASP D 9 3.99 -16.06 -37.96
C ASP D 9 4.83 -16.68 -36.83
N PHE D 10 5.82 -15.94 -36.36
CA PHE D 10 6.66 -16.44 -35.28
C PHE D 10 5.81 -16.64 -34.04
N MET D 11 5.95 -17.78 -33.40
CA MET D 11 5.16 -18.11 -32.23
C MET D 11 5.88 -17.72 -30.93
N TRP D 12 5.34 -16.72 -30.24
CA TRP D 12 5.89 -16.23 -28.97
C TRP D 12 5.10 -16.85 -27.83
N GLY D 13 5.81 -17.26 -26.76
CA GLY D 13 5.15 -17.84 -25.62
C GLY D 13 5.97 -17.85 -24.33
N THR D 14 5.44 -18.52 -23.31
CA THR D 14 6.10 -18.69 -22.02
C THR D 14 5.81 -20.15 -21.71
N ALA D 15 6.47 -20.68 -20.69
CA ALA D 15 6.30 -22.09 -20.34
C ALA D 15 6.36 -22.36 -18.84
N THR D 16 5.70 -23.44 -18.45
CA THR D 16 5.67 -23.90 -17.06
C THR D 16 5.62 -25.43 -17.11
N ALA D 17 5.62 -26.05 -15.94
CA ALA D 17 5.50 -27.50 -15.80
C ALA D 17 4.55 -27.69 -14.62
N ALA D 18 3.72 -28.73 -14.69
CA ALA D 18 2.71 -28.99 -13.68
C ALA D 18 3.15 -29.00 -12.21
N TYR D 19 4.10 -29.85 -11.87
CA TYR D 19 4.54 -29.97 -10.49
C TYR D 19 5.19 -28.71 -9.96
N GLN D 20 5.67 -27.87 -10.87
CA GLN D 20 6.33 -26.64 -10.44
C GLN D 20 5.39 -25.50 -10.07
N ILE D 21 4.19 -25.51 -10.63
CA ILE D 21 3.21 -24.46 -10.41
C ILE D 21 1.81 -24.84 -9.84
N GLU D 22 1.31 -26.04 -10.12
CA GLU D 22 -0.01 -26.42 -9.65
C GLU D 22 0.01 -26.65 -8.15
N GLY D 23 -0.85 -25.97 -7.43
CA GLY D 23 -0.79 -26.18 -6.00
C GLY D 23 -1.94 -26.94 -5.39
N ALA D 24 -1.90 -28.26 -5.46
CA ALA D 24 -3.00 -29.03 -4.90
C ALA D 24 -2.61 -30.47 -5.10
N TYR D 25 -1.48 -30.85 -4.51
CA TYR D 25 -0.94 -32.18 -4.71
C TYR D 25 -1.80 -33.37 -4.28
N GLN D 26 -2.74 -33.15 -3.37
CA GLN D 26 -3.62 -34.22 -2.93
C GLN D 26 -5.05 -33.97 -3.32
N GLU D 27 -5.28 -32.86 -4.02
CA GLU D 27 -6.61 -32.48 -4.41
C GLU D 27 -7.19 -33.22 -5.60
N ASP D 28 -8.51 -33.40 -5.56
CA ASP D 28 -9.25 -34.07 -6.62
C ASP D 28 -8.71 -35.41 -7.08
N GLY D 29 -8.33 -36.22 -6.10
CA GLY D 29 -7.83 -37.55 -6.38
C GLY D 29 -6.45 -37.70 -6.98
N ARG D 30 -5.68 -36.62 -7.04
CA ARG D 30 -4.34 -36.72 -7.61
C ARG D 30 -3.52 -37.71 -6.80
N GLY D 31 -2.80 -38.58 -7.50
CA GLY D 31 -1.95 -39.53 -6.82
C GLY D 31 -0.56 -38.92 -6.69
N LEU D 32 0.30 -39.54 -5.89
CA LEU D 32 1.65 -39.03 -5.72
C LEU D 32 2.57 -39.38 -6.89
N SER D 33 3.50 -38.49 -7.21
CA SER D 33 4.48 -38.70 -8.27
C SER D 33 5.83 -38.94 -7.60
N ILE D 34 6.81 -39.38 -8.38
CA ILE D 34 8.14 -39.61 -7.83
C ILE D 34 8.74 -38.32 -7.30
N TRP D 35 8.23 -37.19 -7.78
CA TRP D 35 8.73 -35.90 -7.32
C TRP D 35 8.16 -35.48 -5.97
N ASP D 36 6.92 -35.90 -5.67
CA ASP D 36 6.33 -35.60 -4.37
C ASP D 36 7.20 -36.37 -3.37
N THR D 37 7.41 -37.64 -3.70
CA THR D 37 8.21 -38.55 -2.90
C THR D 37 9.61 -38.01 -2.67
N PHE D 38 10.25 -37.57 -3.74
CA PHE D 38 11.62 -37.04 -3.71
C PHE D 38 11.68 -35.80 -2.83
N ALA D 39 10.79 -34.84 -3.08
CA ALA D 39 10.75 -33.60 -2.33
C ALA D 39 10.42 -33.80 -0.85
N HIS D 40 9.70 -34.88 -0.55
CA HIS D 40 9.33 -35.20 0.83
C HIS D 40 10.44 -35.94 1.59
N THR D 41 11.57 -36.18 0.93
CA THR D 41 12.70 -36.87 1.54
C THR D 41 13.74 -35.86 2.01
N PRO D 42 14.12 -35.91 3.29
CA PRO D 42 15.13 -34.97 3.82
C PRO D 42 16.42 -35.04 3.00
N GLY D 43 16.97 -33.87 2.67
CA GLY D 43 18.21 -33.83 1.94
C GLY D 43 18.14 -33.87 0.42
N LYS D 44 16.98 -34.10 -0.16
CA LYS D 44 16.87 -34.17 -1.63
C LYS D 44 16.64 -32.82 -2.30
N VAL D 45 15.89 -31.95 -1.63
CA VAL D 45 15.58 -30.63 -2.18
C VAL D 45 15.96 -29.57 -1.17
N PHE D 46 16.52 -28.47 -1.65
CA PHE D 46 16.93 -27.37 -0.80
C PHE D 46 15.87 -26.90 0.17
N ASN D 47 16.25 -26.86 1.45
CA ASN D 47 15.37 -26.38 2.50
C ASN D 47 14.12 -27.24 2.73
N GLY D 48 14.07 -28.43 2.14
CA GLY D 48 12.91 -29.28 2.30
C GLY D 48 11.70 -28.74 1.56
N ASP D 49 11.93 -27.84 0.61
CA ASP D 49 10.86 -27.29 -0.19
C ASP D 49 10.20 -28.41 -1.00
N ASN D 50 8.93 -28.24 -1.34
CA ASN D 50 8.22 -29.25 -2.15
C ASN D 50 7.15 -28.56 -2.95
N GLY D 51 6.53 -29.31 -3.87
CA GLY D 51 5.49 -28.74 -4.70
C GLY D 51 4.08 -28.88 -4.15
N ASN D 52 3.92 -29.08 -2.84
CA ASN D 52 2.58 -29.22 -2.24
C ASN D 52 1.66 -28.06 -2.60
N VAL D 53 2.17 -26.83 -2.53
CA VAL D 53 1.39 -25.63 -2.86
C VAL D 53 1.90 -24.92 -4.11
N ALA D 54 3.23 -24.75 -4.21
CA ALA D 54 3.89 -24.13 -5.38
C ALA D 54 3.06 -23.27 -6.31
N CYS D 55 2.90 -21.97 -6.06
CA CYS D 55 2.12 -21.13 -7.01
C CYS D 55 0.59 -21.32 -6.99
N ASP D 56 0.13 -22.49 -6.55
CA ASP D 56 -1.30 -22.76 -6.46
C ASP D 56 -2.03 -22.51 -7.80
N SER D 57 -1.36 -22.78 -8.92
CA SER D 57 -1.98 -22.57 -10.22
C SER D 57 -3.14 -23.52 -10.49
N TYR D 58 -3.31 -24.54 -9.64
CA TYR D 58 -4.44 -25.46 -9.78
C TYR D 58 -5.72 -24.63 -9.51
N HIS D 59 -5.57 -23.59 -8.71
CA HIS D 59 -6.67 -22.71 -8.34
C HIS D 59 -6.59 -21.32 -8.95
N ARG D 60 -5.37 -20.85 -9.23
CA ARG D 60 -5.19 -19.49 -9.75
C ARG D 60 -4.93 -19.35 -11.24
N TYR D 61 -5.18 -20.42 -11.99
CA TYR D 61 -4.96 -20.41 -13.44
C TYR D 61 -5.69 -19.28 -14.16
N GLU D 62 -6.87 -18.90 -13.69
CA GLU D 62 -7.61 -17.84 -14.37
C GLU D 62 -6.81 -16.54 -14.35
N GLU D 63 -6.20 -16.24 -13.22
CA GLU D 63 -5.40 -15.03 -13.05
C GLU D 63 -4.18 -15.09 -13.96
N ASP D 64 -3.49 -16.22 -13.92
CA ASP D 64 -2.29 -16.44 -14.73
C ASP D 64 -2.60 -16.25 -16.20
N ILE D 65 -3.71 -16.85 -16.63
CA ILE D 65 -4.12 -16.74 -18.01
C ILE D 65 -4.46 -15.30 -18.39
N ARG D 66 -5.02 -14.54 -17.45
CA ARG D 66 -5.33 -13.15 -17.75
C ARG D 66 -4.01 -12.40 -17.95
N LEU D 67 -3.04 -12.69 -17.08
CA LEU D 67 -1.73 -12.07 -17.16
C LEU D 67 -1.02 -12.42 -18.45
N MET D 68 -1.11 -13.67 -18.90
CA MET D 68 -0.45 -14.01 -20.15
C MET D 68 -1.19 -13.47 -21.36
N LYS D 69 -2.49 -13.20 -21.21
CA LYS D 69 -3.27 -12.63 -22.28
C LYS D 69 -2.83 -11.16 -22.46
N GLU D 70 -2.57 -10.49 -21.34
CA GLU D 70 -2.13 -9.11 -21.34
C GLU D 70 -0.68 -9.00 -21.83
N LEU D 71 0.01 -10.13 -21.82
CA LEU D 71 1.39 -10.19 -22.28
C LEU D 71 1.47 -10.14 -23.81
N GLY D 72 0.37 -10.46 -24.47
CA GLY D 72 0.35 -10.44 -25.94
C GLY D 72 0.91 -11.70 -26.56
N ILE D 73 1.09 -12.72 -25.72
CA ILE D 73 1.62 -14.02 -26.10
C ILE D 73 0.68 -14.84 -27.01
N ARG D 74 1.23 -15.69 -27.88
CA ARG D 74 0.39 -16.48 -28.78
C ARG D 74 0.24 -17.96 -28.37
N THR D 75 1.16 -18.44 -27.56
CA THR D 75 1.12 -19.83 -27.12
C THR D 75 1.53 -19.96 -25.66
N TYR D 76 1.05 -21.00 -25.01
CA TYR D 76 1.37 -21.28 -23.63
C TYR D 76 1.78 -22.74 -23.49
N ARG D 77 3.04 -22.98 -23.12
CA ARG D 77 3.49 -24.36 -22.92
C ARG D 77 3.30 -24.73 -21.45
N PHE D 78 2.64 -25.85 -21.23
CA PHE D 78 2.38 -26.35 -19.88
C PHE D 78 2.47 -27.86 -19.96
N SER D 79 2.57 -28.53 -18.82
CA SER D 79 2.62 -29.98 -18.82
C SER D 79 1.41 -30.54 -18.08
N VAL D 80 1.09 -31.79 -18.36
CA VAL D 80 -0.04 -32.47 -17.76
C VAL D 80 0.44 -33.35 -16.61
N SER D 81 -0.21 -33.24 -15.44
CA SER D 81 0.18 -34.08 -14.32
C SER D 81 -0.40 -35.47 -14.52
N TRP D 82 0.47 -36.41 -14.90
CA TRP D 82 0.08 -37.79 -15.12
C TRP D 82 -0.73 -38.37 -13.94
N PRO D 83 -0.22 -38.25 -12.69
CA PRO D 83 -0.99 -38.80 -11.57
C PRO D 83 -2.33 -38.13 -11.26
N ARG D 84 -2.71 -37.12 -12.04
CA ARG D 84 -4.02 -36.48 -11.85
C ARG D 84 -4.98 -37.18 -12.79
N ILE D 85 -4.45 -37.71 -13.89
CA ILE D 85 -5.25 -38.41 -14.90
C ILE D 85 -5.36 -39.88 -14.51
N PHE D 86 -4.23 -40.50 -14.17
CA PHE D 86 -4.20 -41.88 -13.73
C PHE D 86 -3.44 -41.90 -12.42
N PRO D 87 -4.14 -41.67 -11.30
CA PRO D 87 -3.58 -41.65 -9.95
C PRO D 87 -2.66 -42.82 -9.58
N ASN D 88 -2.77 -43.91 -10.34
CA ASN D 88 -1.94 -45.09 -10.14
C ASN D 88 -0.94 -45.24 -11.30
N GLY D 89 -1.13 -44.46 -12.36
CA GLY D 89 -0.27 -44.52 -13.53
C GLY D 89 -0.86 -45.53 -14.50
N ASP D 90 -1.08 -46.72 -13.96
CA ASP D 90 -1.67 -47.84 -14.67
C ASP D 90 -2.99 -47.96 -13.92
N GLY D 91 -4.12 -47.68 -14.59
CA GLY D 91 -5.39 -47.80 -13.90
C GLY D 91 -6.63 -47.17 -14.51
N GLU D 92 -7.51 -46.75 -13.61
CA GLU D 92 -8.77 -46.13 -13.97
C GLU D 92 -8.64 -44.60 -14.06
N VAL D 93 -9.21 -44.02 -15.11
CA VAL D 93 -9.14 -42.57 -15.37
C VAL D 93 -9.83 -41.73 -14.30
N ASN D 94 -9.20 -40.60 -13.99
CA ASN D 94 -9.73 -39.66 -13.01
C ASN D 94 -10.30 -38.47 -13.79
N GLN D 95 -11.61 -38.48 -13.97
CA GLN D 95 -12.28 -37.42 -14.71
C GLN D 95 -12.02 -36.03 -14.13
N GLU D 96 -11.86 -35.95 -12.83
CA GLU D 96 -11.60 -34.68 -12.16
C GLU D 96 -10.29 -34.07 -12.66
N GLY D 97 -9.29 -34.92 -12.85
CA GLY D 97 -8.00 -34.48 -13.37
C GLY D 97 -8.15 -33.94 -14.78
N LEU D 98 -8.91 -34.65 -15.61
CA LEU D 98 -9.15 -34.22 -16.99
C LEU D 98 -9.92 -32.91 -17.01
N ASP D 99 -10.85 -32.77 -16.08
CA ASP D 99 -11.66 -31.55 -16.01
C ASP D 99 -10.81 -30.31 -15.79
N TYR D 100 -9.79 -30.45 -14.94
CA TYR D 100 -8.90 -29.33 -14.65
C TYR D 100 -8.27 -28.81 -15.93
N TYR D 101 -7.67 -29.70 -16.70
CA TYR D 101 -7.03 -29.32 -17.94
C TYR D 101 -8.02 -28.77 -18.97
N HIS D 102 -9.28 -29.20 -18.87
CA HIS D 102 -10.31 -28.70 -19.78
C HIS D 102 -10.60 -27.25 -19.45
N ARG D 103 -10.59 -26.93 -18.16
CA ARG D 103 -10.83 -25.56 -17.69
C ARG D 103 -9.70 -24.67 -18.15
N VAL D 104 -8.49 -25.16 -18.00
CA VAL D 104 -7.28 -24.43 -18.41
C VAL D 104 -7.28 -24.23 -19.95
N VAL D 105 -7.33 -25.34 -20.68
CA VAL D 105 -7.32 -25.31 -22.15
C VAL D 105 -8.43 -24.49 -22.79
N ASP D 106 -9.65 -24.57 -22.25
CA ASP D 106 -10.75 -23.81 -22.82
C ASP D 106 -10.53 -22.34 -22.63
N LEU D 107 -10.02 -21.96 -21.46
CA LEU D 107 -9.72 -20.57 -21.14
C LEU D 107 -8.63 -20.07 -22.08
N LEU D 108 -7.59 -20.88 -22.30
CA LEU D 108 -6.51 -20.49 -23.20
C LEU D 108 -7.12 -20.24 -24.55
N ASN D 109 -7.83 -21.22 -25.07
CA ASN D 109 -8.48 -21.09 -26.38
C ASN D 109 -9.43 -19.90 -26.44
N ASP D 110 -10.16 -19.64 -25.34
CA ASP D 110 -11.09 -18.52 -25.29
C ASP D 110 -10.34 -17.24 -25.45
N ASN D 111 -9.08 -17.24 -24.99
CA ASN D 111 -8.24 -16.06 -25.06
C ASN D 111 -7.29 -15.99 -26.24
N GLY D 112 -7.50 -16.87 -27.23
CA GLY D 112 -6.67 -16.87 -28.41
C GLY D 112 -5.24 -17.34 -28.18
N ILE D 113 -5.01 -18.03 -27.07
CA ILE D 113 -3.68 -18.53 -26.74
C ILE D 113 -3.64 -20.02 -27.08
N GLU D 114 -2.76 -20.40 -27.99
CA GLU D 114 -2.60 -21.79 -28.41
C GLU D 114 -1.91 -22.69 -27.39
N PRO D 115 -2.61 -23.72 -26.88
CA PRO D 115 -1.98 -24.62 -25.91
C PRO D 115 -0.82 -25.38 -26.57
N PHE D 116 0.28 -25.54 -25.85
CA PHE D 116 1.43 -26.30 -26.34
C PHE D 116 1.60 -27.28 -25.20
N CYS D 117 1.05 -28.47 -25.38
CA CYS D 117 1.04 -29.50 -24.34
C CYS D 117 2.21 -30.47 -24.22
N THR D 118 2.82 -30.47 -23.04
CA THR D 118 3.93 -31.37 -22.71
C THR D 118 3.31 -32.51 -21.89
N LEU D 119 3.23 -33.70 -22.49
CA LEU D 119 2.63 -34.84 -21.80
C LEU D 119 3.44 -35.26 -20.59
N TYR D 120 4.75 -35.46 -20.79
CA TYR D 120 5.59 -35.89 -19.68
C TYR D 120 6.60 -34.86 -19.22
N HIS D 121 6.36 -34.35 -18.01
CA HIS D 121 7.30 -33.41 -17.44
C HIS D 121 7.78 -33.85 -16.06
N TRP D 122 8.24 -35.08 -16.01
CA TRP D 122 8.87 -35.72 -14.85
C TRP D 122 8.05 -36.26 -13.69
N ASP D 123 6.75 -35.99 -13.69
CA ASP D 123 5.90 -36.48 -12.60
C ASP D 123 5.32 -37.89 -12.78
N LEU D 124 6.21 -38.88 -12.83
CA LEU D 124 5.80 -40.28 -12.97
C LEU D 124 5.06 -40.70 -11.70
N PRO D 125 3.89 -41.35 -11.84
CA PRO D 125 3.14 -41.79 -10.68
C PRO D 125 4.02 -42.72 -9.84
N GLN D 126 4.04 -42.51 -8.53
CA GLN D 126 4.85 -43.30 -7.62
C GLN D 126 4.62 -44.81 -7.77
N ALA D 127 3.38 -45.18 -8.02
CA ALA D 127 2.97 -46.57 -8.17
C ALA D 127 3.78 -47.29 -9.23
N LEU D 128 4.02 -46.61 -10.34
CA LEU D 128 4.81 -47.17 -11.44
C LEU D 128 6.27 -47.26 -11.03
N GLN D 129 6.75 -46.27 -10.28
CA GLN D 129 8.13 -46.26 -9.83
C GLN D 129 8.34 -47.46 -8.93
N ASP D 130 7.34 -47.76 -8.12
CA ASP D 130 7.42 -48.90 -7.21
C ASP D 130 7.64 -50.19 -8.00
N ALA D 131 7.09 -50.24 -9.21
CA ALA D 131 7.25 -51.42 -10.07
C ALA D 131 8.50 -51.35 -10.93
N GLY D 132 9.35 -50.35 -10.70
CA GLY D 132 10.56 -50.21 -11.48
C GLY D 132 10.60 -48.94 -12.31
N GLY D 133 9.50 -48.21 -12.32
CA GLY D 133 9.45 -46.97 -13.08
C GLY D 133 9.80 -47.18 -14.52
N TRP D 134 10.54 -46.23 -15.09
CA TRP D 134 10.94 -46.30 -16.50
C TRP D 134 11.92 -47.42 -16.80
N GLY D 135 12.40 -48.09 -15.75
CA GLY D 135 13.31 -49.20 -15.96
C GLY D 135 12.52 -50.42 -16.37
N ASN D 136 11.20 -50.39 -16.17
CA ASN D 136 10.28 -51.48 -16.48
C ASN D 136 9.48 -51.18 -17.75
N ARG D 137 9.58 -52.05 -18.75
CA ARG D 137 8.85 -51.83 -20.01
C ARG D 137 7.34 -51.70 -19.85
N ARG D 138 6.81 -52.16 -18.73
CA ARG D 138 5.37 -52.05 -18.53
C ARG D 138 4.99 -50.57 -18.41
N THR D 139 5.94 -49.75 -17.98
CA THR D 139 5.69 -48.33 -17.84
C THR D 139 5.48 -47.68 -19.21
N ILE D 140 6.08 -48.27 -20.24
CA ILE D 140 5.89 -47.78 -21.60
C ILE D 140 4.40 -47.88 -21.93
N GLN D 141 3.78 -49.02 -21.62
CA GLN D 141 2.36 -49.29 -21.87
C GLN D 141 1.49 -48.32 -21.11
N ALA D 142 1.84 -48.07 -19.86
CA ALA D 142 1.10 -47.12 -19.02
C ALA D 142 1.17 -45.73 -19.66
N PHE D 143 2.34 -45.36 -20.17
CA PHE D 143 2.49 -44.06 -20.79
C PHE D 143 1.64 -43.93 -22.06
N VAL D 144 1.66 -44.95 -22.92
CA VAL D 144 0.87 -44.90 -24.14
C VAL D 144 -0.62 -44.73 -23.81
N GLN D 145 -1.10 -45.38 -22.75
CA GLN D 145 -2.48 -45.26 -22.32
C GLN D 145 -2.77 -43.80 -21.96
N PHE D 146 -1.87 -43.22 -21.16
CA PHE D 146 -1.92 -41.81 -20.73
C PHE D 146 -1.97 -40.88 -21.95
N ALA D 147 -1.05 -41.09 -22.88
CA ALA D 147 -0.98 -40.30 -24.11
C ALA D 147 -2.30 -40.39 -24.90
N GLU D 148 -2.78 -41.62 -25.10
CA GLU D 148 -4.02 -41.86 -25.83
C GLU D 148 -5.19 -41.10 -25.21
N THR D 149 -5.31 -41.19 -23.90
CA THR D 149 -6.38 -40.54 -23.16
C THR D 149 -6.39 -39.06 -23.43
N MET D 150 -5.21 -38.45 -23.40
CA MET D 150 -5.07 -37.02 -23.63
C MET D 150 -5.36 -36.67 -25.08
N PHE D 151 -4.89 -37.51 -26.00
CA PHE D 151 -5.10 -37.28 -27.42
C PHE D 151 -6.60 -37.31 -27.76
N ARG D 152 -7.31 -38.25 -27.16
CA ARG D 152 -8.74 -38.38 -27.41
C ARG D 152 -9.54 -37.31 -26.68
N GLU D 153 -9.20 -37.06 -25.43
CA GLU D 153 -9.89 -36.05 -24.65
C GLU D 153 -9.74 -34.63 -25.18
N PHE D 154 -8.53 -34.29 -25.62
CA PHE D 154 -8.28 -32.93 -26.08
C PHE D 154 -8.08 -32.80 -27.58
N HIS D 155 -8.58 -33.79 -28.31
CA HIS D 155 -8.44 -33.82 -29.75
C HIS D 155 -8.43 -32.48 -30.49
N GLY D 156 -9.54 -31.75 -30.50
CA GLY D 156 -9.51 -30.51 -31.27
C GLY D 156 -9.18 -29.23 -30.50
N LYS D 157 -8.72 -29.36 -29.26
CA LYS D 157 -8.43 -28.21 -28.42
C LYS D 157 -6.95 -27.86 -28.35
N ILE D 158 -6.10 -28.84 -28.62
CA ILE D 158 -4.65 -28.68 -28.57
C ILE D 158 -4.08 -29.03 -29.95
N GLN D 159 -3.20 -28.20 -30.48
CA GLN D 159 -2.61 -28.43 -31.78
C GLN D 159 -1.10 -28.65 -31.73
N HIS D 160 -0.50 -28.54 -30.56
CA HIS D 160 0.96 -28.72 -30.41
C HIS D 160 1.20 -29.62 -29.22
N TRP D 161 1.91 -30.72 -29.47
CA TRP D 161 2.15 -31.71 -28.43
C TRP D 161 3.61 -32.12 -28.35
N LEU D 162 4.07 -32.38 -27.13
CA LEU D 162 5.43 -32.85 -26.89
C LEU D 162 5.25 -34.06 -26.00
N THR D 163 5.92 -35.15 -26.36
CA THR D 163 5.83 -36.36 -25.56
C THR D 163 6.64 -36.19 -24.27
N PHE D 164 7.95 -36.02 -24.41
CA PHE D 164 8.85 -35.86 -23.27
C PHE D 164 9.58 -34.56 -23.24
N ASN D 165 9.82 -34.08 -22.03
CA ASN D 165 10.57 -32.86 -21.82
C ASN D 165 11.89 -33.23 -21.15
N GLU D 166 12.99 -32.92 -21.82
CA GLU D 166 14.35 -33.19 -21.35
C GLU D 166 14.67 -34.62 -20.99
N PRO D 167 14.78 -35.49 -22.00
CA PRO D 167 15.09 -36.90 -21.78
C PRO D 167 16.41 -37.10 -21.02
N TRP D 168 17.38 -36.21 -21.24
CA TRP D 168 18.66 -36.31 -20.54
C TRP D 168 18.47 -36.19 -19.02
N CYS D 169 17.67 -35.22 -18.59
CA CYS D 169 17.43 -35.02 -17.15
C CYS D 169 16.66 -36.22 -16.56
N ILE D 170 15.64 -36.66 -17.28
CA ILE D 170 14.79 -37.80 -16.87
C ILE D 170 15.64 -39.06 -16.68
N ALA D 171 16.55 -39.32 -17.62
CA ALA D 171 17.40 -40.51 -17.55
C ALA D 171 18.68 -40.38 -16.75
N PHE D 172 19.59 -39.55 -17.25
CA PHE D 172 20.90 -39.40 -16.61
C PHE D 172 20.96 -38.60 -15.32
N LEU D 173 20.37 -37.41 -15.30
CA LEU D 173 20.40 -36.58 -14.10
C LEU D 173 19.64 -37.23 -12.94
N SER D 174 18.59 -37.96 -13.28
CA SER D 174 17.76 -38.62 -12.29
C SER D 174 18.20 -40.02 -11.88
N ASN D 175 18.77 -40.77 -12.82
CA ASN D 175 19.16 -42.15 -12.54
C ASN D 175 20.65 -42.46 -12.51
N MET D 176 21.47 -41.52 -12.95
CA MET D 176 22.91 -41.75 -12.93
C MET D 176 23.54 -40.81 -11.90
N LEU D 177 23.09 -39.56 -11.91
CA LEU D 177 23.62 -38.55 -11.00
C LEU D 177 22.82 -38.40 -9.70
N GLY D 178 21.62 -38.99 -9.65
CA GLY D 178 20.79 -38.91 -8.46
C GLY D 178 20.30 -37.54 -8.01
N VAL D 179 20.41 -36.53 -8.87
CA VAL D 179 20.00 -35.18 -8.49
C VAL D 179 18.49 -34.93 -8.55
N HIS D 180 17.83 -35.54 -9.52
CA HIS D 180 16.40 -35.39 -9.69
C HIS D 180 15.70 -36.72 -9.42
N ALA D 181 14.40 -36.69 -9.13
CA ALA D 181 13.65 -37.91 -8.87
C ALA D 181 13.75 -38.86 -10.07
N PRO D 182 13.83 -40.20 -9.81
CA PRO D 182 13.81 -40.88 -8.51
C PRO D 182 15.11 -40.88 -7.69
N GLY D 183 16.12 -40.15 -8.15
CA GLY D 183 17.37 -40.04 -7.43
C GLY D 183 18.29 -41.25 -7.38
N LEU D 184 18.38 -42.01 -8.47
CA LEU D 184 19.24 -43.19 -8.48
C LEU D 184 20.62 -42.83 -9.06
N THR D 185 21.59 -43.71 -8.87
CA THR D 185 22.95 -43.50 -9.37
C THR D 185 23.48 -44.82 -9.97
N ASN D 186 22.95 -45.20 -11.10
CA ASN D 186 23.34 -46.43 -11.76
C ASN D 186 23.23 -46.19 -13.26
N LEU D 187 24.37 -46.28 -13.93
CA LEU D 187 24.48 -46.02 -15.37
C LEU D 187 23.52 -46.88 -16.17
N GLN D 188 23.49 -48.18 -15.86
CA GLN D 188 22.63 -49.09 -16.58
C GLN D 188 21.16 -48.70 -16.49
N THR D 189 20.67 -48.34 -15.29
CA THR D 189 19.26 -47.96 -15.16
C THR D 189 18.98 -46.66 -15.89
N ALA D 190 19.96 -45.77 -15.95
CA ALA D 190 19.80 -44.48 -16.65
C ALA D 190 19.62 -44.78 -18.13
N ILE D 191 20.42 -45.71 -18.63
CA ILE D 191 20.37 -46.14 -20.04
C ILE D 191 19.04 -46.84 -20.31
N ASP D 192 18.58 -47.65 -19.35
CA ASP D 192 17.31 -48.37 -19.49
C ASP D 192 16.18 -47.35 -19.58
N VAL D 193 16.20 -46.38 -18.66
CA VAL D 193 15.21 -45.32 -18.63
C VAL D 193 15.19 -44.54 -19.96
N GLY D 194 16.37 -44.16 -20.44
CA GLY D 194 16.46 -43.43 -21.68
C GLY D 194 15.89 -44.21 -22.86
N HIS D 195 16.18 -45.50 -22.92
CA HIS D 195 15.69 -46.34 -24.00
C HIS D 195 14.18 -46.56 -23.94
N HIS D 196 13.68 -46.81 -22.74
CA HIS D 196 12.25 -47.03 -22.56
C HIS D 196 11.42 -45.80 -22.84
N LEU D 197 11.93 -44.62 -22.48
CA LEU D 197 11.19 -43.40 -22.76
C LEU D 197 11.18 -43.15 -24.28
N LEU D 198 12.24 -43.56 -24.98
CA LEU D 198 12.30 -43.40 -26.43
C LEU D 198 11.26 -44.32 -27.09
N VAL D 199 11.10 -45.53 -26.56
CA VAL D 199 10.11 -46.47 -27.08
C VAL D 199 8.71 -45.91 -26.82
N ALA D 200 8.48 -45.42 -25.60
CA ALA D 200 7.19 -44.82 -25.21
C ALA D 200 6.86 -43.67 -26.17
N HIS D 201 7.87 -42.84 -26.45
CA HIS D 201 7.70 -41.72 -27.37
C HIS D 201 7.28 -42.20 -28.77
N GLY D 202 8.01 -43.17 -29.33
CA GLY D 202 7.67 -43.68 -30.66
C GLY D 202 6.26 -44.22 -30.75
N LEU D 203 5.87 -45.02 -29.76
CA LEU D 203 4.53 -45.59 -29.72
C LEU D 203 3.45 -44.52 -29.59
N SER D 204 3.70 -43.50 -28.77
CA SER D 204 2.74 -42.42 -28.59
C SER D 204 2.52 -41.63 -29.89
N VAL D 205 3.58 -41.42 -30.67
CA VAL D 205 3.47 -40.70 -31.94
C VAL D 205 2.59 -41.54 -32.88
N ARG D 206 2.81 -42.86 -32.87
CA ARG D 206 2.03 -43.81 -33.67
C ARG D 206 0.56 -43.64 -33.34
N ARG D 207 0.23 -43.76 -32.06
CA ARG D 207 -1.16 -43.59 -31.61
C ARG D 207 -1.72 -42.26 -32.08
N PHE D 208 -0.91 -41.20 -31.98
CA PHE D 208 -1.31 -39.86 -32.39
C PHE D 208 -1.75 -39.91 -33.83
N ARG D 209 -0.95 -40.57 -34.66
CA ARG D 209 -1.23 -40.68 -36.07
C ARG D 209 -2.45 -41.58 -36.34
N GLU D 210 -2.52 -42.71 -35.64
CA GLU D 210 -3.61 -43.66 -35.80
C GLU D 210 -4.94 -43.06 -35.38
N LEU D 211 -4.95 -42.31 -34.30
CA LEU D 211 -6.17 -41.68 -33.81
C LEU D 211 -6.58 -40.45 -34.63
N GLY D 212 -5.69 -39.98 -35.50
CA GLY D 212 -5.98 -38.80 -36.30
C GLY D 212 -6.10 -37.56 -35.43
N THR D 213 -5.34 -37.50 -34.35
CA THR D 213 -5.38 -36.37 -33.43
C THR D 213 -4.95 -35.05 -34.09
N SER D 214 -5.47 -33.94 -33.57
CA SER D 214 -5.15 -32.61 -34.09
C SER D 214 -3.76 -32.14 -33.80
N GLY D 215 -3.21 -31.40 -34.77
CA GLY D 215 -1.91 -30.80 -34.63
C GLY D 215 -0.66 -31.56 -34.99
N GLN D 216 0.43 -31.10 -34.39
CA GLN D 216 1.74 -31.65 -34.62
C GLN D 216 2.29 -32.19 -33.31
N ILE D 217 3.25 -33.10 -33.40
CA ILE D 217 3.80 -33.71 -32.21
C ILE D 217 5.30 -33.88 -32.35
N GLY D 218 6.00 -33.68 -31.23
CA GLY D 218 7.44 -33.83 -31.19
C GLY D 218 7.93 -34.15 -29.79
N ILE D 219 9.22 -33.95 -29.57
CA ILE D 219 9.85 -34.23 -28.27
C ILE D 219 10.71 -33.00 -27.96
N ALA D 220 10.95 -32.71 -26.69
CA ALA D 220 11.72 -31.52 -26.34
C ALA D 220 12.96 -31.76 -25.52
N PRO D 221 14.06 -32.16 -26.15
CA PRO D 221 15.29 -32.40 -25.39
C PRO D 221 15.98 -31.12 -24.91
N ASN D 222 16.65 -31.20 -23.75
CA ASN D 222 17.42 -30.05 -23.29
C ASN D 222 18.73 -30.18 -24.08
N VAL D 223 19.19 -29.06 -24.59
CA VAL D 223 20.37 -29.02 -25.41
C VAL D 223 21.62 -28.57 -24.65
N SER D 224 22.70 -29.27 -24.92
CA SER D 224 24.00 -29.00 -24.30
C SER D 224 24.94 -28.44 -25.38
N TRP D 225 25.90 -27.61 -24.98
CA TRP D 225 26.88 -27.07 -25.92
C TRP D 225 28.18 -26.83 -25.19
N ALA D 226 29.22 -27.49 -25.67
CA ALA D 226 30.54 -27.38 -25.06
C ALA D 226 31.54 -27.14 -26.14
N VAL D 227 32.50 -26.26 -25.84
CA VAL D 227 33.58 -25.88 -26.75
C VAL D 227 34.88 -26.33 -26.05
N PRO D 228 35.86 -26.88 -26.81
CA PRO D 228 37.10 -27.32 -26.15
C PRO D 228 38.08 -26.25 -25.69
N TYR D 229 38.70 -26.49 -24.54
CA TYR D 229 39.69 -25.57 -23.99
C TYR D 229 40.92 -25.52 -24.89
N SER D 230 41.48 -26.68 -25.20
CA SER D 230 42.62 -26.75 -26.07
C SER D 230 42.18 -27.34 -27.40
N THR D 231 43.08 -27.35 -28.35
CA THR D 231 42.79 -27.89 -29.67
C THR D 231 43.05 -29.41 -29.72
N SER D 232 43.27 -30.03 -28.55
CA SER D 232 43.57 -31.46 -28.52
C SER D 232 42.40 -32.34 -28.93
N GLU D 233 42.71 -33.52 -29.44
CA GLU D 233 41.69 -34.47 -29.87
C GLU D 233 40.89 -34.95 -28.66
N GLU D 234 41.55 -35.08 -27.52
CA GLU D 234 40.87 -35.52 -26.32
C GLU D 234 39.87 -34.48 -25.77
N ASP D 235 40.21 -33.20 -25.83
CA ASP D 235 39.28 -32.16 -25.36
C ASP D 235 38.10 -32.11 -26.32
N LYS D 236 38.42 -32.30 -27.60
CA LYS D 236 37.41 -32.31 -28.64
C LYS D 236 36.42 -33.45 -28.40
N ALA D 237 36.95 -34.61 -28.03
CA ALA D 237 36.14 -35.80 -27.76
C ALA D 237 35.27 -35.59 -26.52
N ALA D 238 35.87 -35.01 -25.48
CA ALA D 238 35.17 -34.73 -24.23
C ALA D 238 33.94 -33.86 -24.52
N CYS D 239 34.09 -32.88 -25.42
CA CYS D 239 32.98 -32.01 -25.78
C CYS D 239 31.94 -32.74 -26.61
N ALA D 240 32.37 -33.67 -27.47
CA ALA D 240 31.44 -34.44 -28.28
C ALA D 240 30.56 -35.29 -27.35
N ARG D 241 31.16 -35.89 -26.33
CA ARG D 241 30.41 -36.69 -25.37
C ARG D 241 29.35 -35.85 -24.63
N THR D 242 29.78 -34.70 -24.15
CA THR D 242 28.92 -33.77 -23.43
C THR D 242 27.73 -33.33 -24.29
N ILE D 243 28.03 -32.94 -25.51
CA ILE D 243 27.01 -32.48 -26.44
C ILE D 243 26.08 -33.60 -26.86
N SER D 244 26.66 -34.71 -27.30
CA SER D 244 25.91 -35.85 -27.77
C SER D 244 24.99 -36.57 -26.80
N LEU D 245 25.36 -36.65 -25.52
CA LEU D 245 24.50 -37.35 -24.58
C LEU D 245 23.17 -36.64 -24.36
N HIS D 246 23.19 -35.32 -24.40
CA HIS D 246 21.99 -34.51 -24.21
C HIS D 246 21.05 -34.58 -25.41
N SER D 247 21.62 -34.41 -26.60
CA SER D 247 20.80 -34.40 -27.79
C SER D 247 20.89 -35.63 -28.68
N ASP D 248 22.06 -35.88 -29.28
CA ASP D 248 22.22 -37.02 -30.19
C ASP D 248 21.80 -38.37 -29.63
N TRP D 249 22.01 -38.55 -28.33
CA TRP D 249 21.63 -39.81 -27.74
C TRP D 249 20.16 -40.10 -27.92
N PHE D 250 19.36 -39.06 -27.97
CA PHE D 250 17.92 -39.22 -28.15
C PHE D 250 17.48 -38.90 -29.56
N LEU D 251 18.16 -37.98 -30.23
CA LEU D 251 17.79 -37.58 -31.58
C LEU D 251 18.27 -38.51 -32.68
N GLN D 252 19.40 -39.17 -32.47
CA GLN D 252 19.88 -40.06 -33.51
C GLN D 252 18.96 -41.27 -33.68
N PRO D 253 18.49 -41.87 -32.57
CA PRO D 253 17.58 -43.02 -32.73
C PRO D 253 16.30 -42.55 -33.44
N ILE D 254 15.83 -41.37 -33.05
CA ILE D 254 14.61 -40.81 -33.63
C ILE D 254 14.74 -40.49 -35.10
N TYR D 255 15.80 -39.80 -35.48
CA TYR D 255 15.99 -39.40 -36.87
C TYR D 255 16.81 -40.34 -37.73
N GLN D 256 17.72 -41.09 -37.14
CA GLN D 256 18.55 -41.94 -37.96
C GLN D 256 18.51 -43.43 -37.65
N GLY D 257 17.72 -43.80 -36.65
CA GLY D 257 17.58 -45.19 -36.31
C GLY D 257 18.71 -45.86 -35.54
N SER D 258 19.53 -45.10 -34.84
CA SER D 258 20.63 -45.70 -34.07
C SER D 258 21.12 -44.76 -32.99
N TYR D 259 21.77 -45.33 -31.98
CA TYR D 259 22.35 -44.54 -30.90
C TYR D 259 23.76 -44.16 -31.35
N PRO D 260 24.29 -43.02 -30.85
CA PRO D 260 25.64 -42.58 -31.23
C PRO D 260 26.64 -43.68 -30.84
N GLN D 261 27.22 -44.31 -31.86
CA GLN D 261 28.16 -45.40 -31.62
C GLN D 261 29.26 -45.11 -30.62
N PHE D 262 29.91 -43.95 -30.73
CA PHE D 262 30.98 -43.64 -29.80
C PHE D 262 30.50 -43.60 -28.35
N LEU D 263 29.24 -43.25 -28.14
CA LEU D 263 28.70 -43.23 -26.78
C LEU D 263 28.29 -44.63 -26.38
N VAL D 264 27.89 -45.43 -27.37
CA VAL D 264 27.53 -46.82 -27.10
C VAL D 264 28.82 -47.51 -26.63
N ASP D 265 29.92 -47.23 -27.32
CA ASP D 265 31.20 -47.82 -26.98
C ASP D 265 31.67 -47.34 -25.61
N TRP D 266 31.50 -46.05 -25.35
CA TRP D 266 31.91 -45.43 -24.09
C TRP D 266 31.25 -46.14 -22.92
N PHE D 267 29.92 -46.26 -22.98
CA PHE D 267 29.15 -46.91 -21.92
C PHE D 267 29.46 -48.40 -21.84
N ALA D 268 29.74 -49.02 -22.98
CA ALA D 268 30.11 -50.42 -22.99
C ALA D 268 31.39 -50.57 -22.16
N GLU D 269 32.31 -49.62 -22.29
CA GLU D 269 33.57 -49.64 -21.54
C GLU D 269 33.27 -49.63 -20.06
N GLN D 270 32.14 -49.03 -19.69
CA GLN D 270 31.74 -48.93 -18.30
C GLN D 270 30.78 -50.05 -17.89
N GLY D 271 30.65 -51.05 -18.76
CA GLY D 271 29.81 -52.20 -18.48
C GLY D 271 28.30 -52.04 -18.64
N ALA D 272 27.86 -51.03 -19.37
CA ALA D 272 26.44 -50.82 -19.55
C ALA D 272 26.11 -50.96 -21.04
N THR D 273 24.97 -51.57 -21.33
CA THR D 273 24.53 -51.77 -22.70
C THR D 273 23.06 -51.43 -22.82
N VAL D 274 22.67 -50.90 -23.97
CA VAL D 274 21.29 -50.51 -24.19
C VAL D 274 20.43 -51.76 -24.39
N PRO D 275 19.32 -51.86 -23.65
CA PRO D 275 18.41 -53.02 -23.75
C PRO D 275 17.51 -52.93 -24.99
N ILE D 276 18.13 -52.99 -26.16
CA ILE D 276 17.39 -52.90 -27.41
C ILE D 276 16.78 -54.24 -27.84
N GLN D 277 15.46 -54.27 -27.96
CA GLN D 277 14.75 -55.46 -28.41
C GLN D 277 14.48 -55.27 -29.90
N ASP D 278 14.20 -56.36 -30.59
CA ASP D 278 13.90 -56.29 -32.02
C ASP D 278 12.70 -55.37 -32.23
N GLY D 279 12.84 -54.49 -33.23
CA GLY D 279 11.85 -53.46 -33.65
C GLY D 279 11.75 -52.25 -32.76
N ASP D 280 12.54 -52.22 -31.69
CA ASP D 280 12.54 -51.06 -30.81
C ASP D 280 13.00 -49.86 -31.64
N MET D 281 14.13 -50.01 -32.34
CA MET D 281 14.65 -48.92 -33.15
C MET D 281 13.67 -48.44 -34.23
N ASP D 282 12.90 -49.35 -34.81
CA ASP D 282 11.92 -48.98 -35.83
C ASP D 282 10.80 -48.19 -35.22
N ILE D 283 10.40 -48.58 -34.01
CA ILE D 283 9.33 -47.87 -33.30
C ILE D 283 9.79 -46.44 -32.95
N ILE D 284 11.02 -46.33 -32.45
CA ILE D 284 11.62 -45.05 -32.06
C ILE D 284 11.76 -44.11 -33.26
N GLY D 285 12.01 -44.68 -34.43
CA GLY D 285 12.16 -43.88 -35.63
C GLY D 285 10.89 -43.29 -36.23
N GLU D 286 9.78 -43.38 -35.50
CA GLU D 286 8.51 -42.86 -35.96
C GLU D 286 8.66 -41.36 -36.31
N PRO D 287 8.32 -40.96 -37.55
CA PRO D 287 8.44 -39.57 -38.00
C PRO D 287 7.77 -38.57 -37.08
N ILE D 288 8.48 -37.50 -36.72
CA ILE D 288 7.91 -36.46 -35.85
C ILE D 288 7.82 -35.13 -36.59
N ASP D 289 6.89 -34.28 -36.16
CA ASP D 289 6.64 -33.01 -36.81
C ASP D 289 7.62 -31.90 -36.53
N MET D 290 8.21 -31.93 -35.34
CA MET D 290 9.17 -30.91 -34.92
C MET D 290 9.78 -31.32 -33.61
N ILE D 291 10.67 -30.50 -33.09
CA ILE D 291 11.26 -30.76 -31.80
C ILE D 291 11.30 -29.43 -31.03
N GLY D 292 11.30 -29.56 -29.72
CA GLY D 292 11.42 -28.41 -28.87
C GLY D 292 12.87 -28.50 -28.43
N ILE D 293 13.50 -27.35 -28.24
CA ILE D 293 14.89 -27.27 -27.80
C ILE D 293 14.94 -26.41 -26.52
N ASN D 294 15.53 -26.94 -25.46
CA ASN D 294 15.67 -26.19 -24.20
C ASN D 294 17.11 -25.76 -24.05
N TYR D 295 17.36 -24.46 -24.04
CA TYR D 295 18.71 -23.95 -23.94
C TYR D 295 18.89 -22.89 -22.86
N TYR D 296 19.97 -23.00 -22.11
CA TYR D 296 20.24 -22.05 -21.03
C TYR D 296 21.65 -21.52 -20.99
N SER D 297 22.60 -22.42 -21.17
CA SER D 297 23.99 -22.07 -21.06
C SER D 297 24.88 -22.84 -22.04
N MET D 298 26.16 -22.52 -21.98
CA MET D 298 27.18 -23.07 -22.85
C MET D 298 28.43 -23.19 -21.99
N SER D 299 29.33 -24.12 -22.32
CA SER D 299 30.53 -24.28 -21.53
C SER D 299 31.78 -24.54 -22.36
N VAL D 300 32.94 -24.41 -21.71
CA VAL D 300 34.24 -24.68 -22.33
C VAL D 300 34.73 -25.86 -21.49
N ASN D 301 34.96 -26.99 -22.15
CA ASN D 301 35.37 -28.21 -21.46
C ASN D 301 36.70 -28.74 -21.89
N ARG D 302 37.23 -29.63 -21.06
CA ARG D 302 38.49 -30.31 -21.35
C ARG D 302 38.38 -31.75 -20.85
N PHE D 303 39.16 -32.65 -21.45
CA PHE D 303 39.16 -34.01 -21.01
C PHE D 303 39.76 -34.10 -19.60
N ASN D 304 39.14 -34.88 -18.75
CA ASN D 304 39.63 -35.10 -17.38
C ASN D 304 39.05 -36.42 -16.93
N PRO D 305 39.91 -37.43 -16.75
CA PRO D 305 39.53 -38.79 -16.31
C PRO D 305 38.78 -38.84 -15.01
N GLU D 306 38.93 -37.82 -14.17
CA GLU D 306 38.24 -37.75 -12.89
C GLU D 306 36.95 -36.93 -13.00
N ALA D 307 36.69 -36.37 -14.17
CA ALA D 307 35.52 -35.54 -14.34
C ALA D 307 34.19 -36.23 -14.66
N GLY D 308 33.76 -37.10 -13.76
CA GLY D 308 32.49 -37.79 -13.96
C GLY D 308 32.47 -38.89 -14.98
N PHE D 309 31.29 -39.45 -15.23
CA PHE D 309 31.15 -40.55 -16.17
C PHE D 309 31.50 -40.23 -17.61
N LEU D 310 31.49 -38.95 -17.97
CA LEU D 310 31.85 -38.56 -19.33
C LEU D 310 33.27 -38.03 -19.40
N GLN D 311 33.93 -37.92 -18.24
CA GLN D 311 35.31 -37.43 -18.16
C GLN D 311 35.49 -36.16 -18.98
N SER D 312 34.58 -35.23 -18.75
CA SER D 312 34.56 -33.94 -19.42
C SER D 312 34.43 -32.89 -18.32
N GLU D 313 35.46 -32.09 -18.15
CA GLU D 313 35.50 -31.05 -17.13
C GLU D 313 35.17 -29.68 -17.70
N GLU D 314 34.29 -28.97 -17.01
CA GLU D 314 33.91 -27.64 -17.42
C GLU D 314 34.87 -26.64 -16.76
N ILE D 315 35.42 -25.73 -17.55
CA ILE D 315 36.36 -24.74 -17.06
C ILE D 315 35.61 -23.48 -16.67
N ASN D 316 35.94 -22.93 -15.51
CA ASN D 316 35.34 -21.68 -15.08
C ASN D 316 36.17 -20.58 -15.79
N MET D 317 35.62 -20.06 -16.88
CA MET D 317 36.28 -19.05 -17.71
C MET D 317 36.20 -17.62 -17.16
N GLY D 318 35.61 -17.45 -15.98
CA GLY D 318 35.50 -16.13 -15.41
C GLY D 318 34.30 -15.32 -15.90
N LEU D 319 33.48 -15.89 -16.79
CA LEU D 319 32.29 -15.18 -17.30
C LEU D 319 31.28 -14.94 -16.22
N PRO D 320 30.53 -13.82 -16.31
CA PRO D 320 29.49 -13.47 -15.35
C PRO D 320 28.43 -14.57 -15.37
N VAL D 321 27.82 -14.84 -14.23
CA VAL D 321 26.81 -15.88 -14.11
C VAL D 321 25.47 -15.37 -13.61
N THR D 322 24.44 -16.17 -13.84
CA THR D 322 23.10 -15.86 -13.36
C THR D 322 23.10 -16.21 -11.87
N ASP D 323 21.99 -15.95 -11.20
CA ASP D 323 21.90 -16.24 -9.77
C ASP D 323 21.93 -17.71 -9.36
N ILE D 324 21.80 -18.61 -10.32
CA ILE D 324 21.89 -20.06 -10.04
C ILE D 324 23.32 -20.52 -10.39
N GLY D 325 24.12 -19.58 -10.90
CA GLY D 325 25.51 -19.85 -11.21
C GLY D 325 25.85 -20.24 -12.62
N TRP D 326 24.93 -20.08 -13.56
CA TRP D 326 25.23 -20.45 -14.94
C TRP D 326 25.77 -19.25 -15.69
N PRO D 327 26.84 -19.43 -16.45
CA PRO D 327 27.40 -18.30 -17.21
C PRO D 327 26.49 -18.01 -18.41
N VAL D 328 26.35 -16.75 -18.77
CA VAL D 328 25.53 -16.45 -19.93
C VAL D 328 26.44 -16.25 -21.14
N GLU D 329 26.15 -16.99 -22.21
CA GLU D 329 26.90 -16.93 -23.46
C GLU D 329 25.91 -17.45 -24.49
N SER D 330 25.16 -16.53 -25.08
CA SER D 330 24.12 -16.85 -26.05
C SER D 330 24.53 -17.49 -27.36
N ARG D 331 25.78 -17.27 -27.79
CA ARG D 331 26.28 -17.86 -29.05
C ARG D 331 26.01 -19.37 -29.06
N GLY D 332 26.02 -19.98 -27.86
CA GLY D 332 25.77 -21.40 -27.74
C GLY D 332 24.48 -21.82 -28.40
N LEU D 333 23.46 -20.97 -28.34
CA LEU D 333 22.16 -21.26 -28.97
C LEU D 333 22.32 -21.28 -30.49
N TYR D 334 23.00 -20.28 -31.04
CA TYR D 334 23.28 -20.20 -32.47
C TYR D 334 24.01 -21.48 -32.91
N GLU D 335 25.03 -21.86 -32.15
CA GLU D 335 25.83 -23.04 -32.43
C GLU D 335 25.06 -24.37 -32.45
N VAL D 336 24.30 -24.70 -31.40
CA VAL D 336 23.52 -25.96 -31.40
C VAL D 336 22.49 -25.99 -32.49
N LEU D 337 21.80 -24.88 -32.74
CA LEU D 337 20.80 -24.85 -33.79
C LEU D 337 21.44 -25.24 -35.12
N HIS D 338 22.64 -24.73 -35.38
CA HIS D 338 23.33 -25.08 -36.62
C HIS D 338 23.82 -26.52 -36.57
N TYR D 339 24.22 -26.95 -35.40
CA TYR D 339 24.70 -28.30 -35.19
C TYR D 339 23.58 -29.33 -35.44
N LEU D 340 22.38 -29.00 -35.00
CA LEU D 340 21.24 -29.88 -35.16
C LEU D 340 20.81 -30.05 -36.60
N GLN D 341 21.38 -29.26 -37.50
CA GLN D 341 21.03 -29.35 -38.92
C GLN D 341 21.49 -30.68 -39.50
N LYS D 342 22.22 -31.44 -38.70
CA LYS D 342 22.68 -32.76 -39.12
C LYS D 342 21.47 -33.68 -39.32
N TYR D 343 20.33 -33.31 -38.72
CA TYR D 343 19.08 -34.07 -38.83
C TYR D 343 18.15 -33.50 -39.89
N GLY D 344 18.65 -32.50 -40.61
CA GLY D 344 17.85 -31.87 -41.63
C GLY D 344 17.41 -30.54 -41.06
N ASN D 345 16.83 -29.68 -41.90
CA ASN D 345 16.35 -28.38 -41.48
C ASN D 345 14.96 -28.60 -40.93
N ILE D 346 14.91 -29.29 -39.80
CA ILE D 346 13.67 -29.61 -39.12
C ILE D 346 13.05 -28.41 -38.42
N ASP D 347 11.78 -28.51 -38.09
CA ASP D 347 11.11 -27.43 -37.38
C ASP D 347 11.55 -27.48 -35.93
N ILE D 348 11.99 -26.34 -35.41
CA ILE D 348 12.45 -26.25 -34.04
C ILE D 348 11.78 -25.11 -33.31
N TYR D 349 11.36 -25.38 -32.09
CA TYR D 349 10.76 -24.37 -31.23
C TYR D 349 11.68 -24.29 -30.02
N ILE D 350 12.03 -23.09 -29.60
CA ILE D 350 12.88 -22.95 -28.41
C ILE D 350 11.80 -23.04 -27.33
N THR D 351 11.55 -24.24 -26.84
CA THR D 351 10.52 -24.47 -25.83
C THR D 351 10.87 -23.95 -24.43
N GLU D 352 12.14 -23.65 -24.21
CA GLU D 352 12.60 -23.08 -22.94
C GLU D 352 13.89 -22.30 -23.10
N ASN D 353 13.93 -21.13 -22.48
CA ASN D 353 15.11 -20.28 -22.45
C ASN D 353 14.82 -19.20 -21.42
N GLY D 354 15.69 -19.10 -20.42
CA GLY D 354 15.48 -18.11 -19.37
C GLY D 354 16.68 -18.02 -18.43
N ALA D 355 16.56 -17.19 -17.40
CA ALA D 355 17.65 -17.02 -16.46
C ALA D 355 17.18 -16.94 -15.03
N CYS D 356 17.99 -17.46 -14.13
CA CYS D 356 17.66 -17.35 -12.72
C CYS D 356 18.18 -15.98 -12.26
N ILE D 357 17.26 -15.06 -11.99
CA ILE D 357 17.58 -13.72 -11.53
C ILE D 357 16.64 -13.55 -10.36
N ASN D 358 17.19 -13.52 -9.16
CA ASN D 358 16.41 -13.45 -7.93
C ASN D 358 15.88 -12.11 -7.41
N ASP D 359 15.85 -11.08 -8.23
CA ASP D 359 15.34 -9.78 -7.82
C ASP D 359 13.93 -9.93 -7.25
N GLU D 360 13.64 -9.16 -6.21
CA GLU D 360 12.35 -9.18 -5.54
C GLU D 360 11.61 -7.87 -5.78
N VAL D 361 10.40 -7.79 -5.23
CA VAL D 361 9.57 -6.60 -5.37
C VAL D 361 10.12 -5.49 -4.46
N VAL D 362 10.47 -4.37 -5.08
CA VAL D 362 10.99 -3.19 -4.36
C VAL D 362 10.28 -1.99 -5.00
N ASN D 363 9.61 -1.18 -4.19
CA ASN D 363 8.91 0.00 -4.73
C ASN D 363 7.80 -0.47 -5.69
N GLY D 364 7.21 -1.61 -5.38
CA GLY D 364 6.14 -2.15 -6.21
C GLY D 364 6.53 -2.77 -7.54
N LYS D 365 7.82 -2.88 -7.83
CA LYS D 365 8.24 -3.46 -9.09
C LYS D 365 9.42 -4.39 -8.89
N VAL D 366 9.71 -5.17 -9.92
CA VAL D 366 10.84 -6.10 -9.88
C VAL D 366 11.73 -5.65 -11.02
N GLN D 367 12.82 -4.99 -10.65
CA GLN D 367 13.75 -4.43 -11.61
C GLN D 367 14.76 -5.47 -12.11
N ASP D 368 14.25 -6.51 -12.77
CA ASP D 368 15.10 -7.57 -13.29
C ASP D 368 15.77 -7.26 -14.64
N ASP D 369 16.63 -6.24 -14.64
CA ASP D 369 17.36 -5.82 -15.83
C ASP D 369 18.22 -6.93 -16.40
N ARG D 370 18.74 -7.77 -15.53
CA ARG D 370 19.59 -8.87 -15.97
C ARG D 370 18.83 -9.94 -16.75
N ARG D 371 17.53 -10.10 -16.49
CA ARG D 371 16.75 -11.08 -17.24
C ARG D 371 16.45 -10.50 -18.61
N ILE D 372 16.18 -9.21 -18.67
CA ILE D 372 15.90 -8.53 -19.94
C ILE D 372 17.17 -8.66 -20.78
N SER D 373 18.32 -8.46 -20.13
CA SER D 373 19.61 -8.53 -20.81
C SER D 373 19.84 -9.92 -21.38
N TYR D 374 19.66 -10.93 -20.53
CA TYR D 374 19.82 -12.32 -20.95
C TYR D 374 18.90 -12.66 -22.15
N MET D 375 17.61 -12.36 -22.02
CA MET D 375 16.66 -12.66 -23.08
C MET D 375 16.96 -11.99 -24.40
N GLN D 376 17.33 -10.73 -24.30
CA GLN D 376 17.69 -9.90 -25.43
C GLN D 376 18.82 -10.54 -26.25
N GLN D 377 19.86 -11.00 -25.56
CA GLN D 377 20.98 -11.64 -26.21
C GLN D 377 20.61 -12.94 -26.90
N HIS D 378 19.72 -13.70 -26.26
CA HIS D 378 19.30 -14.98 -26.82
C HIS D 378 18.35 -14.82 -27.98
N LEU D 379 17.49 -13.81 -27.93
CA LEU D 379 16.54 -13.54 -29.00
C LEU D 379 17.28 -13.08 -30.24
N VAL D 380 18.43 -12.42 -30.05
CA VAL D 380 19.25 -11.99 -31.19
C VAL D 380 19.72 -13.25 -31.91
N GLN D 381 20.17 -14.24 -31.15
CA GLN D 381 20.63 -15.50 -31.75
C GLN D 381 19.49 -16.19 -32.50
N VAL D 382 18.28 -16.14 -31.95
CA VAL D 382 17.11 -16.75 -32.60
C VAL D 382 16.91 -16.13 -33.97
N HIS D 383 16.89 -14.79 -34.01
CA HIS D 383 16.73 -14.04 -35.25
C HIS D 383 17.85 -14.41 -36.24
N ARG D 384 19.05 -14.49 -35.71
CA ARG D 384 20.24 -14.84 -36.46
C ARG D 384 20.09 -16.18 -37.17
N THR D 385 19.57 -17.20 -36.49
CA THR D 385 19.39 -18.52 -37.11
C THR D 385 18.30 -18.49 -38.18
N ILE D 386 17.24 -17.72 -37.91
CA ILE D 386 16.14 -17.58 -38.86
C ILE D 386 16.69 -16.92 -40.12
N HIS D 387 17.51 -15.90 -39.93
CA HIS D 387 18.14 -15.16 -41.02
C HIS D 387 19.10 -16.10 -41.80
N ASP D 388 19.57 -17.16 -41.15
CA ASP D 388 20.43 -18.15 -41.80
C ASP D 388 19.61 -19.22 -42.48
N GLY D 389 18.29 -19.08 -42.45
CA GLY D 389 17.43 -20.05 -43.11
C GLY D 389 16.96 -21.26 -42.30
N LEU D 390 17.31 -21.32 -41.03
CA LEU D 390 16.89 -22.43 -40.20
C LEU D 390 15.43 -22.23 -39.81
N HIS D 391 14.70 -23.34 -39.75
CA HIS D 391 13.27 -23.30 -39.42
C HIS D 391 12.97 -23.22 -37.92
N VAL D 392 13.39 -22.14 -37.27
CA VAL D 392 13.12 -21.96 -35.85
C VAL D 392 11.78 -21.24 -35.86
N LYS D 393 10.76 -21.94 -35.38
CA LYS D 393 9.38 -21.50 -35.41
C LYS D 393 8.83 -20.69 -34.25
N GLY D 394 9.48 -20.73 -33.10
CA GLY D 394 8.96 -19.99 -31.97
C GLY D 394 9.89 -19.99 -30.78
N TYR D 395 9.50 -19.23 -29.76
CA TYR D 395 10.30 -19.08 -28.54
C TYR D 395 9.38 -18.97 -27.32
N MET D 396 9.71 -19.75 -26.29
CA MET D 396 8.95 -19.77 -25.04
C MET D 396 9.86 -19.47 -23.90
N ALA D 397 9.62 -18.33 -23.25
CA ALA D 397 10.43 -17.87 -22.13
C ALA D 397 10.30 -18.85 -20.97
N TRP D 398 11.40 -19.39 -20.47
CA TRP D 398 11.24 -20.29 -19.36
C TRP D 398 10.82 -19.54 -18.14
N SER D 399 9.56 -19.79 -17.90
CA SER D 399 8.72 -19.35 -16.86
C SER D 399 7.99 -18.06 -16.77
N LEU D 400 6.69 -18.27 -16.87
CA LEU D 400 5.69 -17.25 -16.77
C LEU D 400 5.80 -16.79 -15.32
N LEU D 401 5.98 -17.76 -14.43
CA LEU D 401 6.00 -17.51 -13.00
C LEU D 401 7.19 -18.08 -12.26
N ASP D 402 7.57 -17.41 -11.18
CA ASP D 402 8.63 -17.94 -10.33
C ASP D 402 7.99 -19.22 -9.79
N ASN D 403 8.76 -20.30 -9.69
CA ASN D 403 8.12 -21.54 -9.24
C ASN D 403 9.02 -22.47 -8.45
N PHE D 404 8.53 -23.68 -8.19
CA PHE D 404 9.31 -24.68 -7.47
C PHE D 404 10.36 -25.15 -8.45
N GLU D 405 11.59 -24.76 -8.20
CA GLU D 405 12.70 -25.08 -9.06
C GLU D 405 13.47 -26.37 -8.80
N TRP D 406 12.81 -27.52 -8.85
CA TRP D 406 13.42 -28.85 -8.63
C TRP D 406 14.75 -28.88 -7.90
N ALA D 407 14.83 -29.43 -6.70
CA ALA D 407 16.12 -29.51 -5.98
C ALA D 407 16.63 -28.19 -5.47
N GLU D 408 16.38 -27.10 -6.20
CA GLU D 408 16.75 -25.76 -5.76
C GLU D 408 15.62 -25.19 -4.89
N GLY D 409 14.42 -25.75 -5.02
CA GLY D 409 13.29 -25.26 -4.25
C GLY D 409 12.80 -23.95 -4.82
N TYR D 410 12.25 -23.08 -3.97
CA TYR D 410 11.74 -21.78 -4.43
C TYR D 410 12.81 -20.71 -4.39
N ASN D 411 14.01 -21.11 -3.99
CA ASN D 411 15.16 -20.25 -3.87
C ASN D 411 15.66 -19.63 -5.18
N MET D 412 15.43 -20.32 -6.29
CA MET D 412 15.89 -19.85 -7.60
C MET D 412 14.75 -19.40 -8.51
N ARG D 413 14.61 -18.09 -8.69
CA ARG D 413 13.56 -17.50 -9.53
C ARG D 413 13.87 -17.34 -11.02
N PHE D 414 13.03 -17.95 -11.87
CA PHE D 414 13.18 -17.89 -13.32
C PHE D 414 12.03 -17.15 -13.99
N GLY D 415 11.05 -16.72 -13.21
CA GLY D 415 9.89 -16.10 -13.80
C GLY D 415 9.92 -14.69 -14.30
N MET D 416 8.99 -14.40 -15.20
CA MET D 416 8.83 -13.05 -15.71
C MET D 416 7.77 -12.38 -14.87
N ILE D 417 7.09 -13.19 -14.07
CA ILE D 417 6.07 -12.72 -13.14
C ILE D 417 6.51 -13.22 -11.77
N HIS D 418 6.70 -12.28 -10.85
CA HIS D 418 7.12 -12.62 -9.49
C HIS D 418 5.95 -13.19 -8.72
N VAL D 419 6.21 -14.23 -7.94
CA VAL D 419 5.19 -14.83 -7.10
C VAL D 419 5.70 -14.81 -5.66
N ASP D 420 4.97 -14.12 -4.79
CA ASP D 420 5.33 -14.10 -3.39
C ASP D 420 4.65 -15.36 -2.84
N PHE D 421 5.44 -16.40 -2.61
CA PHE D 421 4.92 -17.66 -2.10
C PHE D 421 4.22 -17.60 -0.74
N ARG D 422 4.22 -16.43 -0.12
CA ARG D 422 3.56 -16.29 1.17
C ARG D 422 2.13 -15.83 0.99
N THR D 423 1.88 -15.15 -0.12
CA THR D 423 0.57 -14.59 -0.39
C THR D 423 0.00 -15.06 -1.71
N GLN D 424 0.85 -15.67 -2.54
CA GLN D 424 0.49 -16.14 -3.88
C GLN D 424 0.26 -14.97 -4.81
N VAL D 425 0.58 -13.76 -4.33
CA VAL D 425 0.44 -12.54 -5.10
C VAL D 425 1.40 -12.51 -6.30
N ARG D 426 0.86 -12.24 -7.48
CA ARG D 426 1.64 -12.15 -8.71
C ARG D 426 2.04 -10.70 -9.00
N THR D 427 3.31 -10.46 -9.35
CA THR D 427 3.78 -9.12 -9.67
C THR D 427 4.62 -9.19 -10.94
N PRO D 428 4.04 -8.83 -12.09
CA PRO D 428 4.78 -8.87 -13.36
C PRO D 428 6.08 -8.07 -13.22
N LYS D 429 7.19 -8.69 -13.60
CA LYS D 429 8.49 -8.06 -13.52
C LYS D 429 8.73 -7.08 -14.66
N GLU D 430 9.82 -6.31 -14.60
CA GLU D 430 10.08 -5.37 -15.67
C GLU D 430 10.33 -6.10 -16.99
N SER D 431 10.79 -7.34 -16.89
CA SER D 431 11.05 -8.18 -18.07
C SER D 431 9.74 -8.56 -18.74
N TYR D 432 8.68 -8.66 -17.95
CA TYR D 432 7.36 -8.99 -18.47
C TYR D 432 6.93 -7.87 -19.44
N TYR D 433 7.04 -6.63 -19.01
CA TYR D 433 6.62 -5.49 -19.82
C TYR D 433 7.49 -5.32 -21.04
N TRP D 434 8.76 -5.66 -20.88
CA TRP D 434 9.71 -5.58 -21.98
C TRP D 434 9.33 -6.66 -22.98
N TYR D 435 9.09 -7.87 -22.49
CA TYR D 435 8.71 -8.98 -23.36
C TYR D 435 7.40 -8.66 -24.09
N ARG D 436 6.43 -8.10 -23.37
CA ARG D 436 5.14 -7.73 -23.95
C ARG D 436 5.36 -6.87 -25.21
N ASN D 437 6.28 -5.91 -25.14
CA ASN D 437 6.58 -5.05 -26.28
C ASN D 437 7.21 -5.80 -27.43
N VAL D 438 8.16 -6.69 -27.12
CA VAL D 438 8.81 -7.49 -28.15
C VAL D 438 7.81 -8.40 -28.86
N VAL D 439 7.02 -9.16 -28.10
CA VAL D 439 6.07 -10.10 -28.69
C VAL D 439 4.92 -9.40 -29.40
N SER D 440 4.55 -8.22 -28.93
CA SER D 440 3.47 -7.48 -29.57
C SER D 440 3.95 -6.76 -30.83
N ASN D 441 5.15 -6.19 -30.79
CA ASN D 441 5.69 -5.50 -31.97
C ASN D 441 6.22 -6.51 -32.98
N ASN D 442 6.66 -7.65 -32.49
CA ASN D 442 7.21 -8.71 -33.33
C ASN D 442 8.58 -8.37 -33.89
N TRP D 443 9.26 -7.45 -33.22
CA TRP D 443 10.63 -7.07 -33.56
C TRP D 443 11.31 -6.66 -32.28
N LEU D 444 12.62 -6.84 -32.24
CA LEU D 444 13.44 -6.50 -31.09
C LEU D 444 14.45 -5.44 -31.50
N GLU D 445 14.87 -4.61 -30.54
CA GLU D 445 15.87 -3.58 -30.78
C GLU D 445 16.89 -3.54 -29.64
N THR D 446 18.16 -3.68 -29.97
CA THR D 446 19.22 -3.60 -28.98
C THR D 446 19.71 -2.15 -29.09
N ARG D 447 19.94 -1.48 -27.97
CA ARG D 447 20.40 -0.10 -27.96
C ARG D 447 21.52 0.04 -26.95
N ARG D 448 22.32 1.09 -27.07
CA ARG D 448 23.42 1.32 -26.14
C ARG D 448 22.93 2.16 -24.96
#